data_5CB3
# 
_entry.id   5CB3 
# 
_audit_conform.dict_name       mmcif_pdbx.dic 
_audit_conform.dict_version    5.380 
_audit_conform.dict_location   http://mmcif.pdb.org/dictionaries/ascii/mmcif_pdbx.dic 
# 
loop_
_database_2.database_id 
_database_2.database_code 
_database_2.pdbx_database_accession 
_database_2.pdbx_DOI 
PDB   5CB3         pdb_00005cb3 10.2210/pdb5cb3/pdb 
WWPDB D_1000211329 ?            ?                   
# 
_pdbx_database_related.content_type   unspecified 
_pdbx_database_related.db_id          5CB5 
_pdbx_database_related.db_name        PDB 
_pdbx_database_related.details        . 
# 
_pdbx_database_status.status_code                     REL 
_pdbx_database_status.status_code_sf                  REL 
_pdbx_database_status.status_code_mr                  ? 
_pdbx_database_status.entry_id                        5CB3 
_pdbx_database_status.recvd_initial_deposition_date   2015-06-30 
_pdbx_database_status.SG_entry                        N 
_pdbx_database_status.deposit_site                    RCSB 
_pdbx_database_status.process_site                    PDBJ 
_pdbx_database_status.status_code_cs                  ? 
_pdbx_database_status.methods_development_category    ? 
_pdbx_database_status.pdb_format_compatible           Y 
_pdbx_database_status.status_code_nmr_data            ? 
# 
loop_
_audit_author.name 
_audit_author.pdbx_ordinal 
'Zhang, W.' 1 
'Wang, C.'  2 
'Song, Y.'  3 
'Shao, C.'  4 
'Zhang, X.' 5 
'Zang, J.'  6 
# 
_citation.abstract                  ? 
_citation.abstract_id_CAS           ? 
_citation.book_id_ISBN              ? 
_citation.book_publisher            ? 
_citation.book_publisher_city       ? 
_citation.book_title                ? 
_citation.coordinate_linkage        ? 
_citation.country                   US 
_citation.database_id_Medline       ? 
_citation.details                   ? 
_citation.id                        primary 
_citation.journal_abbrev            J.Struct.Biol. 
_citation.journal_id_ASTM           JSBIEM 
_citation.journal_id_CSD            0803 
_citation.journal_id_ISSN           1095-8657 
_citation.journal_full              ? 
_citation.journal_issue             ? 
_citation.journal_volume            192 
_citation.language                  ? 
_citation.page_first                478 
_citation.page_last                 486 
_citation.title                     
;Structural insights into the mechanism of Escherichia coli YmdB: A 2'-O-acetyl-ADP-ribose deacetylase
;
_citation.year                      2015 
_citation.database_id_CSD           ? 
_citation.pdbx_database_id_DOI      10.1016/j.jsb.2015.10.010 
_citation.pdbx_database_id_PubMed   26481419 
_citation.unpublished_flag          ? 
# 
loop_
_citation_author.citation_id 
_citation_author.name 
_citation_author.ordinal 
_citation_author.identifier_ORCID 
primary 'Zhang, W.' 1 ? 
primary 'Wang, C.'  2 ? 
primary 'Song, Y.'  3 ? 
primary 'Shao, C.'  4 ? 
primary 'Zhang, X.' 5 ? 
primary 'Zang, J.'  6 ? 
# 
_cell.angle_alpha                  90.00 
_cell.angle_alpha_esd              ? 
_cell.angle_beta                   103.23 
_cell.angle_beta_esd               ? 
_cell.angle_gamma                  90.00 
_cell.angle_gamma_esd              ? 
_cell.entry_id                     5CB3 
_cell.details                      ? 
_cell.formula_units_Z              ? 
_cell.length_a                     59.902 
_cell.length_a_esd                 ? 
_cell.length_b                     42.059 
_cell.length_b_esd                 ? 
_cell.length_c                     70.346 
_cell.length_c_esd                 ? 
_cell.volume                       ? 
_cell.volume_esd                   ? 
_cell.Z_PDB                        4 
_cell.reciprocal_angle_alpha       ? 
_cell.reciprocal_angle_beta        ? 
_cell.reciprocal_angle_gamma       ? 
_cell.reciprocal_angle_alpha_esd   ? 
_cell.reciprocal_angle_beta_esd    ? 
_cell.reciprocal_angle_gamma_esd   ? 
_cell.reciprocal_length_a          ? 
_cell.reciprocal_length_b          ? 
_cell.reciprocal_length_c          ? 
_cell.reciprocal_length_a_esd      ? 
_cell.reciprocal_length_b_esd      ? 
_cell.reciprocal_length_c_esd      ? 
_cell.pdbx_unique_axis             ? 
# 
_symmetry.entry_id                         5CB3 
_symmetry.cell_setting                     ? 
_symmetry.Int_Tables_number                5 
_symmetry.space_group_name_Hall            ? 
_symmetry.space_group_name_H-M             'C 1 2 1' 
_symmetry.pdbx_full_space_group_name_H-M   ? 
# 
loop_
_entity.id 
_entity.type 
_entity.src_method 
_entity.pdbx_description 
_entity.formula_weight 
_entity.pdbx_number_of_molecules 
_entity.pdbx_ec 
_entity.pdbx_mutation 
_entity.pdbx_fragment 
_entity.details 
1 polymer     man 'O-acetyl-ADP-ribose deacetylase' 19728.211 1   3.5.1.- ? ? ? 
2 non-polymer syn ADENOSINE-5-DIPHOSPHORIBOSE       559.316   1   ?       ? ? ? 
3 water       nat water                             18.015    137 ?       ? ? ? 
# 
_entity_name_com.entity_id   1 
_entity_name_com.name        'Regulator of RNase III activity' 
# 
_entity_poly.entity_id                      1 
_entity_poly.type                           'polypeptide(L)' 
_entity_poly.nstd_linkage                   no 
_entity_poly.nstd_monomer                   no 
_entity_poly.pdbx_seq_one_letter_code       
;HHHHHHMKTRIHVVQGDITKLAVDVIVNAANPSLMGGGGVDGAIHRAAGPALLDACLKVRQQQGDCPTGHAVITLAGDLP
AKAVVHTVGPVWRGGEQNEDQLLQDAYLNSLRLVAANSYTSVAFPAISTGVYGYPRAAAAEIAVKTVSEFITRHALPEQV
YFVCYDEENAHLYERLLTQQGDE
;
_entity_poly.pdbx_seq_one_letter_code_can   
;HHHHHHMKTRIHVVQGDITKLAVDVIVNAANPSLMGGGGVDGAIHRAAGPALLDACLKVRQQQGDCPTGHAVITLAGDLP
AKAVVHTVGPVWRGGEQNEDQLLQDAYLNSLRLVAANSYTSVAFPAISTGVYGYPRAAAAEIAVKTVSEFITRHALPEQV
YFVCYDEENAHLYERLLTQQGDE
;
_entity_poly.pdbx_strand_id                 A 
_entity_poly.pdbx_target_identifier         ? 
# 
loop_
_entity_poly_seq.entity_id 
_entity_poly_seq.num 
_entity_poly_seq.mon_id 
_entity_poly_seq.hetero 
1 1   HIS n 
1 2   HIS n 
1 3   HIS n 
1 4   HIS n 
1 5   HIS n 
1 6   HIS n 
1 7   MET n 
1 8   LYS n 
1 9   THR n 
1 10  ARG n 
1 11  ILE n 
1 12  HIS n 
1 13  VAL n 
1 14  VAL n 
1 15  GLN n 
1 16  GLY n 
1 17  ASP n 
1 18  ILE n 
1 19  THR n 
1 20  LYS n 
1 21  LEU n 
1 22  ALA n 
1 23  VAL n 
1 24  ASP n 
1 25  VAL n 
1 26  ILE n 
1 27  VAL n 
1 28  ASN n 
1 29  ALA n 
1 30  ALA n 
1 31  ASN n 
1 32  PRO n 
1 33  SER n 
1 34  LEU n 
1 35  MET n 
1 36  GLY n 
1 37  GLY n 
1 38  GLY n 
1 39  GLY n 
1 40  VAL n 
1 41  ASP n 
1 42  GLY n 
1 43  ALA n 
1 44  ILE n 
1 45  HIS n 
1 46  ARG n 
1 47  ALA n 
1 48  ALA n 
1 49  GLY n 
1 50  PRO n 
1 51  ALA n 
1 52  LEU n 
1 53  LEU n 
1 54  ASP n 
1 55  ALA n 
1 56  CYS n 
1 57  LEU n 
1 58  LYS n 
1 59  VAL n 
1 60  ARG n 
1 61  GLN n 
1 62  GLN n 
1 63  GLN n 
1 64  GLY n 
1 65  ASP n 
1 66  CYS n 
1 67  PRO n 
1 68  THR n 
1 69  GLY n 
1 70  HIS n 
1 71  ALA n 
1 72  VAL n 
1 73  ILE n 
1 74  THR n 
1 75  LEU n 
1 76  ALA n 
1 77  GLY n 
1 78  ASP n 
1 79  LEU n 
1 80  PRO n 
1 81  ALA n 
1 82  LYS n 
1 83  ALA n 
1 84  VAL n 
1 85  VAL n 
1 86  HIS n 
1 87  THR n 
1 88  VAL n 
1 89  GLY n 
1 90  PRO n 
1 91  VAL n 
1 92  TRP n 
1 93  ARG n 
1 94  GLY n 
1 95  GLY n 
1 96  GLU n 
1 97  GLN n 
1 98  ASN n 
1 99  GLU n 
1 100 ASP n 
1 101 GLN n 
1 102 LEU n 
1 103 LEU n 
1 104 GLN n 
1 105 ASP n 
1 106 ALA n 
1 107 TYR n 
1 108 LEU n 
1 109 ASN n 
1 110 SER n 
1 111 LEU n 
1 112 ARG n 
1 113 LEU n 
1 114 VAL n 
1 115 ALA n 
1 116 ALA n 
1 117 ASN n 
1 118 SER n 
1 119 TYR n 
1 120 THR n 
1 121 SER n 
1 122 VAL n 
1 123 ALA n 
1 124 PHE n 
1 125 PRO n 
1 126 ALA n 
1 127 ILE n 
1 128 SER n 
1 129 THR n 
1 130 GLY n 
1 131 VAL n 
1 132 TYR n 
1 133 GLY n 
1 134 TYR n 
1 135 PRO n 
1 136 ARG n 
1 137 ALA n 
1 138 ALA n 
1 139 ALA n 
1 140 ALA n 
1 141 GLU n 
1 142 ILE n 
1 143 ALA n 
1 144 VAL n 
1 145 LYS n 
1 146 THR n 
1 147 VAL n 
1 148 SER n 
1 149 GLU n 
1 150 PHE n 
1 151 ILE n 
1 152 THR n 
1 153 ARG n 
1 154 HIS n 
1 155 ALA n 
1 156 LEU n 
1 157 PRO n 
1 158 GLU n 
1 159 GLN n 
1 160 VAL n 
1 161 TYR n 
1 162 PHE n 
1 163 VAL n 
1 164 CYS n 
1 165 TYR n 
1 166 ASP n 
1 167 GLU n 
1 168 GLU n 
1 169 ASN n 
1 170 ALA n 
1 171 HIS n 
1 172 LEU n 
1 173 TYR n 
1 174 GLU n 
1 175 ARG n 
1 176 LEU n 
1 177 LEU n 
1 178 THR n 
1 179 GLN n 
1 180 GLN n 
1 181 GLY n 
1 182 ASP n 
1 183 GLU n 
# 
_entity_src_gen.entity_id                          1 
_entity_src_gen.pdbx_src_id                        1 
_entity_src_gen.pdbx_alt_source_flag               sample 
_entity_src_gen.pdbx_seq_type                      'Biological sequence' 
_entity_src_gen.pdbx_beg_seq_num                   1 
_entity_src_gen.pdbx_end_seq_num                   183 
_entity_src_gen.gene_src_common_name               ? 
_entity_src_gen.gene_src_genus                     ? 
_entity_src_gen.pdbx_gene_src_gene                 ymdB 
_entity_src_gen.gene_src_species                   ? 
_entity_src_gen.gene_src_strain                    K12 
_entity_src_gen.gene_src_tissue                    ? 
_entity_src_gen.gene_src_tissue_fraction           ? 
_entity_src_gen.gene_src_details                   ? 
_entity_src_gen.pdbx_gene_src_fragment             ? 
_entity_src_gen.pdbx_gene_src_scientific_name      'Escherichia coli K12' 
_entity_src_gen.pdbx_gene_src_ncbi_taxonomy_id     83333 
_entity_src_gen.pdbx_gene_src_variant              ? 
_entity_src_gen.pdbx_gene_src_cell_line            ? 
_entity_src_gen.pdbx_gene_src_atcc                 ? 
_entity_src_gen.pdbx_gene_src_organ                ? 
_entity_src_gen.pdbx_gene_src_organelle            ? 
_entity_src_gen.pdbx_gene_src_cell                 ? 
_entity_src_gen.pdbx_gene_src_cellular_location    ? 
_entity_src_gen.host_org_common_name               ? 
_entity_src_gen.pdbx_host_org_scientific_name      'Escherichia coli' 
_entity_src_gen.pdbx_host_org_ncbi_taxonomy_id     562 
_entity_src_gen.host_org_genus                     ? 
_entity_src_gen.pdbx_host_org_gene                 ? 
_entity_src_gen.pdbx_host_org_organ                ? 
_entity_src_gen.host_org_species                   ? 
_entity_src_gen.pdbx_host_org_tissue               ? 
_entity_src_gen.pdbx_host_org_tissue_fraction      ? 
_entity_src_gen.pdbx_host_org_strain               ? 
_entity_src_gen.pdbx_host_org_variant              ? 
_entity_src_gen.pdbx_host_org_cell_line            ? 
_entity_src_gen.pdbx_host_org_atcc                 ? 
_entity_src_gen.pdbx_host_org_culture_collection   ? 
_entity_src_gen.pdbx_host_org_cell                 ? 
_entity_src_gen.pdbx_host_org_organelle            ? 
_entity_src_gen.pdbx_host_org_cellular_location    ? 
_entity_src_gen.pdbx_host_org_vector_type          ? 
_entity_src_gen.pdbx_host_org_vector               ? 
_entity_src_gen.host_org_details                   ? 
_entity_src_gen.expression_system_id               ? 
_entity_src_gen.plasmid_name                       ? 
_entity_src_gen.plasmid_details                    ? 
_entity_src_gen.pdbx_description                   ? 
# 
_struct_ref.id                         1 
_struct_ref.db_name                    UNP 
_struct_ref.db_code                    YMDB_ECOLI 
_struct_ref.pdbx_db_accession          P0A8D6 
_struct_ref.pdbx_db_isoform            ? 
_struct_ref.entity_id                  1 
_struct_ref.pdbx_seq_one_letter_code   
;MKTRIHVVQGDITKLAVDVIVNAANPSLMGGGGVDGAIHRAAGPALLDACLKVRQQQGDCPTGHAVITLAGDLPAKAVVH
TVGPVWRGGEQNEDQLLQDAYLNSLRLVAANSYTSVAFPAISTGVYGYPRAAAAEIAVKTVSEFITRHALPEQVYFVCYD
EENAHLYERLLTQQGDE
;
_struct_ref.pdbx_align_begin           1 
# 
_struct_ref_seq.align_id                      1 
_struct_ref_seq.ref_id                        1 
_struct_ref_seq.pdbx_PDB_id_code              5CB3 
_struct_ref_seq.pdbx_strand_id                A 
_struct_ref_seq.seq_align_beg                 7 
_struct_ref_seq.pdbx_seq_align_beg_ins_code   ? 
_struct_ref_seq.seq_align_end                 183 
_struct_ref_seq.pdbx_seq_align_end_ins_code   ? 
_struct_ref_seq.pdbx_db_accession             P0A8D6 
_struct_ref_seq.db_align_beg                  1 
_struct_ref_seq.pdbx_db_align_beg_ins_code    ? 
_struct_ref_seq.db_align_end                  177 
_struct_ref_seq.pdbx_db_align_end_ins_code    ? 
_struct_ref_seq.pdbx_auth_seq_align_beg       1 
_struct_ref_seq.pdbx_auth_seq_align_end       177 
# 
loop_
_struct_ref_seq_dif.align_id 
_struct_ref_seq_dif.pdbx_pdb_id_code 
_struct_ref_seq_dif.mon_id 
_struct_ref_seq_dif.pdbx_pdb_strand_id 
_struct_ref_seq_dif.seq_num 
_struct_ref_seq_dif.pdbx_pdb_ins_code 
_struct_ref_seq_dif.pdbx_seq_db_name 
_struct_ref_seq_dif.pdbx_seq_db_accession_code 
_struct_ref_seq_dif.db_mon_id 
_struct_ref_seq_dif.pdbx_seq_db_seq_num 
_struct_ref_seq_dif.details 
_struct_ref_seq_dif.pdbx_auth_seq_num 
_struct_ref_seq_dif.pdbx_ordinal 
1 5CB3 HIS A 1 ? UNP P0A8D6 ? ? 'expression tag' -5 1 
1 5CB3 HIS A 2 ? UNP P0A8D6 ? ? 'expression tag' -4 2 
1 5CB3 HIS A 3 ? UNP P0A8D6 ? ? 'expression tag' -3 3 
1 5CB3 HIS A 4 ? UNP P0A8D6 ? ? 'expression tag' -2 4 
1 5CB3 HIS A 5 ? UNP P0A8D6 ? ? 'expression tag' -1 5 
1 5CB3 HIS A 6 ? UNP P0A8D6 ? ? 'expression tag' 0  6 
# 
loop_
_chem_comp.id 
_chem_comp.type 
_chem_comp.mon_nstd_flag 
_chem_comp.name 
_chem_comp.pdbx_synonyms 
_chem_comp.formula 
_chem_comp.formula_weight 
ALA 'L-peptide linking' y ALANINE                     ? 'C3 H7 N O2'        89.093  
APR non-polymer         . ADENOSINE-5-DIPHOSPHORIBOSE ? 'C15 H23 N5 O14 P2' 559.316 
ARG 'L-peptide linking' y ARGININE                    ? 'C6 H15 N4 O2 1'    175.209 
ASN 'L-peptide linking' y ASPARAGINE                  ? 'C4 H8 N2 O3'       132.118 
ASP 'L-peptide linking' y 'ASPARTIC ACID'             ? 'C4 H7 N O4'        133.103 
CYS 'L-peptide linking' y CYSTEINE                    ? 'C3 H7 N O2 S'      121.158 
GLN 'L-peptide linking' y GLUTAMINE                   ? 'C5 H10 N2 O3'      146.144 
GLU 'L-peptide linking' y 'GLUTAMIC ACID'             ? 'C5 H9 N O4'        147.129 
GLY 'peptide linking'   y GLYCINE                     ? 'C2 H5 N O2'        75.067  
HIS 'L-peptide linking' y HISTIDINE                   ? 'C6 H10 N3 O2 1'    156.162 
HOH non-polymer         . WATER                       ? 'H2 O'              18.015  
ILE 'L-peptide linking' y ISOLEUCINE                  ? 'C6 H13 N O2'       131.173 
LEU 'L-peptide linking' y LEUCINE                     ? 'C6 H13 N O2'       131.173 
LYS 'L-peptide linking' y LYSINE                      ? 'C6 H15 N2 O2 1'    147.195 
MET 'L-peptide linking' y METHIONINE                  ? 'C5 H11 N O2 S'     149.211 
PHE 'L-peptide linking' y PHENYLALANINE               ? 'C9 H11 N O2'       165.189 
PRO 'L-peptide linking' y PROLINE                     ? 'C5 H9 N O2'        115.130 
SER 'L-peptide linking' y SERINE                      ? 'C3 H7 N O3'        105.093 
THR 'L-peptide linking' y THREONINE                   ? 'C4 H9 N O3'        119.119 
TRP 'L-peptide linking' y TRYPTOPHAN                  ? 'C11 H12 N2 O2'     204.225 
TYR 'L-peptide linking' y TYROSINE                    ? 'C9 H11 N O3'       181.189 
VAL 'L-peptide linking' y VALINE                      ? 'C5 H11 N O2'       117.146 
# 
_exptl.absorpt_coefficient_mu     ? 
_exptl.absorpt_correction_T_max   ? 
_exptl.absorpt_correction_T_min   ? 
_exptl.absorpt_correction_type    ? 
_exptl.absorpt_process_details    ? 
_exptl.entry_id                   5CB3 
_exptl.crystals_number            ? 
_exptl.details                    ? 
_exptl.method                     'X-RAY DIFFRACTION' 
_exptl.method_details             ? 
# 
_exptl_crystal.colour                      ? 
_exptl_crystal.density_diffrn              ? 
_exptl_crystal.density_Matthews            2.19 
_exptl_crystal.density_method              ? 
_exptl_crystal.density_percent_sol         43.74 
_exptl_crystal.description                 ? 
_exptl_crystal.F_000                       ? 
_exptl_crystal.id                          1 
_exptl_crystal.preparation                 ? 
_exptl_crystal.size_max                    ? 
_exptl_crystal.size_mid                    ? 
_exptl_crystal.size_min                    ? 
_exptl_crystal.size_rad                    ? 
_exptl_crystal.colour_lustre               ? 
_exptl_crystal.colour_modifier             ? 
_exptl_crystal.colour_primary              ? 
_exptl_crystal.density_meas                ? 
_exptl_crystal.density_meas_esd            ? 
_exptl_crystal.density_meas_gt             ? 
_exptl_crystal.density_meas_lt             ? 
_exptl_crystal.density_meas_temp           ? 
_exptl_crystal.density_meas_temp_esd       ? 
_exptl_crystal.density_meas_temp_gt        ? 
_exptl_crystal.density_meas_temp_lt        ? 
_exptl_crystal.pdbx_crystal_image_url      ? 
_exptl_crystal.pdbx_crystal_image_format   ? 
_exptl_crystal.pdbx_mosaicity              ? 
_exptl_crystal.pdbx_mosaicity_esd          ? 
# 
_exptl_crystal_grow.apparatus       ? 
_exptl_crystal_grow.atmosphere      ? 
_exptl_crystal_grow.crystal_id      1 
_exptl_crystal_grow.details         ? 
_exptl_crystal_grow.method          'VAPOR DIFFUSION, SITTING DROP' 
_exptl_crystal_grow.method_ref      ? 
_exptl_crystal_grow.pH              ? 
_exptl_crystal_grow.pressure        ? 
_exptl_crystal_grow.pressure_esd    ? 
_exptl_crystal_grow.seeding         ? 
_exptl_crystal_grow.seeding_ref     ? 
_exptl_crystal_grow.temp            285 
_exptl_crystal_grow.temp_details    ? 
_exptl_crystal_grow.temp_esd        ? 
_exptl_crystal_grow.time            ? 
_exptl_crystal_grow.pdbx_details    '0.2 M potassium sodium tartrate tetrahydrate, 20%(w/v) polyethylene glycol 3350' 
_exptl_crystal_grow.pdbx_pH_range   ? 
# 
_diffrn.ambient_environment    ? 
_diffrn.ambient_temp           100 
_diffrn.ambient_temp_details   ? 
_diffrn.ambient_temp_esd       ? 
_diffrn.crystal_id             1 
_diffrn.crystal_support        ? 
_diffrn.crystal_treatment      ? 
_diffrn.details                ? 
_diffrn.id                     1 
_diffrn.ambient_pressure       ? 
_diffrn.ambient_pressure_esd   ? 
_diffrn.ambient_pressure_gt    ? 
_diffrn.ambient_pressure_lt    ? 
_diffrn.ambient_temp_gt        ? 
_diffrn.ambient_temp_lt        ? 
# 
_diffrn_detector.details                      ? 
_diffrn_detector.detector                     CCD 
_diffrn_detector.diffrn_id                    1 
_diffrn_detector.type                         'ADSC QUANTUM 315r' 
_diffrn_detector.area_resol_mean              ? 
_diffrn_detector.dtime                        ? 
_diffrn_detector.pdbx_frames_total            ? 
_diffrn_detector.pdbx_collection_time_total   ? 
_diffrn_detector.pdbx_collection_date         2014-01-06 
# 
_diffrn_radiation.collimation                      ? 
_diffrn_radiation.diffrn_id                        1 
_diffrn_radiation.filter_edge                      ? 
_diffrn_radiation.inhomogeneity                    ? 
_diffrn_radiation.monochromator                    ? 
_diffrn_radiation.polarisn_norm                    ? 
_diffrn_radiation.polarisn_ratio                   ? 
_diffrn_radiation.probe                            ? 
_diffrn_radiation.type                             ? 
_diffrn_radiation.xray_symbol                      ? 
_diffrn_radiation.wavelength_id                    1 
_diffrn_radiation.pdbx_monochromatic_or_laue_m_l   M 
_diffrn_radiation.pdbx_wavelength_list             ? 
_diffrn_radiation.pdbx_wavelength                  ? 
_diffrn_radiation.pdbx_diffrn_protocol             'SINGLE WAVELENGTH' 
_diffrn_radiation.pdbx_analyzer                    ? 
_diffrn_radiation.pdbx_scattering_type             x-ray 
# 
_diffrn_radiation_wavelength.id           1 
_diffrn_radiation_wavelength.wavelength   0.9791 
_diffrn_radiation_wavelength.wt           1.0 
# 
_diffrn_source.current                     ? 
_diffrn_source.details                     ? 
_diffrn_source.diffrn_id                   1 
_diffrn_source.power                       ? 
_diffrn_source.size                        ? 
_diffrn_source.source                      SYNCHROTRON 
_diffrn_source.target                      ? 
_diffrn_source.type                        'SSRF BEAMLINE BL17U' 
_diffrn_source.voltage                     ? 
_diffrn_source.take-off_angle              ? 
_diffrn_source.pdbx_wavelength_list        0.9791 
_diffrn_source.pdbx_wavelength             ? 
_diffrn_source.pdbx_synchrotron_beamline   BL17U 
_diffrn_source.pdbx_synchrotron_site       SSRF 
# 
_reflns.B_iso_Wilson_estimate            ? 
_reflns.entry_id                         5CB3 
_reflns.data_reduction_details           ? 
_reflns.data_reduction_method            ? 
_reflns.d_resolution_high                1.8 
_reflns.d_resolution_low                 50 
_reflns.details                          ? 
_reflns.limit_h_max                      ? 
_reflns.limit_h_min                      ? 
_reflns.limit_k_max                      ? 
_reflns.limit_k_min                      ? 
_reflns.limit_l_max                      ? 
_reflns.limit_l_min                      ? 
_reflns.number_all                       ? 
_reflns.number_obs                       15827 
_reflns.observed_criterion               ? 
_reflns.observed_criterion_F_max         ? 
_reflns.observed_criterion_F_min         ? 
_reflns.observed_criterion_I_max         ? 
_reflns.observed_criterion_I_min         ? 
_reflns.observed_criterion_sigma_F       ? 
_reflns.observed_criterion_sigma_I       ? 
_reflns.percent_possible_obs             99 
_reflns.R_free_details                   ? 
_reflns.Rmerge_F_all                     ? 
_reflns.Rmerge_F_obs                     ? 
_reflns.Friedel_coverage                 ? 
_reflns.number_gt                        ? 
_reflns.threshold_expression             ? 
_reflns.pdbx_redundancy                  4.2 
_reflns.pdbx_Rmerge_I_obs                0.064 
_reflns.pdbx_Rmerge_I_all                ? 
_reflns.pdbx_Rsym_value                  ? 
_reflns.pdbx_netI_over_av_sigmaI         ? 
_reflns.pdbx_netI_over_sigmaI            37 
_reflns.pdbx_res_netI_over_av_sigmaI_2   ? 
_reflns.pdbx_res_netI_over_sigmaI_2      ? 
_reflns.pdbx_chi_squared                 ? 
_reflns.pdbx_scaling_rejects             ? 
_reflns.pdbx_d_res_high_opt              ? 
_reflns.pdbx_d_res_low_opt               ? 
_reflns.pdbx_d_res_opt_method            ? 
_reflns.phase_calculation_details        ? 
_reflns.pdbx_Rrim_I_all                  ? 
_reflns.pdbx_Rpim_I_all                  ? 
_reflns.pdbx_d_opt                       ? 
_reflns.pdbx_number_measured_all         ? 
_reflns.pdbx_diffrn_id                   1 
_reflns.pdbx_ordinal                     1 
_reflns.pdbx_CC_half                     ? 
_reflns.pdbx_R_split                     ? 
# 
_reflns_shell.Rmerge_F_all                ? 
_reflns_shell.Rmerge_F_gt                 ? 
_reflns_shell.Rmerge_F_obs                ? 
_reflns_shell.Rmerge_I_all                ? 
_reflns_shell.Rmerge_I_gt                 ? 
_reflns_shell.Rmerge_I_obs                0.256 
_reflns_shell.d_res_high                  1.8 
_reflns_shell.d_res_low                   1.83 
_reflns_shell.meanI_over_sigI_all         ? 
_reflns_shell.meanI_over_sigI_gt          ? 
_reflns_shell.meanI_over_sigI_obs         7.3 
_reflns_shell.meanI_over_uI_all           ? 
_reflns_shell.meanI_over_uI_gt            ? 
_reflns_shell.number_measured_all         ? 
_reflns_shell.number_measured_gt          ? 
_reflns_shell.number_measured_obs         ? 
_reflns_shell.number_possible             ? 
_reflns_shell.number_unique_all           ? 
_reflns_shell.number_unique_gt            ? 
_reflns_shell.number_unique_obs           ? 
_reflns_shell.pdbx_CC_half                ? 
_reflns_shell.pdbx_R_split                ? 
_reflns_shell.pdbx_Rpim_I_all             ? 
_reflns_shell.pdbx_Rrim_I_all             ? 
_reflns_shell.pdbx_Rsym_value             ? 
_reflns_shell.pdbx_chi_squared            ? 
_reflns_shell.pdbx_diffrn_id              1 
_reflns_shell.pdbx_netI_over_sigmaI_all   ? 
_reflns_shell.pdbx_netI_over_sigmaI_obs   ? 
_reflns_shell.pdbx_ordinal                1 
_reflns_shell.pdbx_redundancy             4.3 
_reflns_shell.pdbx_rejects                ? 
_reflns_shell.percent_possible_all        99.4 
_reflns_shell.percent_possible_gt         ? 
_reflns_shell.percent_possible_obs        ? 
# 
_refine.aniso_B[1][1]                            -0.60 
_refine.aniso_B[1][2]                            -0.00 
_refine.aniso_B[1][3]                            -0.27 
_refine.aniso_B[2][2]                            0.61 
_refine.aniso_B[2][3]                            0.00 
_refine.aniso_B[3][3]                            0.05 
_refine.B_iso_max                                ? 
_refine.B_iso_mean                               26.363 
_refine.B_iso_min                                ? 
_refine.correlation_coeff_Fo_to_Fc               0.959 
_refine.correlation_coeff_Fo_to_Fc_free          0.943 
_refine.details                                  'HYDROGENS HAVE BEEN ADDED IN THE RIDING POSITIONS' 
_refine.diff_density_max                         ? 
_refine.diff_density_max_esd                     ? 
_refine.diff_density_min                         ? 
_refine.diff_density_min_esd                     ? 
_refine.diff_density_rms                         ? 
_refine.diff_density_rms_esd                     ? 
_refine.entry_id                                 5CB3 
_refine.pdbx_refine_id                           'X-RAY DIFFRACTION' 
_refine.ls_abs_structure_details                 ? 
_refine.ls_abs_structure_Flack                   ? 
_refine.ls_abs_structure_Flack_esd               ? 
_refine.ls_abs_structure_Rogers                  ? 
_refine.ls_abs_structure_Rogers_esd              ? 
_refine.ls_d_res_high                            1.80 
_refine.ls_d_res_low                             29.04 
_refine.ls_extinction_coef                       ? 
_refine.ls_extinction_coef_esd                   ? 
_refine.ls_extinction_expression                 ? 
_refine.ls_extinction_method                     ? 
_refine.ls_goodness_of_fit_all                   ? 
_refine.ls_goodness_of_fit_all_esd               ? 
_refine.ls_goodness_of_fit_obs                   ? 
_refine.ls_goodness_of_fit_obs_esd               ? 
_refine.ls_hydrogen_treatment                    ? 
_refine.ls_matrix_type                           ? 
_refine.ls_number_constraints                    ? 
_refine.ls_number_parameters                     ? 
_refine.ls_number_reflns_all                     ? 
_refine.ls_number_reflns_obs                     15038 
_refine.ls_number_reflns_R_free                  791 
_refine.ls_number_reflns_R_work                  ? 
_refine.ls_number_restraints                     ? 
_refine.ls_percent_reflns_obs                    98.88 
_refine.ls_percent_reflns_R_free                 5.0 
_refine.ls_R_factor_all                          ? 
_refine.ls_R_factor_obs                          0.18930 
_refine.ls_R_factor_R_free                       0.21726 
_refine.ls_R_factor_R_free_error                 ? 
_refine.ls_R_factor_R_free_error_details         ? 
_refine.ls_R_factor_R_work                       0.18780 
_refine.ls_R_Fsqd_factor_obs                     ? 
_refine.ls_R_I_factor_obs                        ? 
_refine.ls_redundancy_reflns_all                 ? 
_refine.ls_redundancy_reflns_obs                 ? 
_refine.ls_restrained_S_all                      ? 
_refine.ls_restrained_S_obs                      ? 
_refine.ls_shift_over_esd_max                    ? 
_refine.ls_shift_over_esd_mean                   ? 
_refine.ls_structure_factor_coef                 ? 
_refine.ls_weighting_details                     ? 
_refine.ls_weighting_scheme                      ? 
_refine.ls_wR_factor_all                         ? 
_refine.ls_wR_factor_obs                         ? 
_refine.ls_wR_factor_R_free                      ? 
_refine.ls_wR_factor_R_work                      ? 
_refine.occupancy_max                            ? 
_refine.occupancy_min                            ? 
_refine.solvent_model_details                    MASK 
_refine.solvent_model_param_bsol                 ? 
_refine.solvent_model_param_ksol                 ? 
_refine.ls_R_factor_gt                           ? 
_refine.ls_goodness_of_fit_gt                    ? 
_refine.ls_goodness_of_fit_ref                   ? 
_refine.ls_shift_over_su_max                     ? 
_refine.ls_shift_over_su_max_lt                  ? 
_refine.ls_shift_over_su_mean                    ? 
_refine.ls_shift_over_su_mean_lt                 ? 
_refine.pdbx_ls_sigma_I                          ? 
_refine.pdbx_ls_sigma_F                          ? 
_refine.pdbx_ls_sigma_Fsqd                       ? 
_refine.pdbx_data_cutoff_high_absF               ? 
_refine.pdbx_data_cutoff_high_rms_absF           ? 
_refine.pdbx_data_cutoff_low_absF                ? 
_refine.pdbx_isotropic_thermal_model             ? 
_refine.pdbx_ls_cross_valid_method               THROUGHOUT 
_refine.pdbx_method_to_determine_struct          'MOLECULAR REPLACEMENT' 
_refine.pdbx_starting_model                      1SPV 
_refine.pdbx_stereochemistry_target_values       'MAXIMUM LIKELIHOOD' 
_refine.pdbx_R_Free_selection_details            RANDOM 
_refine.pdbx_stereochem_target_val_spec_case     ? 
_refine.pdbx_overall_ESU_R                       0.135 
_refine.pdbx_overall_ESU_R_Free                  0.123 
_refine.pdbx_solvent_vdw_probe_radii             1.20 
_refine.pdbx_solvent_ion_probe_radii             0.80 
_refine.pdbx_solvent_shrinkage_radii             0.80 
_refine.pdbx_real_space_R                        ? 
_refine.pdbx_density_correlation                 ? 
_refine.pdbx_pd_number_of_powder_patterns        ? 
_refine.pdbx_pd_number_of_points                 ? 
_refine.pdbx_pd_meas_number_of_points            ? 
_refine.pdbx_pd_proc_ls_prof_R_factor            ? 
_refine.pdbx_pd_proc_ls_prof_wR_factor           ? 
_refine.pdbx_pd_Marquardt_correlation_coeff      ? 
_refine.pdbx_pd_Fsqrd_R_factor                   ? 
_refine.pdbx_pd_ls_matrix_band_width             ? 
_refine.pdbx_overall_phase_error                 ? 
_refine.pdbx_overall_SU_R_free_Cruickshank_DPI   ? 
_refine.pdbx_overall_SU_R_free_Blow_DPI          ? 
_refine.pdbx_overall_SU_R_Blow_DPI               ? 
_refine.pdbx_TLS_residual_ADP_flag               ? 
_refine.pdbx_diffrn_id                           1 
_refine.overall_SU_B                             2.666 
_refine.overall_SU_ML                            0.084 
_refine.overall_SU_R_Cruickshank_DPI             ? 
_refine.overall_SU_R_free                        ? 
_refine.overall_FOM_free_R_set                   ? 
_refine.overall_FOM_work_R_set                   ? 
_refine.pdbx_average_fsc_overall                 ? 
_refine.pdbx_average_fsc_work                    ? 
_refine.pdbx_average_fsc_free                    ? 
# 
_refine_hist.pdbx_refine_id                   'X-RAY DIFFRACTION' 
_refine_hist.cycle_id                         1 
_refine_hist.pdbx_number_atoms_protein        1253 
_refine_hist.pdbx_number_atoms_nucleic_acid   0 
_refine_hist.pdbx_number_atoms_ligand         36 
_refine_hist.number_atoms_solvent             137 
_refine_hist.number_atoms_total               1426 
_refine_hist.d_res_high                       1.80 
_refine_hist.d_res_low                        29.04 
# 
loop_
_refine_ls_restr.pdbx_refine_id 
_refine_ls_restr.criterion 
_refine_ls_restr.dev_ideal 
_refine_ls_restr.dev_ideal_target 
_refine_ls_restr.number 
_refine_ls_restr.rejects 
_refine_ls_restr.type 
_refine_ls_restr.weight 
_refine_ls_restr.pdbx_restraint_function 
'X-RAY DIFFRACTION' ? 0.006  0.019  1317 ? r_bond_refined_d             ? ? 
'X-RAY DIFFRACTION' ? 0.005  0.020  1222 ? r_bond_other_d               ? ? 
'X-RAY DIFFRACTION' ? 1.380  1.982  1812 ? r_angle_refined_deg          ? ? 
'X-RAY DIFFRACTION' ? 0.807  3.000  2791 ? r_angle_other_deg            ? ? 
'X-RAY DIFFRACTION' ? 5.288  5.000  170  ? r_dihedral_angle_1_deg       ? ? 
'X-RAY DIFFRACTION' ? 35.445 24.528 53   ? r_dihedral_angle_2_deg       ? ? 
'X-RAY DIFFRACTION' ? 16.758 15.000 177  ? r_dihedral_angle_3_deg       ? ? 
'X-RAY DIFFRACTION' ? 24.921 15.000 6    ? r_dihedral_angle_4_deg       ? ? 
'X-RAY DIFFRACTION' ? 0.065  0.200  217  ? r_chiral_restr               ? ? 
'X-RAY DIFFRACTION' ? 0.004  0.021  1514 ? r_gen_planes_refined         ? ? 
'X-RAY DIFFRACTION' ? 0.001  0.020  295  ? r_gen_planes_other           ? ? 
'X-RAY DIFFRACTION' ? ?      ?      ?    ? r_nbd_refined                ? ? 
'X-RAY DIFFRACTION' ? ?      ?      ?    ? r_nbd_other                  ? ? 
'X-RAY DIFFRACTION' ? ?      ?      ?    ? r_nbtor_refined              ? ? 
'X-RAY DIFFRACTION' ? ?      ?      ?    ? r_nbtor_other                ? ? 
'X-RAY DIFFRACTION' ? ?      ?      ?    ? r_xyhbond_nbd_refined        ? ? 
'X-RAY DIFFRACTION' ? ?      ?      ?    ? r_xyhbond_nbd_other          ? ? 
'X-RAY DIFFRACTION' ? ?      ?      ?    ? r_metal_ion_refined          ? ? 
'X-RAY DIFFRACTION' ? ?      ?      ?    ? r_metal_ion_other            ? ? 
'X-RAY DIFFRACTION' ? ?      ?      ?    ? r_symmetry_vdw_refined       ? ? 
'X-RAY DIFFRACTION' ? ?      ?      ?    ? r_symmetry_vdw_other         ? ? 
'X-RAY DIFFRACTION' ? ?      ?      ?    ? r_symmetry_hbond_refined     ? ? 
'X-RAY DIFFRACTION' ? ?      ?      ?    ? r_symmetry_hbond_other       ? ? 
'X-RAY DIFFRACTION' ? ?      ?      ?    ? r_symmetry_metal_ion_refined ? ? 
'X-RAY DIFFRACTION' ? ?      ?      ?    ? r_symmetry_metal_ion_other   ? ? 
'X-RAY DIFFRACTION' ? 0.991  2.539  683  ? r_mcbond_it                  ? ? 
'X-RAY DIFFRACTION' ? 0.992  2.535  682  ? r_mcbond_other               ? ? 
'X-RAY DIFFRACTION' ? 1.747  3.800  852  ? r_mcangle_it                 ? ? 
'X-RAY DIFFRACTION' ? 1.746  3.805  853  ? r_mcangle_other              ? ? 
'X-RAY DIFFRACTION' ? 1.312  2.720  634  ? r_scbond_it                  ? ? 
'X-RAY DIFFRACTION' ? 1.310  2.719  635  ? r_scbond_other               ? ? 
'X-RAY DIFFRACTION' ? ?      ?      ?    ? r_scangle_it                 ? ? 
'X-RAY DIFFRACTION' ? 2.012  4.002  961  ? r_scangle_other              ? ? 
'X-RAY DIFFRACTION' ? 4.261  21.459 1554 ? r_long_range_B_refined       ? ? 
'X-RAY DIFFRACTION' ? 3.931  20.927 1485 ? r_long_range_B_other         ? ? 
'X-RAY DIFFRACTION' ? ?      ?      ?    ? r_rigid_bond_restr           ? ? 
'X-RAY DIFFRACTION' ? ?      ?      ?    ? r_sphericity_free            ? ? 
'X-RAY DIFFRACTION' ? ?      ?      ?    ? r_sphericity_bonded          ? ? 
# 
_refine_ls_shell.pdbx_refine_id                   'X-RAY DIFFRACTION' 
_refine_ls_shell.d_res_high                       1.800 
_refine_ls_shell.d_res_low                        1.847 
_refine_ls_shell.number_reflns_all                ? 
_refine_ls_shell.number_reflns_obs                ? 
_refine_ls_shell.number_reflns_R_free             53 
_refine_ls_shell.number_reflns_R_work             1118 
_refine_ls_shell.percent_reflns_obs               98.57 
_refine_ls_shell.percent_reflns_R_free            ? 
_refine_ls_shell.R_factor_all                     ? 
_refine_ls_shell.R_factor_obs                     ? 
_refine_ls_shell.R_factor_R_free                  0.264 
_refine_ls_shell.R_factor_R_free_error            ? 
_refine_ls_shell.R_factor_R_work                  0.237 
_refine_ls_shell.redundancy_reflns_all            ? 
_refine_ls_shell.redundancy_reflns_obs            ? 
_refine_ls_shell.wR_factor_all                    ? 
_refine_ls_shell.wR_factor_obs                    ? 
_refine_ls_shell.wR_factor_R_free                 ? 
_refine_ls_shell.wR_factor_R_work                 ? 
_refine_ls_shell.pdbx_total_number_of_bins_used   20 
_refine_ls_shell.pdbx_phase_error                 ? 
_refine_ls_shell.pdbx_fsc_work                    ? 
_refine_ls_shell.pdbx_fsc_free                    ? 
# 
_struct.entry_id                     5CB3 
_struct.title                        'Structural Insights into the Mechanism of Escherichia coli Ymdb' 
_struct.pdbx_model_details           ? 
_struct.pdbx_formula_weight          ? 
_struct.pdbx_formula_weight_method   ? 
_struct.pdbx_model_type_details      ? 
_struct.pdbx_CASP_flag               ? 
# 
_struct_keywords.entry_id        5CB3 
_struct_keywords.text            'deacetylase, ADPr, OAADPr, macro domain, HYDROLASE' 
_struct_keywords.pdbx_keywords   HYDROLASE 
# 
loop_
_struct_asym.id 
_struct_asym.pdbx_blank_PDB_chainid_flag 
_struct_asym.pdbx_modified 
_struct_asym.entity_id 
_struct_asym.details 
A N N 1 ? 
B N N 2 ? 
C N N 3 ? 
# 
loop_
_struct_conf.conf_type_id 
_struct_conf.id 
_struct_conf.pdbx_PDB_helix_id 
_struct_conf.beg_label_comp_id 
_struct_conf.beg_label_asym_id 
_struct_conf.beg_label_seq_id 
_struct_conf.pdbx_beg_PDB_ins_code 
_struct_conf.end_label_comp_id 
_struct_conf.end_label_asym_id 
_struct_conf.end_label_seq_id 
_struct_conf.pdbx_end_PDB_ins_code 
_struct_conf.beg_auth_comp_id 
_struct_conf.beg_auth_asym_id 
_struct_conf.beg_auth_seq_id 
_struct_conf.end_auth_comp_id 
_struct_conf.end_auth_asym_id 
_struct_conf.end_auth_seq_id 
_struct_conf.pdbx_PDB_helix_class 
_struct_conf.details 
_struct_conf.pdbx_PDB_helix_length 
HELX_P HELX_P1 AA1 ASP A 17  ? LEU A 21  ? ASP A 11  LEU A 15  5 ? 5  
HELX_P HELX_P2 AA2 GLY A 39  ? GLY A 49  ? GLY A 33  GLY A 43  1 ? 11 
HELX_P HELX_P3 AA3 GLY A 49  ? GLY A 64  ? GLY A 43  GLY A 58  1 ? 16 
HELX_P HELX_P4 AA4 ASN A 98  ? ASN A 117 ? ASN A 92  ASN A 111 1 ? 20 
HELX_P HELX_P5 AA5 PRO A 135 ? HIS A 154 ? PRO A 129 HIS A 148 1 ? 20 
HELX_P HELX_P6 AA6 ASP A 166 ? THR A 178 ? ASP A 160 THR A 172 1 ? 13 
# 
_struct_conf_type.id          HELX_P 
_struct_conf_type.criteria    ? 
_struct_conf_type.reference   ? 
# 
_struct_mon_prot_cis.pdbx_id                1 
_struct_mon_prot_cis.label_comp_id          LEU 
_struct_mon_prot_cis.label_seq_id           156 
_struct_mon_prot_cis.label_asym_id          A 
_struct_mon_prot_cis.label_alt_id           . 
_struct_mon_prot_cis.pdbx_PDB_ins_code      ? 
_struct_mon_prot_cis.auth_comp_id           LEU 
_struct_mon_prot_cis.auth_seq_id            150 
_struct_mon_prot_cis.auth_asym_id           A 
_struct_mon_prot_cis.pdbx_label_comp_id_2   PRO 
_struct_mon_prot_cis.pdbx_label_seq_id_2    157 
_struct_mon_prot_cis.pdbx_label_asym_id_2   A 
_struct_mon_prot_cis.pdbx_PDB_ins_code_2    ? 
_struct_mon_prot_cis.pdbx_auth_comp_id_2    PRO 
_struct_mon_prot_cis.pdbx_auth_seq_id_2     151 
_struct_mon_prot_cis.pdbx_auth_asym_id_2    A 
_struct_mon_prot_cis.pdbx_PDB_model_num     1 
_struct_mon_prot_cis.pdbx_omega_angle       -2.84 
# 
_struct_sheet.id               AA1 
_struct_sheet.type             ? 
_struct_sheet.number_strands   6 
_struct_sheet.details          ? 
# 
loop_
_struct_sheet_order.sheet_id 
_struct_sheet_order.range_id_1 
_struct_sheet_order.range_id_2 
_struct_sheet_order.offset 
_struct_sheet_order.sense 
AA1 1 2 ? parallel      
AA1 2 3 ? parallel      
AA1 3 4 ? parallel      
AA1 4 5 ? parallel      
AA1 5 6 ? anti-parallel 
# 
loop_
_struct_sheet_range.sheet_id 
_struct_sheet_range.id 
_struct_sheet_range.beg_label_comp_id 
_struct_sheet_range.beg_label_asym_id 
_struct_sheet_range.beg_label_seq_id 
_struct_sheet_range.pdbx_beg_PDB_ins_code 
_struct_sheet_range.end_label_comp_id 
_struct_sheet_range.end_label_asym_id 
_struct_sheet_range.end_label_seq_id 
_struct_sheet_range.pdbx_end_PDB_ins_code 
_struct_sheet_range.beg_auth_comp_id 
_struct_sheet_range.beg_auth_asym_id 
_struct_sheet_range.beg_auth_seq_id 
_struct_sheet_range.end_auth_comp_id 
_struct_sheet_range.end_auth_asym_id 
_struct_sheet_range.end_auth_seq_id 
AA1 1 ILE A 11  ? GLN A 15  ? ILE A 5   GLN A 9   
AA1 2 GLN A 159 ? CYS A 164 ? GLN A 153 CYS A 158 
AA1 3 SER A 121 ? PHE A 124 ? SER A 115 PHE A 118 
AA1 4 VAL A 25  ? ALA A 29  ? VAL A 19  ALA A 23  
AA1 5 ALA A 83  ? THR A 87  ? ALA A 77  THR A 81  
AA1 6 ALA A 71  ? LEU A 75  ? ALA A 65  LEU A 69  
# 
loop_
_pdbx_struct_sheet_hbond.sheet_id 
_pdbx_struct_sheet_hbond.range_id_1 
_pdbx_struct_sheet_hbond.range_id_2 
_pdbx_struct_sheet_hbond.range_1_label_atom_id 
_pdbx_struct_sheet_hbond.range_1_label_comp_id 
_pdbx_struct_sheet_hbond.range_1_label_asym_id 
_pdbx_struct_sheet_hbond.range_1_label_seq_id 
_pdbx_struct_sheet_hbond.range_1_PDB_ins_code 
_pdbx_struct_sheet_hbond.range_1_auth_atom_id 
_pdbx_struct_sheet_hbond.range_1_auth_comp_id 
_pdbx_struct_sheet_hbond.range_1_auth_asym_id 
_pdbx_struct_sheet_hbond.range_1_auth_seq_id 
_pdbx_struct_sheet_hbond.range_2_label_atom_id 
_pdbx_struct_sheet_hbond.range_2_label_comp_id 
_pdbx_struct_sheet_hbond.range_2_label_asym_id 
_pdbx_struct_sheet_hbond.range_2_label_seq_id 
_pdbx_struct_sheet_hbond.range_2_PDB_ins_code 
_pdbx_struct_sheet_hbond.range_2_auth_atom_id 
_pdbx_struct_sheet_hbond.range_2_auth_comp_id 
_pdbx_struct_sheet_hbond.range_2_auth_asym_id 
_pdbx_struct_sheet_hbond.range_2_auth_seq_id 
AA1 1 2 N HIS A 12  ? N HIS A 6   O PHE A 162 ? O PHE A 156 
AA1 2 3 O VAL A 163 ? O VAL A 157 N PHE A 124 ? N PHE A 118 
AA1 3 4 O ALA A 123 ? O ALA A 117 N VAL A 27  ? N VAL A 21  
AA1 4 5 N ASN A 28  ? N ASN A 22  O VAL A 85  ? O VAL A 79  
AA1 5 6 O HIS A 86  ? O HIS A 80  N VAL A 72  ? N VAL A 66  
# 
_struct_site.id                   AC1 
_struct_site.pdbx_evidence_code   Software 
_struct_site.pdbx_auth_asym_id    A 
_struct_site.pdbx_auth_comp_id    APR 
_struct_site.pdbx_auth_seq_id     401 
_struct_site.pdbx_auth_ins_code   ? 
_struct_site.pdbx_num_residues    27 
_struct_site.details              'binding site for residue APR A 401' 
# 
loop_
_struct_site_gen.id 
_struct_site_gen.site_id 
_struct_site_gen.pdbx_num_res 
_struct_site_gen.label_comp_id 
_struct_site_gen.label_asym_id 
_struct_site_gen.label_seq_id 
_struct_site_gen.pdbx_auth_ins_code 
_struct_site_gen.auth_comp_id 
_struct_site_gen.auth_asym_id 
_struct_site_gen.auth_seq_id 
_struct_site_gen.label_atom_id 
_struct_site_gen.label_alt_id 
_struct_site_gen.symmetry 
_struct_site_gen.details 
1  AC1 27 GLY A 16  ? GLY A 10  . ? 1_555 ? 
2  AC1 27 ASP A 17  ? ASP A 11  . ? 1_555 ? 
3  AC1 27 ILE A 18  ? ILE A 12  . ? 1_555 ? 
4  AC1 27 ALA A 29  ? ALA A 23  . ? 1_555 ? 
5  AC1 27 ASN A 31  ? ASN A 25  . ? 1_555 ? 
6  AC1 27 GLY A 36  ? GLY A 30  . ? 1_555 ? 
7  AC1 27 GLY A 37  ? GLY A 31  . ? 1_555 ? 
8  AC1 27 GLY A 38  ? GLY A 32  . ? 1_555 ? 
9  AC1 27 GLY A 39  ? GLY A 33  . ? 1_555 ? 
10 AC1 27 VAL A 40  ? VAL A 34  . ? 1_555 ? 
11 AC1 27 ASP A 41  ? ASP A 35  . ? 1_555 ? 
12 AC1 27 ALA A 126 ? ALA A 120 . ? 1_555 ? 
13 AC1 27 SER A 128 ? SER A 122 . ? 1_555 ? 
14 AC1 27 THR A 129 ? THR A 123 . ? 1_555 ? 
15 AC1 27 GLY A 130 ? GLY A 124 . ? 1_555 ? 
16 AC1 27 VAL A 131 ? VAL A 125 . ? 1_555 ? 
17 AC1 27 TYR A 132 ? TYR A 126 . ? 1_555 ? 
18 AC1 27 TYR A 165 ? TYR A 159 . ? 1_555 ? 
19 AC1 27 HOH C .   ? HOH A 504 . ? 1_555 ? 
20 AC1 27 HOH C .   ? HOH A 514 . ? 1_555 ? 
21 AC1 27 HOH C .   ? HOH A 522 . ? 1_555 ? 
22 AC1 27 HOH C .   ? HOH A 528 . ? 1_555 ? 
23 AC1 27 HOH C .   ? HOH A 532 . ? 1_555 ? 
24 AC1 27 HOH C .   ? HOH A 537 . ? 1_555 ? 
25 AC1 27 HOH C .   ? HOH A 541 . ? 1_555 ? 
26 AC1 27 HOH C .   ? HOH A 542 . ? 1_555 ? 
27 AC1 27 HOH C .   ? HOH A 561 . ? 1_555 ? 
# 
_atom_sites.entry_id                    5CB3 
_atom_sites.fract_transf_matrix[1][1]   -0.01669721 
_atom_sites.fract_transf_matrix[1][2]   0.00177697 
_atom_sites.fract_transf_matrix[1][3]   -0.00348436 
_atom_sites.fract_transf_matrix[2][1]   0.00442990 
_atom_sites.fract_transf_matrix[2][2]   -0.00362454 
_atom_sites.fract_transf_matrix[2][3]   -0.02307676 
_atom_sites.fract_transf_matrix[3][1]   -0.00512411 
_atom_sites.fract_transf_matrix[3][2]   -0.01362548 
_atom_sites.fract_transf_matrix[3][3]   0.00115644 
_atom_sites.fract_transf_vector[1]      1.075302 
_atom_sites.fract_transf_vector[2]      0.867495 
_atom_sites.fract_transf_vector[3]      1.299331 
# 
loop_
_atom_type.symbol 
C 
N 
O 
P 
S 
# 
loop_
_atom_site.group_PDB 
_atom_site.id 
_atom_site.type_symbol 
_atom_site.label_atom_id 
_atom_site.label_alt_id 
_atom_site.label_comp_id 
_atom_site.label_asym_id 
_atom_site.label_entity_id 
_atom_site.label_seq_id 
_atom_site.pdbx_PDB_ins_code 
_atom_site.Cartn_x 
_atom_site.Cartn_y 
_atom_site.Cartn_z 
_atom_site.occupancy 
_atom_site.B_iso_or_equiv 
_atom_site.pdbx_formal_charge 
_atom_site.auth_seq_id 
_atom_site.auth_comp_id 
_atom_site.auth_asym_id 
_atom_site.auth_atom_id 
_atom_site.pdbx_PDB_model_num 
ATOM   1    N N     . THR A 1 9   ? 13.178  14.695  -0.185  1.00 44.38 ? 3   THR A N     1 
ATOM   2    C CA    . THR A 1 9   ? 13.286  14.687  -1.685  1.00 43.80 ? 3   THR A CA    1 
ATOM   3    C C     . THR A 1 9   ? 12.840  13.384  -2.380  1.00 40.39 ? 3   THR A C     1 
ATOM   4    O O     . THR A 1 9   ? 12.631  13.368  -3.596  1.00 40.21 ? 3   THR A O     1 
ATOM   5    C CB    . THR A 1 9   ? 14.723  15.051  -2.142  1.00 45.20 ? 3   THR A CB    1 
ATOM   6    O OG1   . THR A 1 9   ? 14.703  15.423  -3.525  1.00 45.52 ? 3   THR A OG1   1 
ATOM   7    C CG2   . THR A 1 9   ? 15.714  13.890  -1.939  1.00 46.28 ? 3   THR A CG2   1 
ATOM   8    N N     . ARG A 1 10  ? 12.707  12.304  -1.617  1.00 36.61 ? 4   ARG A N     1 
ATOM   9    C CA    . ARG A 1 10  ? 12.294  11.012  -2.156  1.00 33.88 ? 4   ARG A CA    1 
ATOM   10   C C     . ARG A 1 10  ? 10.896  10.596  -1.715  1.00 32.91 ? 4   ARG A C     1 
ATOM   11   O O     . ARG A 1 10  ? 10.364  9.601   -2.203  1.00 32.81 ? 4   ARG A O     1 
ATOM   12   C CB    . ARG A 1 10  ? 13.301  9.962   -1.724  1.00 33.60 ? 4   ARG A CB    1 
ATOM   13   C CG    . ARG A 1 10  ? 14.628  10.136  -2.436  1.00 33.67 ? 4   ARG A CG    1 
ATOM   14   C CD    . ARG A 1 10  ? 15.672  9.224   -1.847  1.00 33.70 ? 4   ARG A CD    1 
ATOM   15   N NE    . ARG A 1 10  ? 15.355  7.826   -2.101  1.00 33.74 ? 4   ARG A NE    1 
ATOM   16   C CZ    . ARG A 1 10  ? 15.969  6.802   -1.519  1.00 33.72 ? 4   ARG A CZ    1 
ATOM   17   N NH1   . ARG A 1 10  ? 15.607  5.559   -1.817  1.00 34.39 ? 4   ARG A NH1   1 
ATOM   18   N NH2   . ARG A 1 10  ? 16.937  7.013   -0.634  1.00 34.15 ? 4   ARG A NH2   1 
ATOM   19   N N     . ILE A 1 11  ? 10.305  11.354  -0.794  1.00 31.74 ? 5   ILE A N     1 
ATOM   20   C CA    . ILE A 1 11  ? 8.968   11.048  -0.280  1.00 31.21 ? 5   ILE A CA    1 
ATOM   21   C C     . ILE A 1 11  ? 8.031   12.213  -0.582  1.00 31.86 ? 5   ILE A C     1 
ATOM   22   O O     . ILE A 1 11  ? 8.305   13.354  -0.204  1.00 31.63 ? 5   ILE A O     1 
ATOM   23   C CB    . ILE A 1 11  ? 8.989   10.761  1.232   1.00 30.32 ? 5   ILE A CB    1 
ATOM   24   C CG1   . ILE A 1 11  ? 9.908   9.581   1.529   1.00 29.95 ? 5   ILE A CG1   1 
ATOM   25   C CG2   . ILE A 1 11  ? 7.599   10.396  1.734   1.00 29.96 ? 5   ILE A CG2   1 
ATOM   26   C CD1   . ILE A 1 11  ? 10.217  9.418   2.996   1.00 29.38 ? 5   ILE A CD1   1 
ATOM   27   N N     . HIS A 1 12  ? 6.933   11.916  -1.274  1.00 32.09 ? 6   HIS A N     1 
ATOM   28   C CA    . HIS A 1 12  ? 5.976   12.936  -1.705  1.00 33.36 ? 6   HIS A CA    1 
ATOM   29   C C     . HIS A 1 12  ? 4.567   12.618  -1.250  1.00 32.96 ? 6   HIS A C     1 
ATOM   30   O O     . HIS A 1 12  ? 4.167   11.458  -1.218  1.00 33.16 ? 6   HIS A O     1 
ATOM   31   C CB    . HIS A 1 12  ? 6.041   13.062  -3.220  1.00 35.76 ? 6   HIS A CB    1 
ATOM   32   C CG    . HIS A 1 12  ? 7.425   13.325  -3.692  1.00 38.00 ? 6   HIS A CG    1 
ATOM   33   N ND1   . HIS A 1 12  ? 8.241   12.342  -4.208  1.00 38.88 ? 6   HIS A ND1   1 
ATOM   34   C CD2   . HIS A 1 12  ? 8.189   14.437  -3.591  1.00 39.22 ? 6   HIS A CD2   1 
ATOM   35   C CE1   . HIS A 1 12  ? 9.430   12.858  -4.462  1.00 39.85 ? 6   HIS A CE1   1 
ATOM   36   N NE2   . HIS A 1 12  ? 9.425   14.126  -4.097  1.00 39.78 ? 6   HIS A NE2   1 
ATOM   37   N N     . VAL A 1 13  ? 3.826   13.657  -0.878  1.00 31.58 ? 7   VAL A N     1 
ATOM   38   C CA    . VAL A 1 13  ? 2.404   13.524  -0.573  1.00 31.30 ? 7   VAL A CA    1 
ATOM   39   C C     . VAL A 1 13  ? 1.607   13.987  -1.787  1.00 32.02 ? 7   VAL A C     1 
ATOM   40   O O     . VAL A 1 13  ? 1.819   15.089  -2.294  1.00 32.88 ? 7   VAL A O     1 
ATOM   41   C CB    . VAL A 1 13  ? 1.997   14.365  0.653   1.00 30.65 ? 7   VAL A CB    1 
ATOM   42   C CG1   . VAL A 1 13  ? 0.511   14.203  0.958   1.00 30.95 ? 7   VAL A CG1   1 
ATOM   43   C CG2   . VAL A 1 13  ? 2.846   13.990  1.861   1.00 30.57 ? 7   VAL A CG2   1 
ATOM   44   N N     . VAL A 1 14  ? 0.687   13.144  -2.241  1.00 32.57 ? 8   VAL A N     1 
ATOM   45   C CA    . VAL A 1 14  ? -0.152  13.458  -3.387  1.00 33.52 ? 8   VAL A CA    1 
ATOM   46   C C     . VAL A 1 14  ? -1.615  13.324  -2.994  1.00 33.67 ? 8   VAL A C     1 
ATOM   47   O O     . VAL A 1 14  ? -2.020  12.360  -2.340  1.00 32.06 ? 8   VAL A O     1 
ATOM   48   C CB    . VAL A 1 14  ? 0.156   12.544  -4.587  1.00 35.30 ? 8   VAL A CB    1 
ATOM   49   C CG1   . VAL A 1 14  ? -0.717  12.903  -5.782  1.00 35.64 ? 8   VAL A CG1   1 
ATOM   50   C CG2   . VAL A 1 14  ? 1.627   12.652  -4.960  1.00 35.77 ? 8   VAL A CG2   1 
ATOM   51   N N     . GLN A 1 15  ? -2.393  14.318  -3.393  1.00 34.48 ? 9   GLN A N     1 
ATOM   52   C CA    . GLN A 1 15  ? -3.820  14.323  -3.168  1.00 36.10 ? 9   GLN A CA    1 
ATOM   53   C C     . GLN A 1 15  ? -4.525  13.825  -4.412  1.00 34.54 ? 9   GLN A C     1 
ATOM   54   O O     . GLN A 1 15  ? -4.421  14.440  -5.474  1.00 35.17 ? 9   GLN A O     1 
ATOM   55   C CB    . GLN A 1 15  ? -4.278  15.741  -2.841  1.00 39.43 ? 9   GLN A CB    1 
ATOM   56   C CG    . GLN A 1 15  ? -4.679  15.902  -1.402  1.00 42.05 ? 9   GLN A CG    1 
ATOM   57   C CD    . GLN A 1 15  ? -5.987  15.203  -1.129  1.00 43.32 ? 9   GLN A CD    1 
ATOM   58   O OE1   . GLN A 1 15  ? -6.952  15.332  -1.888  1.00 45.89 ? 9   GLN A OE1   1 
ATOM   59   N NE2   . GLN A 1 15  ? -6.022  14.441  -0.063  1.00 53.54 ? 9   GLN A NE2   1 
ATOM   60   N N     . GLY A 1 16  ? -5.235  12.709  -4.283  1.00 31.79 ? 10  GLY A N     1 
ATOM   61   C CA    . GLY A 1 16  ? -5.994  12.175  -5.395  1.00 30.60 ? 10  GLY A CA    1 
ATOM   62   C C     . GLY A 1 16  ? -6.219  10.677  -5.365  1.00 29.29 ? 10  GLY A C     1 
ATOM   63   O O     . GLY A 1 16  ? -6.081  10.014  -4.337  1.00 28.75 ? 10  GLY A O     1 
ATOM   64   N N     . ASP A 1 17  ? -6.570  10.177  -6.539  1.00 28.36 ? 11  ASP A N     1 
ATOM   65   C CA    . ASP A 1 17  ? -6.885  8.787   -6.792  1.00 27.48 ? 11  ASP A CA    1 
ATOM   66   C C     . ASP A 1 17  ? -5.605  8.039   -7.163  1.00 25.79 ? 11  ASP A C     1 
ATOM   67   O O     . ASP A 1 17  ? -4.965  8.369   -8.164  1.00 23.90 ? 11  ASP A O     1 
ATOM   68   C CB    . ASP A 1 17  ? -7.856  8.789   -7.973  1.00 28.29 ? 11  ASP A CB    1 
ATOM   69   C CG    . ASP A 1 17  ? -8.365  7.424   -8.346  1.00 28.76 ? 11  ASP A CG    1 
ATOM   70   O OD1   . ASP A 1 17  ? -7.818  6.398   -7.888  1.00 28.39 ? 11  ASP A OD1   1 
ATOM   71   O OD2   . ASP A 1 17  ? -9.337  7.387   -9.129  1.00 29.68 ? 11  ASP A OD2   1 
ATOM   72   N N     . ILE A 1 18  ? -5.243  7.020   -6.386  1.00 24.30 ? 12  ILE A N     1 
ATOM   73   C CA    . ILE A 1 18  ? -4.017  6.248   -6.649  1.00 24.03 ? 12  ILE A CA    1 
ATOM   74   C C     . ILE A 1 18  ? -4.026  5.563   -8.025  1.00 24.43 ? 12  ILE A C     1 
ATOM   75   O O     . ILE A 1 18  ? -2.960  5.329   -8.603  1.00 23.92 ? 12  ILE A O     1 
ATOM   76   C CB    . ILE A 1 18  ? -3.746  5.214   -5.524  1.00 23.40 ? 12  ILE A CB    1 
ATOM   77   C CG1   . ILE A 1 18  ? -2.279  4.750   -5.535  1.00 23.09 ? 12  ILE A CG1   1 
ATOM   78   C CG2   . ILE A 1 18  ? -4.732  4.050   -5.601  1.00 23.58 ? 12  ILE A CG2   1 
ATOM   79   C CD1   . ILE A 1 18  ? -1.901  3.914   -4.326  1.00 22.86 ? 12  ILE A CD1   1 
ATOM   80   N N     . THR A 1 19  ? -5.217  5.262   -8.551  1.00 25.32 ? 13  THR A N     1 
ATOM   81   C CA    . THR A 1 19  ? -5.335  4.562   -9.841  1.00 27.21 ? 13  THR A CA    1 
ATOM   82   C C     . THR A 1 19  ? -4.906  5.415   -11.044 1.00 29.28 ? 13  THR A C     1 
ATOM   83   O O     . THR A 1 19  ? -4.710  4.884   -12.136 1.00 29.64 ? 13  THR A O     1 
ATOM   84   C CB    . THR A 1 19  ? -6.756  3.992   -10.092 1.00 26.92 ? 13  THR A CB    1 
ATOM   85   O OG1   . THR A 1 19  ? -7.713  5.054   -10.242 1.00 26.21 ? 13  THR A OG1   1 
ATOM   86   C CG2   . THR A 1 19  ? -7.191  3.063   -8.958  1.00 26.77 ? 13  THR A CG2   1 
ATOM   87   N N     . LYS A 1 20  ? -4.755  6.722   -10.837 1.00 32.11 ? 14  LYS A N     1 
ATOM   88   C CA    . LYS A 1 20  ? -4.319  7.645   -11.889 1.00 34.92 ? 14  LYS A CA    1 
ATOM   89   C C     . LYS A 1 20  ? -2.828  7.939   -11.891 1.00 36.13 ? 14  LYS A C     1 
ATOM   90   O O     . LYS A 1 20  ? -2.307  8.491   -12.861 1.00 36.90 ? 14  LYS A O     1 
ATOM   91   C CB    . LYS A 1 20  ? -5.036  8.979   -11.732 1.00 36.43 ? 14  LYS A CB    1 
ATOM   92   C CG    . LYS A 1 20  ? -6.545  8.892   -11.694 1.00 38.45 ? 14  LYS A CG    1 
ATOM   93   C CD    . LYS A 1 20  ? -7.099  8.024   -12.814 1.00 40.12 ? 14  LYS A CD    1 
ATOM   94   C CE    . LYS A 1 20  ? -8.515  8.413   -13.204 1.00 41.69 ? 14  LYS A CE    1 
ATOM   95   N NZ    . LYS A 1 20  ? -9.356  8.895   -12.072 1.00 42.29 ? 14  LYS A NZ    1 
ATOM   96   N N     . LEU A 1 21  ? -2.148  7.590   -10.807 1.00 37.04 ? 15  LEU A N     1 
ATOM   97   C CA    . LEU A 1 21  ? -0.761  7.974   -10.636 1.00 37.77 ? 15  LEU A CA    1 
ATOM   98   C C     . LEU A 1 21  ? 0.170   7.020   -11.382 1.00 36.84 ? 15  LEU A C     1 
ATOM   99   O O     . LEU A 1 21  ? 0.173   5.811   -11.136 1.00 36.73 ? 15  LEU A O     1 
ATOM   100  C CB    . LEU A 1 21  ? -0.419  8.031   -9.145  1.00 39.01 ? 15  LEU A CB    1 
ATOM   101  C CG    . LEU A 1 21  ? 0.908   8.673   -8.745  1.00 40.68 ? 15  LEU A CG    1 
ATOM   102  C CD1   . LEU A 1 21  ? 1.034   10.095  -9.273  1.00 41.17 ? 15  LEU A CD1   1 
ATOM   103  C CD2   . LEU A 1 21  ? 1.045   8.667   -7.232  1.00 41.06 ? 15  LEU A CD2   1 
ATOM   104  N N     . ALA A 1 22  ? 0.937   7.582   -12.312 1.00 35.63 ? 16  ALA A N     1 
ATOM   105  C CA    . ALA A 1 22  ? 1.970   6.846   -13.030 1.00 34.42 ? 16  ALA A CA    1 
ATOM   106  C C     . ALA A 1 22  ? 3.198   6.674   -12.139 1.00 32.56 ? 16  ALA A C     1 
ATOM   107  O O     . ALA A 1 22  ? 3.930   7.630   -11.862 1.00 33.38 ? 16  ALA A O     1 
ATOM   108  C CB    . ALA A 1 22  ? 2.338   7.557   -14.324 1.00 34.90 ? 16  ALA A CB    1 
ATOM   109  N N     . VAL A 1 23  ? 3.380   5.441   -11.679 1.00 29.37 ? 17  VAL A N     1 
ATOM   110  C CA    . VAL A 1 23  ? 4.518   5.017   -10.868 1.00 27.69 ? 17  VAL A CA    1 
ATOM   111  C C     . VAL A 1 23  ? 4.804   3.572   -11.275 1.00 26.15 ? 17  VAL A C     1 
ATOM   112  O O     . VAL A 1 23  ? 3.973   2.944   -11.925 1.00 24.54 ? 17  VAL A O     1 
ATOM   113  C CB    . VAL A 1 23  ? 4.215   5.048   -9.344  1.00 28.52 ? 17  VAL A CB    1 
ATOM   114  C CG1   . VAL A 1 23  ? 4.405   6.442   -8.761  1.00 29.01 ? 17  VAL A CG1   1 
ATOM   115  C CG2   . VAL A 1 23  ? 2.811   4.534   -9.039  1.00 28.01 ? 17  VAL A CG2   1 
ATOM   116  N N     . ASP A 1 24  ? 5.958   3.033   -10.894 1.00 25.61 ? 18  ASP A N     1 
ATOM   117  C CA    . ASP A 1 24  ? 6.249   1.619   -11.171 1.00 25.34 ? 18  ASP A CA    1 
ATOM   118  C C     . ASP A 1 24  ? 5.259   0.689   -10.467 1.00 23.92 ? 18  ASP A C     1 
ATOM   119  O O     . ASP A 1 24  ? 4.729   -0.236  -11.083 1.00 22.81 ? 18  ASP A O     1 
ATOM   120  C CB    . ASP A 1 24  ? 7.677   1.242   -10.754 1.00 26.37 ? 18  ASP A CB    1 
ATOM   121  C CG    . ASP A 1 24  ? 8.735   1.737   -11.728 1.00 27.10 ? 18  ASP A CG    1 
ATOM   122  O OD1   . ASP A 1 24  ? 8.388   2.377   -12.744 1.00 28.08 ? 18  ASP A OD1   1 
ATOM   123  O OD2   . ASP A 1 24  ? 9.930   1.479   -11.467 1.00 28.30 ? 18  ASP A OD2   1 
ATOM   124  N N     . VAL A 1 25  ? 5.018   0.940   -9.183  1.00 22.71 ? 19  VAL A N     1 
ATOM   125  C CA    . VAL A 1 25  ? 4.208   0.041   -8.356  1.00 21.62 ? 19  VAL A CA    1 
ATOM   126  C C     . VAL A 1 25  ? 3.125   0.807   -7.611  1.00 21.32 ? 19  VAL A C     1 
ATOM   127  O O     . VAL A 1 25  ? 3.412   1.785   -6.934  1.00 20.98 ? 19  VAL A O     1 
ATOM   128  C CB    . VAL A 1 25  ? 5.073   -0.708  -7.317  1.00 21.19 ? 19  VAL A CB    1 
ATOM   129  C CG1   . VAL A 1 25  ? 4.222   -1.625  -6.441  1.00 21.18 ? 19  VAL A CG1   1 
ATOM   130  C CG2   . VAL A 1 25  ? 6.150   -1.525  -8.010  1.00 21.21 ? 19  VAL A CG2   1 
ATOM   131  N N     . ILE A 1 26  ? 1.883   0.353   -7.743  1.00 21.08 ? 20  ILE A N     1 
ATOM   132  C CA    . ILE A 1 26  ? 0.788   0.826   -6.903  1.00 20.84 ? 20  ILE A CA    1 
ATOM   133  C C     . ILE A 1 26  ? 0.526   -0.225  -5.835  1.00 20.21 ? 20  ILE A C     1 
ATOM   134  O O     . ILE A 1 26  ? 0.438   -1.410  -6.136  1.00 20.00 ? 20  ILE A O     1 
ATOM   135  C CB    . ILE A 1 26  ? -0.486  1.069   -7.731  1.00 22.57 ? 20  ILE A CB    1 
ATOM   136  C CG1   . ILE A 1 26  ? -0.321  2.342   -8.553  1.00 23.47 ? 20  ILE A CG1   1 
ATOM   137  C CG2   . ILE A 1 26  ? -1.722  1.192   -6.846  1.00 23.02 ? 20  ILE A CG2   1 
ATOM   138  C CD1   . ILE A 1 26  ? -1.350  2.479   -9.652  1.00 23.96 ? 20  ILE A CD1   1 
ATOM   139  N N     . VAL A 1 27  ? 0.397   0.211   -4.591  1.00 19.10 ? 21  VAL A N     1 
ATOM   140  C CA    . VAL A 1 27  ? 0.075   -0.699  -3.499  1.00 18.41 ? 21  VAL A CA    1 
ATOM   141  C C     . VAL A 1 27  ? -1.428  -0.721  -3.232  1.00 18.45 ? 21  VAL A C     1 
ATOM   142  O O     . VAL A 1 27  ? -2.078  0.324   -3.157  1.00 18.17 ? 21  VAL A O     1 
ATOM   143  C CB    . VAL A 1 27  ? 0.866   -0.336  -2.230  1.00 17.98 ? 21  VAL A CB    1 
ATOM   144  C CG1   . VAL A 1 27  ? 0.439   -1.194  -1.047  1.00 17.97 ? 21  VAL A CG1   1 
ATOM   145  C CG2   . VAL A 1 27  ? 2.346   -0.539  -2.497  1.00 18.21 ? 21  VAL A CG2   1 
ATOM   146  N N     . ASN A 1 28  ? -1.959  -1.934  -3.106  1.00 18.42 ? 22  ASN A N     1 
ATOM   147  C CA    . ASN A 1 28  ? -3.360  -2.168  -2.809  1.00 18.62 ? 22  ASN A CA    1 
ATOM   148  C C     . ASN A 1 28  ? -3.554  -2.553  -1.340  1.00 18.60 ? 22  ASN A C     1 
ATOM   149  O O     . ASN A 1 28  ? -2.848  -3.413  -0.812  1.00 18.26 ? 22  ASN A O     1 
ATOM   150  C CB    . ASN A 1 28  ? -3.883  -3.280  -3.729  1.00 19.15 ? 22  ASN A CB    1 
ATOM   151  C CG    . ASN A 1 28  ? -5.369  -3.550  -3.554  1.00 19.73 ? 22  ASN A CG    1 
ATOM   152  O OD1   . ASN A 1 28  ? -6.092  -2.756  -2.959  1.00 19.85 ? 22  ASN A OD1   1 
ATOM   153  N ND2   . ASN A 1 28  ? -5.830  -4.680  -4.082  1.00 20.18 ? 22  ASN A ND2   1 
ATOM   154  N N     . ALA A 1 29  ? -4.521  -1.901  -0.696  1.00 18.45 ? 23  ALA A N     1 
ATOM   155  C CA    . ALA A 1 29  ? -4.943  -2.252  0.653   1.00 18.22 ? 23  ALA A CA    1 
ATOM   156  C C     . ALA A 1 29  ? -6.030  -3.309  0.540   1.00 17.94 ? 23  ALA A C     1 
ATOM   157  O O     . ALA A 1 29  ? -7.227  -3.015  0.508   1.00 17.96 ? 23  ALA A O     1 
ATOM   158  C CB    . ALA A 1 29  ? -5.436  -1.022  1.396   1.00 18.21 ? 23  ALA A CB    1 
ATOM   159  N N     . ALA A 1 30  ? -5.574  -4.550  0.469   1.00 17.44 ? 24  ALA A N     1 
ATOM   160  C CA    . ALA A 1 30  ? -6.410  -5.684  0.119   1.00 17.68 ? 24  ALA A CA    1 
ATOM   161  C C     . ALA A 1 30  ? -7.013  -6.359  1.349   1.00 18.20 ? 24  ALA A C     1 
ATOM   162  O O     . ALA A 1 30  ? -6.890  -5.874  2.475   1.00 18.57 ? 24  ALA A O     1 
ATOM   163  C CB    . ALA A 1 30  ? -5.567  -6.684  -0.670  1.00 17.63 ? 24  ALA A CB    1 
ATOM   164  N N     . ASN A 1 31  ? -7.690  -7.479  1.103   1.00 18.38 ? 25  ASN A N     1 
ATOM   165  C CA    . ASN A 1 31  ? -8.081  -8.410  2.153   1.00 18.91 ? 25  ASN A CA    1 
ATOM   166  C C     . ASN A 1 31  ? -7.463  -9.765  1.807   1.00 18.73 ? 25  ASN A C     1 
ATOM   167  O O     . ASN A 1 31  ? -6.998  -9.952  0.684   1.00 18.24 ? 25  ASN A O     1 
ATOM   168  C CB    . ASN A 1 31  ? -9.606  -8.502  2.265   1.00 19.64 ? 25  ASN A CB    1 
ATOM   169  C CG    . ASN A 1 31  ? -10.244 -9.159  1.052   1.00 20.22 ? 25  ASN A CG    1 
ATOM   170  O OD1   . ASN A 1 31  ? -10.300 -10.387 0.957   1.00 20.61 ? 25  ASN A OD1   1 
ATOM   171  N ND2   . ASN A 1 31  ? -10.726 -8.344  0.115   1.00 20.63 ? 25  ASN A ND2   1 
ATOM   172  N N     . PRO A 1 32  ? -7.449  -10.711 2.762   1.00 19.08 ? 26  PRO A N     1 
ATOM   173  C CA    . PRO A 1 32  ? -6.675  -11.946 2.551   1.00 19.21 ? 26  PRO A CA    1 
ATOM   174  C C     . PRO A 1 32  ? -7.078  -12.789 1.343   1.00 19.05 ? 26  PRO A C     1 
ATOM   175  O O     . PRO A 1 32  ? -6.247  -13.519 0.799   1.00 18.93 ? 26  PRO A O     1 
ATOM   176  C CB    . PRO A 1 32  ? -6.895  -12.715 3.854   1.00 19.30 ? 26  PRO A CB    1 
ATOM   177  C CG    . PRO A 1 32  ? -7.075  -11.630 4.866   1.00 19.37 ? 26  PRO A CG    1 
ATOM   178  C CD    . PRO A 1 32  ? -7.901  -10.593 4.161   1.00 19.24 ? 26  PRO A CD    1 
ATOM   179  N N     . SER A 1 33  ? -8.328  -12.674 0.909   1.00 18.93 ? 27  SER A N     1 
ATOM   180  C CA    . SER A 1 33  ? -8.786  -13.420 -0.265  1.00 19.04 ? 27  SER A CA    1 
ATOM   181  C C     . SER A 1 33  ? -8.126  -12.958 -1.571  1.00 18.70 ? 27  SER A C     1 
ATOM   182  O O     . SER A 1 33  ? -8.054  -13.730 -2.530  1.00 19.26 ? 27  SER A O     1 
ATOM   183  C CB    . SER A 1 33  ? -10.305 -13.315 -0.410  1.00 19.25 ? 27  SER A CB    1 
ATOM   184  O OG    . SER A 1 33  ? -10.663 -12.111 -1.068  1.00 19.45 ? 27  SER A OG    1 
ATOM   185  N N     . LEU A 1 34  ? -7.675  -11.701 -1.601  1.00 18.35 ? 28  LEU A N     1 
ATOM   186  C CA    . LEU A 1 34  ? -7.098  -11.057 -2.807  1.00 18.83 ? 28  LEU A CA    1 
ATOM   187  C C     . LEU A 1 34  ? -8.067  -10.875 -3.971  1.00 20.99 ? 28  LEU A C     1 
ATOM   188  O O     . LEU A 1 34  ? -7.648  -10.564 -5.092  1.00 21.41 ? 28  LEU A O     1 
ATOM   189  C CB    . LEU A 1 34  ? -5.867  -11.818 -3.326  1.00 18.53 ? 28  LEU A CB    1 
ATOM   190  C CG    . LEU A 1 34  ? -4.691  -11.947 -2.367  1.00 18.63 ? 28  LEU A CG    1 
ATOM   191  C CD1   . LEU A 1 34  ? -3.605  -12.853 -2.932  1.00 18.83 ? 28  LEU A CD1   1 
ATOM   192  C CD2   . LEU A 1 34  ? -4.135  -10.563 -2.106  1.00 18.40 ? 28  LEU A CD2   1 
ATOM   193  N N     . MET A 1 35  ? -9.354  -11.048 -3.716  1.00 23.19 ? 29  MET A N     1 
ATOM   194  C CA    . MET A 1 35  ? -10.317 -11.051 -4.803  1.00 26.18 ? 29  MET A CA    1 
ATOM   195  C C     . MET A 1 35  ? -11.072 -9.716  -4.893  1.00 26.81 ? 29  MET A C     1 
ATOM   196  O O     . MET A 1 35  ? -12.039 -9.600  -5.647  1.00 27.69 ? 29  MET A O     1 
ATOM   197  C CB    . MET A 1 35  ? -11.275 -12.230 -4.638  1.00 28.26 ? 29  MET A CB    1 
ATOM   198  C CG    . MET A 1 35  ? -10.696 -13.605 -4.972  1.00 30.48 ? 29  MET A CG    1 
ATOM   199  S SD    . MET A 1 35  ? -11.981 -14.791 -4.511  1.00 35.26 ? 29  MET A SD    1 
ATOM   200  C CE    . MET A 1 35  ? -11.112 -16.349 -4.328  1.00 35.37 ? 29  MET A CE    1 
ATOM   201  N N     . GLY A 1 36  ? -10.619 -8.710  -4.142  1.00 27.05 ? 30  GLY A N     1 
ATOM   202  C CA    . GLY A 1 36  ? -11.177 -7.358  -4.231  1.00 26.96 ? 30  GLY A CA    1 
ATOM   203  C C     . GLY A 1 36  ? -12.049 -6.981  -3.048  1.00 26.81 ? 30  GLY A C     1 
ATOM   204  O O     . GLY A 1 36  ? -12.238 -7.767  -2.120  1.00 27.45 ? 30  GLY A O     1 
ATOM   205  N N     . GLY A 1 37  ? -12.578 -5.762  -3.087  1.00 26.86 ? 31  GLY A N     1 
ATOM   206  C CA    . GLY A 1 37  ? -13.442 -5.254  -2.025  1.00 26.99 ? 31  GLY A CA    1 
ATOM   207  C C     . GLY A 1 37  ? -13.972 -3.879  -2.383  1.00 27.00 ? 31  GLY A C     1 
ATOM   208  O O     . GLY A 1 37  ? -14.029 -3.524  -3.555  1.00 27.00 ? 31  GLY A O     1 
ATOM   209  N N     . GLY A 1 38  ? -14.357 -3.099  -1.380  1.00 28.08 ? 32  GLY A N     1 
ATOM   210  C CA    . GLY A 1 38  ? -15.111 -1.870  -1.639  1.00 29.08 ? 32  GLY A CA    1 
ATOM   211  C C     . GLY A 1 38  ? -14.404 -0.526  -1.610  1.00 28.77 ? 32  GLY A C     1 
ATOM   212  O O     . GLY A 1 38  ? -15.006 0.479   -1.998  1.00 30.44 ? 32  GLY A O     1 
ATOM   213  N N     . GLY A 1 39  ? -13.155 -0.472  -1.165  1.00 28.28 ? 33  GLY A N     1 
ATOM   214  C CA    . GLY A 1 39  ? -12.482 0.827   -1.029  1.00 26.77 ? 33  GLY A CA    1 
ATOM   215  C C     . GLY A 1 39  ? -11.496 1.043   -2.154  1.00 24.88 ? 33  GLY A C     1 
ATOM   216  O O     . GLY A 1 39  ? -11.859 0.943   -3.328  1.00 24.17 ? 33  GLY A O     1 
ATOM   217  N N     . VAL A 1 40  ? -10.244 1.329   -1.802  1.00 22.83 ? 34  VAL A N     1 
ATOM   218  C CA    . VAL A 1 40  ? -9.189  1.485   -2.802  1.00 21.97 ? 34  VAL A CA    1 
ATOM   219  C C     . VAL A 1 40  ? -8.971  0.157   -3.544  1.00 20.85 ? 34  VAL A C     1 
ATOM   220  O O     . VAL A 1 40  ? -8.620  0.158   -4.726  1.00 20.56 ? 34  VAL A O     1 
ATOM   221  C CB    . VAL A 1 40  ? -7.877  2.055   -2.190  1.00 22.81 ? 34  VAL A CB    1 
ATOM   222  C CG1   . VAL A 1 40  ? -7.204  1.067   -1.246  1.00 23.00 ? 34  VAL A CG1   1 
ATOM   223  C CG2   . VAL A 1 40  ? -6.916  2.494   -3.284  1.00 23.20 ? 34  VAL A CG2   1 
ATOM   224  N N     . ASP A 1 41  ? -9.213  -0.962  -2.854  1.00 20.11 ? 35  ASP A N     1 
ATOM   225  C CA    . ASP A 1 41  ? -9.148  -2.306  -3.450  1.00 19.84 ? 35  ASP A CA    1 
ATOM   226  C C     . ASP A 1 41  ? -10.074 -2.383  -4.665  1.00 20.07 ? 35  ASP A C     1 
ATOM   227  O O     . ASP A 1 41  ? -9.642  -2.716  -5.773  1.00 19.83 ? 35  ASP A O     1 
ATOM   228  C CB    . ASP A 1 41  ? -9.543  -3.349  -2.392  1.00 19.70 ? 35  ASP A CB    1 
ATOM   229  C CG    . ASP A 1 41  ? -9.143  -4.778  -2.751  1.00 19.92 ? 35  ASP A CG    1 
ATOM   230  O OD1   . ASP A 1 41  ? -8.550  -5.034  -3.826  1.00 20.47 ? 35  ASP A OD1   1 
ATOM   231  O OD2   . ASP A 1 41  ? -9.425  -5.660  -1.912  1.00 20.28 ? 35  ASP A OD2   1 
ATOM   232  N N     . GLY A 1 42  ? -11.344 -2.048  -4.458  1.00 20.57 ? 36  GLY A N     1 
ATOM   233  C CA    . GLY A 1 42  ? -12.314 -2.048  -5.555  1.00 20.89 ? 36  GLY A CA    1 
ATOM   234  C C     . GLY A 1 42  ? -11.954 -1.081  -6.665  1.00 21.04 ? 36  GLY A C     1 
ATOM   235  O O     . GLY A 1 42  ? -12.119 -1.392  -7.843  1.00 21.85 ? 36  GLY A O     1 
ATOM   236  N N     . ALA A 1 43  ? -11.454 0.091   -6.287  1.00 21.48 ? 37  ALA A N     1 
ATOM   237  C CA    . ALA A 1 43  ? -11.043 1.100   -7.251  1.00 21.93 ? 37  ALA A CA    1 
ATOM   238  C C     . ALA A 1 43  ? -9.903  0.593   -8.123  1.00 21.63 ? 37  ALA A C     1 
ATOM   239  O O     . ALA A 1 43  ? -9.898  0.814   -9.328  1.00 21.99 ? 37  ALA A O     1 
ATOM   240  C CB    . ALA A 1 43  ? -10.628 2.375   -6.538  1.00 22.34 ? 37  ALA A CB    1 
ATOM   241  N N     . ILE A 1 44  ? -8.942  -0.088  -7.508  1.00 20.84 ? 38  ILE A N     1 
ATOM   242  C CA    . ILE A 1 44  ? -7.792  -0.644  -8.236  1.00 20.54 ? 38  ILE A CA    1 
ATOM   243  C C     . ILE A 1 44  ? -8.201  -1.779  -9.181  1.00 20.86 ? 38  ILE A C     1 
ATOM   244  O O     . ILE A 1 44  ? -7.729  -1.844  -10.321 1.00 21.69 ? 38  ILE A O     1 
ATOM   245  C CB    . ILE A 1 44  ? -6.687  -1.102  -7.246  1.00 19.79 ? 38  ILE A CB    1 
ATOM   246  C CG1   . ILE A 1 44  ? -5.929  0.118   -6.706  1.00 19.57 ? 38  ILE A CG1   1 
ATOM   247  C CG2   . ILE A 1 44  ? -5.708  -2.079  -7.890  1.00 19.83 ? 38  ILE A CG2   1 
ATOM   248  C CD1   . ILE A 1 44  ? -5.101  -0.173  -5.466  1.00 19.49 ? 38  ILE A CD1   1 
ATOM   249  N N     . HIS A 1 45  ? -9.068  -2.668  -8.705  1.00 22.32 ? 39  HIS A N     1 
ATOM   250  C CA    . HIS A 1 45  ? -9.569  -3.755  -9.542  1.00 23.01 ? 39  HIS A CA    1 
ATOM   251  C C     . HIS A 1 45  ? -10.372 -3.228  -10.712 1.00 24.46 ? 39  HIS A C     1 
ATOM   252  O O     . HIS A 1 45  ? -10.248 -3.729  -11.831 1.00 25.20 ? 39  HIS A O     1 
ATOM   253  C CB    . HIS A 1 45  ? -10.383 -4.754  -8.723  1.00 23.07 ? 39  HIS A CB    1 
ATOM   254  C CG    . HIS A 1 45  ? -9.530  -5.827  -8.141  1.00 23.02 ? 39  HIS A CG    1 
ATOM   255  N ND1   . HIS A 1 45  ? -8.950  -5.721  -6.896  1.00 23.38 ? 39  HIS A ND1   1 
ATOM   256  C CD2   . HIS A 1 45  ? -9.044  -6.965  -8.690  1.00 22.88 ? 39  HIS A CD2   1 
ATOM   257  C CE1   . HIS A 1 45  ? -8.193  -6.782  -6.679  1.00 23.12 ? 39  HIS A CE1   1 
ATOM   258  N NE2   . HIS A 1 45  ? -8.236  -7.553  -7.750  1.00 23.51 ? 39  HIS A NE2   1 
ATOM   259  N N     . ARG A 1 46  ? -11.178 -2.203  -10.458 1.00 25.76 ? 40  ARG A N     1 
ATOM   260  C CA    . ARG A 1 46  ? -11.962 -1.584  -11.516 1.00 28.02 ? 40  ARG A CA    1 
ATOM   261  C C     . ARG A 1 46  ? -11.058 -0.927  -12.573 1.00 27.53 ? 40  ARG A C     1 
ATOM   262  O O     . ARG A 1 46  ? -11.258 -1.124  -13.772 1.00 27.69 ? 40  ARG A O     1 
ATOM   263  C CB    . ARG A 1 46  ? -12.936 -0.567  -10.928 1.00 30.46 ? 40  ARG A CB    1 
ATOM   264  C CG    . ARG A 1 46  ? -13.872 0.033   -11.955 1.00 33.42 ? 40  ARG A CG    1 
ATOM   265  C CD    . ARG A 1 46  ? -15.310 -0.461  -11.823 1.00 35.41 ? 40  ARG A CD    1 
ATOM   266  N NE    . ARG A 1 46  ? -16.080 -0.090  -13.010 1.00 36.98 ? 40  ARG A NE    1 
ATOM   267  C CZ    . ARG A 1 46  ? -16.291 1.170   -13.382 1.00 38.73 ? 40  ARG A CZ    1 
ATOM   268  N NH1   . ARG A 1 46  ? -15.797 2.169   -12.654 1.00 39.72 ? 40  ARG A NH1   1 
ATOM   269  N NH2   . ARG A 1 46  ? -16.987 1.449   -14.478 1.00 39.11 ? 40  ARG A NH2   1 
ATOM   270  N N     . ALA A 1 47  ? -10.061 -0.168  -12.128 1.00 27.02 ? 41  ALA A N     1 
ATOM   271  C CA    . ALA A 1 47  ? -9.160  0.525   -13.051 1.00 26.92 ? 41  ALA A CA    1 
ATOM   272  C C     . ALA A 1 47  ? -8.250  -0.438  -13.822 1.00 26.40 ? 41  ALA A C     1 
ATOM   273  O O     . ALA A 1 47  ? -7.955  -0.209  -14.994 1.00 25.79 ? 41  ALA A O     1 
ATOM   274  C CB    . ALA A 1 47  ? -8.326  1.557   -12.309 1.00 27.32 ? 41  ALA A CB    1 
ATOM   275  N N     . ALA A 1 48  ? -7.808  -1.508  -13.164 1.00 25.81 ? 42  ALA A N     1 
ATOM   276  C CA    . ALA A 1 48  ? -6.895  -2.473  -13.788 1.00 25.32 ? 42  ALA A CA    1 
ATOM   277  C C     . ALA A 1 48  ? -7.609  -3.353  -14.798 1.00 24.82 ? 42  ALA A C     1 
ATOM   278  O O     . ALA A 1 48  ? -7.003  -3.803  -15.773 1.00 24.24 ? 42  ALA A O     1 
ATOM   279  C CB    . ALA A 1 48  ? -6.245  -3.351  -12.735 1.00 25.04 ? 42  ALA A CB    1 
ATOM   280  N N     . GLY A 1 49  ? -8.889  -3.606  -14.538 1.00 24.55 ? 43  GLY A N     1 
ATOM   281  C CA    . GLY A 1 49  ? -9.700  -4.518  -15.338 1.00 24.91 ? 43  GLY A CA    1 
ATOM   282  C C     . GLY A 1 49  ? -9.602  -5.941  -14.812 1.00 24.91 ? 43  GLY A C     1 
ATOM   283  O O     . GLY A 1 49  ? -8.868  -6.197  -13.855 1.00 23.98 ? 43  GLY A O     1 
ATOM   284  N N     . PRO A 1 50  ? -10.331 -6.883  -15.444 1.00 24.84 ? 44  PRO A N     1 
ATOM   285  C CA    . PRO A 1 50  ? -10.426 -8.272  -14.970 1.00 24.50 ? 44  PRO A CA    1 
ATOM   286  C C     . PRO A 1 50  ? -9.101  -9.049  -14.888 1.00 23.67 ? 44  PRO A C     1 
ATOM   287  O O     . PRO A 1 50  ? -9.023  -10.033 -14.152 1.00 23.65 ? 44  PRO A O     1 
ATOM   288  C CB    . PRO A 1 50  ? -11.359 -8.933  -15.997 1.00 25.38 ? 44  PRO A CB    1 
ATOM   289  C CG    . PRO A 1 50  ? -12.126 -7.816  -16.609 1.00 25.71 ? 44  PRO A CG    1 
ATOM   290  C CD    . PRO A 1 50  ? -11.198 -6.641  -16.613 1.00 25.61 ? 44  PRO A CD    1 
ATOM   291  N N     . ALA A 1 51  ? -8.083  -8.623  -15.636 1.00 22.90 ? 45  ALA A N     1 
ATOM   292  C CA    . ALA A 1 51  ? -6.776  -9.297  -15.619 1.00 22.44 ? 45  ALA A CA    1 
ATOM   293  C C     . ALA A 1 51  ? -6.179  -9.354  -14.219 1.00 22.25 ? 45  ALA A C     1 
ATOM   294  O O     . ALA A 1 51  ? -5.482  -10.309 -13.877 1.00 22.72 ? 45  ALA A O     1 
ATOM   295  C CB    . ALA A 1 51  ? -5.795  -8.597  -16.549 1.00 22.41 ? 45  ALA A CB    1 
ATOM   296  N N     . LEU A 1 52  ? -6.420  -8.315  -13.424 1.00 21.98 ? 46  LEU A N     1 
ATOM   297  C CA    . LEU A 1 52  ? -5.865  -8.252  -12.072 1.00 21.38 ? 46  LEU A CA    1 
ATOM   298  C C     . LEU A 1 52  ? -6.418  -9.370  -11.186 1.00 21.62 ? 46  LEU A C     1 
ATOM   299  O O     . LEU A 1 52  ? -5.655  -10.072 -10.512 1.00 20.81 ? 46  LEU A O     1 
ATOM   300  C CB    . LEU A 1 52  ? -6.118  -6.876  -11.437 1.00 21.31 ? 46  LEU A CB    1 
ATOM   301  C CG    . LEU A 1 52  ? -5.378  -6.633  -10.113 1.00 21.29 ? 46  LEU A CG    1 
ATOM   302  C CD1   . LEU A 1 52  ? -3.873  -6.705  -10.330 1.00 21.66 ? 46  LEU A CD1   1 
ATOM   303  C CD2   . LEU A 1 52  ? -5.744  -5.298  -9.484  1.00 21.43 ? 46  LEU A CD2   1 
ATOM   304  N N     . LEU A 1 53  ? -7.739  -9.538  -11.199 1.00 21.97 ? 47  LEU A N     1 
ATOM   305  C CA    . LEU A 1 53  ? -8.377  -10.597 -10.422 1.00 22.50 ? 47  LEU A CA    1 
ATOM   306  C C     . LEU A 1 53  ? -7.865  -11.970 -10.869 1.00 22.62 ? 47  LEU A C     1 
ATOM   307  O O     . LEU A 1 53  ? -7.568  -12.828 -10.037 1.00 22.22 ? 47  LEU A O     1 
ATOM   308  C CB    . LEU A 1 53  ? -9.904  -10.522 -10.527 1.00 22.98 ? 47  LEU A CB    1 
ATOM   309  C CG    . LEU A 1 53  ? -10.695 -11.626 -9.813  1.00 23.72 ? 47  LEU A CG    1 
ATOM   310  C CD1   . LEU A 1 53  ? -10.361 -11.708 -8.330  1.00 24.01 ? 47  LEU A CD1   1 
ATOM   311  C CD2   . LEU A 1 53  ? -12.187 -11.414 -9.999  1.00 24.02 ? 47  LEU A CD2   1 
ATOM   312  N N     . ASP A 1 54  ? -7.740  -12.166 -12.181 1.00 23.98 ? 48  ASP A N     1 
ATOM   313  C CA    . ASP A 1 54  ? -7.208  -13.429 -12.719 1.00 24.86 ? 48  ASP A CA    1 
ATOM   314  C C     . ASP A 1 54  ? -5.769  -13.687 -12.240 1.00 23.28 ? 48  ASP A C     1 
ATOM   315  O O     . ASP A 1 54  ? -5.426  -14.818 -11.890 1.00 22.78 ? 48  ASP A O     1 
ATOM   316  C CB    . ASP A 1 54  ? -7.318  -13.483 -14.253 1.00 27.11 ? 48  ASP A CB    1 
ATOM   317  C CG    . ASP A 1 54  ? -8.581  -14.205 -14.725 1.00 28.86 ? 48  ASP A CG    1 
ATOM   318  O OD1   . ASP A 1 54  ? -8.609  -15.450 -14.647 1.00 28.77 ? 48  ASP A OD1   1 
ATOM   319  O OD2   . ASP A 1 54  ? -9.535  -13.533 -15.176 1.00 29.36 ? 48  ASP A OD2   1 
ATOM   320  N N     . ALA A 1 55  ? -4.951  -12.636 -12.204 1.00 21.87 ? 49  ALA A N     1 
ATOM   321  C CA    . ALA A 1 55  ? -3.589  -12.716 -11.657 1.00 20.96 ? 49  ALA A CA    1 
ATOM   322  C C     . ALA A 1 55  ? -3.581  -13.033 -10.163 1.00 20.19 ? 49  ALA A C     1 
ATOM   323  O O     . ALA A 1 55  ? -2.732  -13.784 -9.696  1.00 20.08 ? 49  ALA A O     1 
ATOM   324  C CB    . ALA A 1 55  ? -2.827  -11.422 -11.919 1.00 21.26 ? 49  ALA A CB    1 
ATOM   325  N N     . CYS A 1 56  ? -4.509  -12.447 -9.414  1.00 19.87 ? 50  CYS A N     1 
ATOM   326  C CA    . CYS A 1 56  ? -4.642  -12.755 -7.997  1.00 19.42 ? 50  CYS A CA    1 
ATOM   327  C C     . CYS A 1 56  ? -5.065  -14.203 -7.748  1.00 19.47 ? 50  CYS A C     1 
ATOM   328  O O     . CYS A 1 56  ? -4.676  -14.792 -6.738  1.00 19.87 ? 50  CYS A O     1 
ATOM   329  C CB    . CYS A 1 56  ? -5.626  -11.799 -7.333  1.00 19.62 ? 50  CYS A CB    1 
ATOM   330  S SG    . CYS A 1 56  ? -5.000  -10.110 -7.194  1.00 20.79 ? 50  CYS A SG    1 
ATOM   331  N N     . LEU A 1 57  ? -5.866  -14.780 -8.643  1.00 19.71 ? 51  LEU A N     1 
ATOM   332  C CA    . LEU A 1 57  ? -6.250  -16.184 -8.475  1.00 20.44 ? 51  LEU A CA    1 
ATOM   333  C C     . LEU A 1 57  ? -5.057  -17.124 -8.687  1.00 20.42 ? 51  LEU A C     1 
ATOM   334  O O     . LEU A 1 57  ? -4.956  -18.158 -8.024  1.00 21.22 ? 51  LEU A O     1 
ATOM   335  C CB    . LEU A 1 57  ? -7.402  -16.568 -9.404  1.00 21.51 ? 51  LEU A CB    1 
ATOM   336  C CG    . LEU A 1 57  ? -8.745  -15.872 -9.157  1.00 22.27 ? 51  LEU A CG    1 
ATOM   337  C CD1   . LEU A 1 57  ? -9.648  -16.128 -10.351 1.00 22.67 ? 51  LEU A CD1   1 
ATOM   338  C CD2   . LEU A 1 57  ? -9.418  -16.296 -7.854  1.00 22.60 ? 51  LEU A CD2   1 
ATOM   339  N N     . LYS A 1 58  ? -4.164  -16.764 -9.608  1.00 19.73 ? 52  LYS A N     1 
ATOM   340  C CA    . LYS A 1 58  ? -2.929  -17.508 -9.809  1.00 19.90 ? 52  LYS A CA    1 
ATOM   341  C C     . LYS A 1 58  ? -2.075  -17.449 -8.549  1.00 20.10 ? 52  LYS A C     1 
ATOM   342  O O     . LYS A 1 58  ? -1.499  -18.451 -8.136  1.00 21.13 ? 52  LYS A O     1 
ATOM   343  C CB    . LYS A 1 58  ? -2.144  -16.949 -10.994 1.00 19.94 ? 52  LYS A CB    1 
ATOM   344  N N     . VAL A 1 59  ? -2.004  -16.272 -7.936  1.00 20.13 ? 53  VAL A N     1 
ATOM   345  C CA    . VAL A 1 59  ? -1.245  -16.109 -6.703  1.00 19.51 ? 53  VAL A CA    1 
ATOM   346  C C     . VAL A 1 59  ? -1.829  -16.999 -5.609  1.00 20.42 ? 53  VAL A C     1 
ATOM   347  O O     . VAL A 1 59  ? -1.091  -17.613 -4.848  1.00 20.50 ? 53  VAL A O     1 
ATOM   348  C CB    . VAL A 1 59  ? -1.216  -14.639 -6.262  1.00 19.46 ? 53  VAL A CB    1 
ATOM   349  C CG1   . VAL A 1 59  ? -0.712  -14.523 -4.831  1.00 19.64 ? 53  VAL A CG1   1 
ATOM   350  C CG2   . VAL A 1 59  ? -0.357  -13.835 -7.229  1.00 19.66 ? 53  VAL A CG2   1 
ATOM   351  N N     . ARG A 1 60  ? -3.151  -17.090 -5.542  1.00 21.05 ? 54  ARG A N     1 
ATOM   352  C CA    . ARG A 1 60  ? -3.781  -17.987 -4.580  1.00 23.80 ? 54  ARG A CA    1 
ATOM   353  C C     . ARG A 1 60  ? -3.373  -19.443 -4.787  1.00 23.21 ? 54  ARG A C     1 
ATOM   354  O O     . ARG A 1 60  ? -3.234  -20.196 -3.822  1.00 22.18 ? 54  ARG A O     1 
ATOM   355  C CB    . ARG A 1 60  ? -5.288  -17.905 -4.674  1.00 26.90 ? 54  ARG A CB    1 
ATOM   356  C CG    . ARG A 1 60  ? -5.934  -16.716 -4.017  1.00 30.25 ? 54  ARG A CG    1 
ATOM   357  C CD    . ARG A 1 60  ? -7.424  -16.956 -4.163  1.00 33.71 ? 54  ARG A CD    1 
ATOM   358  N NE    . ARG A 1 60  ? -8.161  -16.592 -2.970  1.00 35.36 ? 54  ARG A NE    1 
ATOM   359  C CZ    . ARG A 1 60  ? -8.201  -17.299 -1.845  1.00 40.02 ? 54  ARG A CZ    1 
ATOM   360  N NH1   . ARG A 1 60  ? -7.527  -18.440 -1.702  1.00 40.83 ? 54  ARG A NH1   1 
ATOM   361  N NH2   . ARG A 1 60  ? -8.932  -16.844 -0.840  1.00 40.57 ? 54  ARG A NH2   1 
ATOM   362  N N     . GLN A 1 61  ? -3.193  -19.839 -6.043  1.00 23.70 ? 55  GLN A N     1 
ATOM   363  C CA    . GLN A 1 61  ? -2.725  -21.192 -6.351  1.00 25.02 ? 55  GLN A CA    1 
ATOM   364  C C     . GLN A 1 61  ? -1.286  -21.417 -5.939  1.00 24.48 ? 55  GLN A C     1 
ATOM   365  O O     . GLN A 1 61  ? -0.889  -22.543 -5.645  1.00 24.71 ? 55  GLN A O     1 
ATOM   366  C CB    . GLN A 1 61  ? -2.822  -21.476 -7.837  1.00 27.17 ? 55  GLN A CB    1 
ATOM   367  C CG    . GLN A 1 61  ? -4.229  -21.709 -8.328  1.00 28.91 ? 55  GLN A CG    1 
ATOM   368  C CD    . GLN A 1 61  ? -4.235  -22.184 -9.761  1.00 29.92 ? 55  GLN A CD    1 
ATOM   369  O OE1   . GLN A 1 61  ? -4.926  -23.146 -10.108 1.00 33.85 ? 55  GLN A OE1   1 
ATOM   370  N NE2   . GLN A 1 61  ? -3.445  -21.530 -10.609 1.00 31.02 ? 55  GLN A NE2   1 
ATOM   371  N N     . GLN A 1 62  ? -0.507  -20.344 -5.946  1.00 23.76 ? 56  GLN A N     1 
ATOM   372  C CA    . GLN A 1 62  ? 0.910   -20.417 -5.623  1.00 24.37 ? 56  GLN A CA    1 
ATOM   373  C C     . GLN A 1 62  ? 1.132   -20.369 -4.111  1.00 23.55 ? 56  GLN A C     1 
ATOM   374  O O     . GLN A 1 62  ? 1.943   -21.132 -3.572  1.00 24.78 ? 56  GLN A O     1 
ATOM   375  C CB    . GLN A 1 62  ? 1.665   -19.282 -6.321  1.00 25.29 ? 56  GLN A CB    1 
ATOM   376  C CG    . GLN A 1 62  ? 1.630   -19.389 -7.839  1.00 26.81 ? 56  GLN A CG    1 
ATOM   377  C CD    . GLN A 1 62  ? 2.233   -18.186 -8.549  1.00 28.07 ? 56  GLN A CD    1 
ATOM   378  O OE1   . GLN A 1 62  ? 2.124   -17.049 -8.086  1.00 28.86 ? 56  GLN A OE1   1 
ATOM   379  N NE2   . GLN A 1 62  ? 2.870   -18.434 -9.691  1.00 29.15 ? 56  GLN A NE2   1 
ATOM   380  N N     . GLN A 1 63  ? 0.410   -19.485 -3.426  1.00 22.21 ? 57  GLN A N     1 
ATOM   381  C CA    . GLN A 1 63  ? 0.689   -19.212 -2.012  1.00 21.93 ? 57  GLN A CA    1 
ATOM   382  C C     . GLN A 1 63  ? -0.542  -19.025 -1.102  1.00 21.66 ? 57  GLN A C     1 
ATOM   383  O O     . GLN A 1 63  ? -0.405  -18.613 0.051   1.00 20.95 ? 57  GLN A O     1 
ATOM   384  C CB    . GLN A 1 63  ? 1.623   -18.000 -1.940  1.00 22.25 ? 57  GLN A CB    1 
ATOM   385  C CG    . GLN A 1 63  ? 0.984   -16.688 -2.371  1.00 22.52 ? 57  GLN A CG    1 
ATOM   386  C CD    . GLN A 1 63  ? 0.552   -15.823 -1.201  1.00 22.99 ? 57  GLN A CD    1 
ATOM   387  O OE1   . GLN A 1 63  ? 1.360   -15.477 -0.337  1.00 23.45 ? 57  GLN A OE1   1 
ATOM   388  N NE2   . GLN A 1 63  ? -0.724  -15.456 -1.175  1.00 23.17 ? 57  GLN A NE2   1 
ATOM   389  N N     . GLY A 1 64  ? -1.728  -19.364 -1.601  1.00 21.97 ? 58  GLY A N     1 
ATOM   390  C CA    . GLY A 1 64  ? -2.953  -19.272 -0.810  1.00 22.87 ? 58  GLY A CA    1 
ATOM   391  C C     . GLY A 1 64  ? -3.383  -17.841 -0.542  1.00 23.51 ? 58  GLY A C     1 
ATOM   392  O O     . GLY A 1 64  ? -3.105  -16.943 -1.340  1.00 22.97 ? 58  GLY A O     1 
ATOM   393  N N     . ASP A 1 65  ? -4.073  -17.639 0.582   1.00 24.72 ? 59  ASP A N     1 
ATOM   394  C CA    . ASP A 1 65  ? -4.527  -16.310 1.014   1.00 25.99 ? 59  ASP A CA    1 
ATOM   395  C C     . ASP A 1 65  ? -3.326  -15.442 1.333   1.00 24.37 ? 59  ASP A C     1 
ATOM   396  O O     . ASP A 1 65  ? -2.217  -15.945 1.474   1.00 23.37 ? 59  ASP A O     1 
ATOM   397  C CB    . ASP A 1 65  ? -5.380  -16.405 2.291   1.00 28.85 ? 59  ASP A CB    1 
ATOM   398  C CG    . ASP A 1 65  ? -6.868  -16.529 2.018   1.00 28.80 ? 59  ASP A CG    1 
ATOM   399  O OD1   . ASP A 1 65  ? -7.250  -16.899 0.892   1.00 40.63 ? 59  ASP A OD1   1 
ATOM   400  O OD2   . ASP A 1 65  ? -7.658  -16.261 2.950   1.00 38.37 ? 59  ASP A OD2   1 
ATOM   401  N N     . CYS A 1 66  ? -3.547  -14.141 1.453   1.00 23.10 ? 60  CYS A N     1 
ATOM   402  C CA    . CYS A 1 66  ? -2.494  -13.243 1.895   1.00 22.14 ? 60  CYS A CA    1 
ATOM   403  C C     . CYS A 1 66  ? -2.803  -12.816 3.335   1.00 21.03 ? 60  CYS A C     1 
ATOM   404  O O     . CYS A 1 66  ? -3.700  -12.006 3.558   1.00 20.63 ? 60  CYS A O     1 
ATOM   405  C CB    . CYS A 1 66  ? -2.400  -12.066 0.920   1.00 22.24 ? 60  CYS A CB    1 
ATOM   406  S SG    . CYS A 1 66  ? -1.218  -10.774 1.343   1.00 21.92 ? 60  CYS A SG    1 
ATOM   407  N N     . PRO A 1 67  ? -2.088  -13.397 4.327   1.00 20.21 ? 61  PRO A N     1 
ATOM   408  C CA    . PRO A 1 67  ? -2.378  -13.063 5.725   1.00 19.94 ? 61  PRO A CA    1 
ATOM   409  C C     . PRO A 1 67  ? -2.052  -11.621 6.053   1.00 19.43 ? 61  PRO A C     1 
ATOM   410  O O     . PRO A 1 67  ? -1.274  -10.974 5.351   1.00 19.87 ? 61  PRO A O     1 
ATOM   411  C CB    . PRO A 1 67  ? -1.480  -14.011 6.530   1.00 20.12 ? 61  PRO A CB    1 
ATOM   412  C CG    . PRO A 1 67  ? -0.416  -14.437 5.590   1.00 20.06 ? 61  PRO A CG    1 
ATOM   413  C CD    . PRO A 1 67  ? -0.988  -14.369 4.206   1.00 20.14 ? 61  PRO A CD    1 
ATOM   414  N N     . THR A 1 68  ? -2.678  -11.123 7.110   1.00 19.06 ? 62  THR A N     1 
ATOM   415  C CA    . THR A 1 68  ? -2.399  -9.785  7.613   1.00 19.04 ? 62  THR A CA    1 
ATOM   416  C C     . THR A 1 68  ? -0.891  -9.523  7.710   1.00 18.70 ? 62  THR A C     1 
ATOM   417  O O     . THR A 1 68  ? -0.148  -10.297 8.319   1.00 19.03 ? 62  THR A O     1 
ATOM   418  C CB    . THR A 1 68  ? -3.036  -9.583  8.994   1.00 19.29 ? 62  THR A CB    1 
ATOM   419  O OG1   . THR A 1 68  ? -4.412  -9.984  8.943   1.00 18.80 ? 62  THR A OG1   1 
ATOM   420  C CG2   . THR A 1 68  ? -2.959  -8.127  9.395   1.00 19.65 ? 62  THR A CG2   1 
ATOM   421  N N     . GLY A 1 69  ? -0.460  -8.427  7.087   1.00 18.28 ? 63  GLY A N     1 
ATOM   422  C CA    . GLY A 1 69  ? 0.942   -7.994  7.112   1.00 18.46 ? 63  GLY A CA    1 
ATOM   423  C C     . GLY A 1 69  ? 1.780   -8.488  5.950   1.00 18.62 ? 63  GLY A C     1 
ATOM   424  O O     . GLY A 1 69  ? 2.861   -7.962  5.688   1.00 19.31 ? 63  GLY A O     1 
ATOM   425  N N     . HIS A 1 70  ? 1.277   -9.496  5.252   1.00 18.38 ? 64  HIS A N     1 
ATOM   426  C CA    . HIS A 1 70  ? 1.963   -10.086 4.105   1.00 18.99 ? 64  HIS A CA    1 
ATOM   427  C C     . HIS A 1 70  ? 1.695   -9.281  2.831   1.00 18.54 ? 64  HIS A C     1 
ATOM   428  O O     . HIS A 1 70  ? 0.701   -8.555  2.740   1.00 17.99 ? 64  HIS A O     1 
ATOM   429  C CB    . HIS A 1 70  ? 1.454   -11.516 3.964   1.00 19.64 ? 64  HIS A CB    1 
ATOM   430  C CG    . HIS A 1 70  ? 2.238   -12.387 3.037   1.00 20.08 ? 64  HIS A CG    1 
ATOM   431  N ND1   . HIS A 1 70  ? 3.510   -12.840 3.321   1.00 20.51 ? 64  HIS A ND1   1 
ATOM   432  C CD2   . HIS A 1 70  ? 1.880   -12.979 1.874   1.00 20.46 ? 64  HIS A CD2   1 
ATOM   433  C CE1   . HIS A 1 70  ? 3.914   -13.643 2.352   1.00 20.47 ? 64  HIS A CE1   1 
ATOM   434  N NE2   . HIS A 1 70  ? 2.943   -13.742 1.461   1.00 20.60 ? 64  HIS A NE2   1 
ATOM   435  N N     . ALA A 1 71  ? 2.598   -9.404  1.860   1.00 18.14 ? 65  ALA A N     1 
ATOM   436  C CA    . ALA A 1 71  ? 2.426   -8.771  0.552   1.00 18.03 ? 65  ALA A CA    1 
ATOM   437  C C     . ALA A 1 71  ? 2.772   -9.711  -0.590  1.00 18.20 ? 65  ALA A C     1 
ATOM   438  O O     . ALA A 1 71  ? 3.631   -10.589 -0.455  1.00 18.06 ? 65  ALA A O     1 
ATOM   439  C CB    . ALA A 1 71  ? 3.263   -7.509  0.449   1.00 17.78 ? 65  ALA A CB    1 
ATOM   440  N N     . VAL A 1 72  ? 2.096   -9.493  -1.717  1.00 18.16 ? 66  VAL A N     1 
ATOM   441  C CA    . VAL A 1 72  ? 2.303   -10.253 -2.947  1.00 18.44 ? 66  VAL A CA    1 
ATOM   442  C C     . VAL A 1 72  ? 2.303   -9.297  -4.126  1.00 18.90 ? 66  VAL A C     1 
ATOM   443  O O     . VAL A 1 72  ? 1.652   -8.252  -4.080  1.00 19.17 ? 66  VAL A O     1 
ATOM   444  C CB    . VAL A 1 72  ? 1.201   -11.305 -3.163  1.00 19.00 ? 66  VAL A CB    1 
ATOM   445  C CG1   . VAL A 1 72  ? 1.247   -12.344 -2.058  1.00 19.17 ? 66  VAL A CG1   1 
ATOM   446  C CG2   . VAL A 1 72  ? -0.181  -10.661 -3.229  1.00 19.08 ? 66  VAL A CG2   1 
ATOM   447  N N     . ILE A 1 73  ? 3.034   -9.641  -5.178  1.00 19.02 ? 67  ILE A N     1 
ATOM   448  C CA    . ILE A 1 73  ? 3.122   -8.760  -6.338  1.00 19.11 ? 67  ILE A CA    1 
ATOM   449  C C     . ILE A 1 73  ? 2.474   -9.418  -7.554  1.00 19.00 ? 67  ILE A C     1 
ATOM   450  O O     . ILE A 1 73  ? 2.560   -10.637 -7.730  1.00 19.00 ? 67  ILE A O     1 
ATOM   451  C CB    . ILE A 1 73  ? 4.583   -8.316  -6.604  1.00 19.75 ? 67  ILE A CB    1 
ATOM   452  C CG1   . ILE A 1 73  ? 4.613   -7.134  -7.576  1.00 19.86 ? 67  ILE A CG1   1 
ATOM   453  C CG2   . ILE A 1 73  ? 5.453   -9.474  -7.085  1.00 19.96 ? 67  ILE A CG2   1 
ATOM   454  C CD1   . ILE A 1 73  ? 5.969   -6.470  -7.660  1.00 19.84 ? 67  ILE A CD1   1 
ATOM   455  N N     . THR A 1 74  ? 1.803   -8.603  -8.370  1.00 18.68 ? 68  THR A N     1 
ATOM   456  C CA    . THR A 1 74  ? 1.149   -9.075  -9.592  1.00 19.18 ? 68  THR A CA    1 
ATOM   457  C C     . THR A 1 74  ? 1.327   -8.050  -10.692 1.00 19.71 ? 68  THR A C     1 
ATOM   458  O O     . THR A 1 74  ? 1.812   -6.938  -10.460 1.00 19.55 ? 68  THR A O     1 
ATOM   459  C CB    . THR A 1 74  ? -0.389  -9.274  -9.467  1.00 19.06 ? 68  THR A CB    1 
ATOM   460  O OG1   . THR A 1 74  ? -1.034  -8.017  -9.216  1.00 18.70 ? 68  THR A OG1   1 
ATOM   461  C CG2   . THR A 1 74  ? -0.770  -10.271 -8.388  1.00 19.25 ? 68  THR A CG2   1 
ATOM   462  N N     . LEU A 1 75  ? 0.912   -8.440  -11.892 1.00 20.59 ? 69  LEU A N     1 
ATOM   463  C CA    . LEU A 1 75  ? 0.775   -7.510  -13.008 1.00 21.62 ? 69  LEU A CA    1 
ATOM   464  C C     . LEU A 1 75  ? -0.210  -6.395  -12.652 1.00 21.49 ? 69  LEU A C     1 
ATOM   465  O O     . LEU A 1 75  ? -0.965  -6.515  -11.681 1.00 21.44 ? 69  LEU A O     1 
ATOM   466  C CB    . LEU A 1 75  ? 0.319   -8.249  -14.279 1.00 22.64 ? 69  LEU A CB    1 
ATOM   467  C CG    . LEU A 1 75  ? -0.944  -9.133  -14.251 1.00 23.58 ? 69  LEU A CG    1 
ATOM   468  C CD1   . LEU A 1 75  ? -2.246  -8.344  -14.317 1.00 23.76 ? 69  LEU A CD1   1 
ATOM   469  C CD2   . LEU A 1 75  ? -0.893  -10.138 -15.395 1.00 24.09 ? 69  LEU A CD2   1 
ATOM   470  N N     . ALA A 1 76  ? -0.217  -5.324  -13.443 1.00 21.24 ? 70  ALA A N     1 
ATOM   471  C CA    . ALA A 1 76  ? -1.090  -4.169  -13.162 1.00 21.25 ? 70  ALA A CA    1 
ATOM   472  C C     . ALA A 1 76  ? -2.245  -3.928  -14.146 1.00 22.04 ? 70  ALA A C     1 
ATOM   473  O O     . ALA A 1 76  ? -3.024  -2.995  -13.945 1.00 21.81 ? 70  ALA A O     1 
ATOM   474  C CB    . ALA A 1 76  ? -0.258  -2.901  -13.010 1.00 21.27 ? 70  ALA A CB    1 
ATOM   475  N N     . GLY A 1 77  ? -2.385  -4.755  -15.181 1.00 22.63 ? 71  GLY A N     1 
ATOM   476  C CA    . GLY A 1 77  ? -3.509  -4.605  -16.112 1.00 23.41 ? 71  GLY A CA    1 
ATOM   477  C C     . GLY A 1 77  ? -3.491  -3.243  -16.792 1.00 24.40 ? 71  GLY A C     1 
ATOM   478  O O     . GLY A 1 77  ? -2.431  -2.765  -17.202 1.00 24.36 ? 71  GLY A O     1 
ATOM   479  N N     . ASP A 1 78  ? -4.664  -2.615  -16.890 1.00 25.82 ? 72  ASP A N     1 
ATOM   480  C CA    . ASP A 1 78  ? -4.803  -1.304  -17.525 1.00 27.04 ? 72  ASP A CA    1 
ATOM   481  C C     . ASP A 1 78  ? -4.376  -0.134  -16.628 1.00 27.13 ? 72  ASP A C     1 
ATOM   482  O O     . ASP A 1 78  ? -4.474  1.017   -17.057 1.00 27.70 ? 72  ASP A O     1 
ATOM   483  C CB    . ASP A 1 78  ? -6.250  -1.070  -17.989 1.00 28.67 ? 72  ASP A CB    1 
ATOM   484  C CG    . ASP A 1 78  ? -6.716  -2.084  -19.025 1.00 29.80 ? 72  ASP A CG    1 
ATOM   485  O OD1   . ASP A 1 78  ? -5.894  -2.533  -19.851 1.00 31.16 ? 72  ASP A OD1   1 
ATOM   486  O OD2   . ASP A 1 78  ? -7.918  -2.424  -19.016 1.00 31.18 ? 72  ASP A OD2   1 
ATOM   487  N N     . LEU A 1 79  ? -3.914  -0.388  -15.400 1.00 26.64 ? 73  LEU A N     1 
ATOM   488  C CA    . LEU A 1 79  ? -3.361  0.713   -14.585 1.00 26.25 ? 73  LEU A CA    1 
ATOM   489  C C     . LEU A 1 79  ? -2.116  1.319   -15.234 1.00 27.25 ? 73  LEU A C     1 
ATOM   490  O O     . LEU A 1 79  ? -1.386  0.621   -15.947 1.00 26.74 ? 73  LEU A O     1 
ATOM   491  C CB    . LEU A 1 79  ? -2.973  0.255   -13.177 1.00 25.31 ? 73  LEU A CB    1 
ATOM   492  C CG    . LEU A 1 79  ? -4.113  -0.145  -12.244 1.00 24.53 ? 73  LEU A CG    1 
ATOM   493  C CD1   . LEU A 1 79  ? -3.614  -1.055  -11.130 1.00 24.18 ? 73  LEU A CD1   1 
ATOM   494  C CD2   . LEU A 1 79  ? -4.797  1.089   -11.673 1.00 24.66 ? 73  LEU A CD2   1 
ATOM   495  N N     . PRO A 1 80  ? -1.847  2.614   -14.966 1.00 28.48 ? 74  PRO A N     1 
ATOM   496  C CA    . PRO A 1 80  ? -0.598  3.227   -15.428 1.00 29.14 ? 74  PRO A CA    1 
ATOM   497  C C     . PRO A 1 80  ? 0.589   2.881   -14.529 1.00 28.77 ? 74  PRO A C     1 
ATOM   498  O O     . PRO A 1 80  ? 1.386   3.749   -14.172 1.00 29.78 ? 74  PRO A O     1 
ATOM   499  C CB    . PRO A 1 80  ? -0.904  4.722   -15.356 1.00 29.59 ? 74  PRO A CB    1 
ATOM   500  C CG    . PRO A 1 80  ? -1.843  4.833   -14.206 1.00 29.70 ? 74  PRO A CG    1 
ATOM   501  C CD    . PRO A 1 80  ? -2.705  3.598   -14.274 1.00 29.32 ? 74  PRO A CD    1 
ATOM   502  N N     . ALA A 1 81  ? 0.702   1.612   -14.174 1.00 27.78 ? 75  ALA A N     1 
ATOM   503  C CA    . ALA A 1 81  ? 1.765   1.159   -13.313 1.00 26.38 ? 75  ALA A CA    1 
ATOM   504  C C     . ALA A 1 81  ? 2.286   -0.128  -13.925 1.00 25.50 ? 75  ALA A C     1 
ATOM   505  O O     . ALA A 1 81  ? 1.649   -0.706  -14.811 1.00 24.24 ? 75  ALA A O     1 
ATOM   506  C CB    . ALA A 1 81  ? 1.244   0.955   -11.894 1.00 26.39 ? 75  ALA A CB    1 
ATOM   507  N N     . LYS A 1 82  ? 3.464   -0.551  -13.499 1.00 24.97 ? 76  LYS A N     1 
ATOM   508  C CA    . LYS A 1 82  ? 4.047   -1.782  -14.016 1.00 25.69 ? 76  LYS A CA    1 
ATOM   509  C C     . LYS A 1 82  ? 3.627   -2.999  -13.221 1.00 24.14 ? 76  LYS A C     1 
ATOM   510  O O     . LYS A 1 82  ? 3.600   -4.112  -13.744 1.00 24.07 ? 76  LYS A O     1 
ATOM   511  C CB    . LYS A 1 82  ? 5.556   -1.680  -14.011 1.00 27.53 ? 76  LYS A CB    1 
ATOM   512  C CG    . LYS A 1 82  ? 6.061   -0.630  -14.967 1.00 29.69 ? 76  LYS A CG    1 
ATOM   513  C CD    . LYS A 1 82  ? 7.568   -0.600  -14.938 1.00 31.94 ? 76  LYS A CD    1 
ATOM   514  C CE    . LYS A 1 82  ? 8.094   0.308   -16.025 1.00 33.59 ? 76  LYS A CE    1 
ATOM   515  N NZ    . LYS A 1 82  ? 9.507   0.648   -15.734 1.00 34.63 ? 76  LYS A NZ    1 
ATOM   516  N N     . ALA A 1 83  ? 3.322   -2.780  -11.950 1.00 22.36 ? 77  ALA A N     1 
ATOM   517  C CA    . ALA A 1 83  ? 2.940   -3.858  -11.056 1.00 21.70 ? 77  ALA A CA    1 
ATOM   518  C C     . ALA A 1 83  ? 2.052   -3.329  -9.945  1.00 20.98 ? 77  ALA A C     1 
ATOM   519  O O     . ALA A 1 83  ? 2.022   -2.130  -9.678  1.00 20.53 ? 77  ALA A O     1 
ATOM   520  C CB    . ALA A 1 83  ? 4.180   -4.510  -10.471 1.00 21.74 ? 77  ALA A CB    1 
ATOM   521  N N     . VAL A 1 84  ? 1.312   -4.234  -9.321  1.00 20.26 ? 78  VAL A N     1 
ATOM   522  C CA    . VAL A 1 84  ? 0.540   -3.920  -8.131  1.00 19.81 ? 78  VAL A CA    1 
ATOM   523  C C     . VAL A 1 84  ? 1.045   -4.811  -7.012  1.00 19.35 ? 78  VAL A C     1 
ATOM   524  O O     . VAL A 1 84  ? 1.121   -6.026  -7.180  1.00 19.26 ? 78  VAL A O     1 
ATOM   525  C CB    . VAL A 1 84  ? -0.963  -4.179  -8.346  1.00 19.99 ? 78  VAL A CB    1 
ATOM   526  C CG1   . VAL A 1 84  ? -1.734  -4.011  -7.046  1.00 19.76 ? 78  VAL A CG1   1 
ATOM   527  C CG2   . VAL A 1 84  ? -1.510  -3.232  -9.399  1.00 20.33 ? 78  VAL A CG2   1 
ATOM   528  N N     . VAL A 1 85  ? 1.416   -4.211  -5.885  1.00 18.37 ? 79  VAL A N     1 
ATOM   529  C CA    . VAL A 1 85  ? 1.694   -4.979  -4.679  1.00 18.11 ? 79  VAL A CA    1 
ATOM   530  C C     . VAL A 1 85  ? 0.426   -4.992  -3.813  1.00 17.61 ? 79  VAL A C     1 
ATOM   531  O O     . VAL A 1 85  ? -0.077  -3.944  -3.401  1.00 18.05 ? 79  VAL A O     1 
ATOM   532  C CB    . VAL A 1 85  ? 2.920   -4.434  -3.914  1.00 18.20 ? 79  VAL A CB    1 
ATOM   533  C CG1   . VAL A 1 85  ? 3.033   -5.063  -2.531  1.00 18.60 ? 79  VAL A CG1   1 
ATOM   534  C CG2   . VAL A 1 85  ? 4.196   -4.704  -4.701  1.00 18.49 ? 79  VAL A CG2   1 
ATOM   535  N N     . HIS A 1 86  ? -0.097  -6.187  -3.563  1.00 17.12 ? 80  HIS A N     1 
ATOM   536  C CA    . HIS A 1 86  ? -1.263  -6.364  -2.694  1.00 16.72 ? 80  HIS A CA    1 
ATOM   537  C C     . HIS A 1 86  ? -0.780  -6.693  -1.285  1.00 16.89 ? 80  HIS A C     1 
ATOM   538  O O     . HIS A 1 86  ? 0.009   -7.618  -1.099  1.00 17.34 ? 80  HIS A O     1 
ATOM   539  C CB    . HIS A 1 86  ? -2.182  -7.486  -3.220  1.00 16.43 ? 80  HIS A CB    1 
ATOM   540  C CG    . HIS A 1 86  ? -2.464  -7.408  -4.694  1.00 16.41 ? 80  HIS A CG    1 
ATOM   541  N ND1   . HIS A 1 86  ? -3.678  -6.994  -5.199  1.00 16.36 ? 80  HIS A ND1   1 
ATOM   542  C CD2   . HIS A 1 86  ? -1.689  -7.689  -5.770  1.00 16.61 ? 80  HIS A CD2   1 
ATOM   543  C CE1   . HIS A 1 86  ? -3.640  -7.023  -6.518  1.00 16.64 ? 80  HIS A CE1   1 
ATOM   544  N NE2   . HIS A 1 86  ? -2.443  -7.438  -6.891  1.00 16.78 ? 80  HIS A NE2   1 
ATOM   545  N N     . THR A 1 87  ? -1.222  -5.916  -0.304  1.00 16.61 ? 81  THR A N     1 
ATOM   546  C CA    . THR A 1 87  ? -0.925  -6.213  1.091   1.00 16.84 ? 81  THR A CA    1 
ATOM   547  C C     . THR A 1 87  ? -2.209  -6.068  1.895   1.00 17.06 ? 81  THR A C     1 
ATOM   548  O O     . THR A 1 87  ? -3.199  -5.502  1.410   1.00 17.94 ? 81  THR A O     1 
ATOM   549  C CB    . THR A 1 87  ? 0.222   -5.340  1.638   1.00 16.93 ? 81  THR A CB    1 
ATOM   550  O OG1   . THR A 1 87  ? 0.654   -5.840  2.912   1.00 17.12 ? 81  THR A OG1   1 
ATOM   551  C CG2   . THR A 1 87  ? -0.198  -3.895  1.761   1.00 16.94 ? 81  THR A CG2   1 
ATOM   552  N N     . VAL A 1 88  ? -2.201  -6.621  3.100   1.00 16.99 ? 82  VAL A N     1 
ATOM   553  C CA    . VAL A 1 88  ? -3.389  -6.644  3.947   1.00 16.54 ? 82  VAL A CA    1 
ATOM   554  C C     . VAL A 1 88  ? -3.029  -5.984  5.264   1.00 16.67 ? 82  VAL A C     1 
ATOM   555  O O     . VAL A 1 88  ? -2.225  -6.509  6.037   1.00 16.21 ? 82  VAL A O     1 
ATOM   556  C CB    . VAL A 1 88  ? -3.909  -8.079  4.191   1.00 16.06 ? 82  VAL A CB    1 
ATOM   557  C CG1   . VAL A 1 88  ? -5.071  -8.069  5.180   1.00 16.41 ? 82  VAL A CG1   1 
ATOM   558  C CG2   . VAL A 1 88  ? -4.350  -8.722  2.882   1.00 15.79 ? 82  VAL A CG2   1 
ATOM   559  N N     . GLY A 1 89  ? -3.609  -4.818  5.515   1.00 16.94 ? 83  GLY A N     1 
ATOM   560  C CA    . GLY A 1 89  ? -3.364  -4.136  6.774   1.00 17.12 ? 83  GLY A CA    1 
ATOM   561  C C     . GLY A 1 89  ? -4.167  -4.778  7.890   1.00 17.40 ? 83  GLY A C     1 
ATOM   562  O O     . GLY A 1 89  ? -5.098  -5.538  7.629   1.00 17.52 ? 83  GLY A O     1 
ATOM   563  N N     . PRO A 1 90  ? -3.813  -4.478  9.148   1.00 17.94 ? 84  PRO A N     1 
ATOM   564  C CA    . PRO A 1 90  ? -4.600  -4.991  10.263  1.00 18.26 ? 84  PRO A CA    1 
ATOM   565  C C     . PRO A 1 90  ? -5.965  -4.314  10.391  1.00 18.67 ? 84  PRO A C     1 
ATOM   566  O O     . PRO A 1 90  ? -6.140  -3.165  9.976   1.00 18.42 ? 84  PRO A O     1 
ATOM   567  C CB    . PRO A 1 90  ? -3.754  -4.632  11.483  1.00 18.42 ? 84  PRO A CB    1 
ATOM   568  C CG    . PRO A 1 90  ? -2.967  -3.440  11.060  1.00 18.22 ? 84  PRO A CG    1 
ATOM   569  C CD    . PRO A 1 90  ? -2.714  -3.601  9.594   1.00 18.05 ? 84  PRO A CD    1 
ATOM   570  N N     . VAL A 1 91  ? -6.908  -5.031  10.987  1.00 19.00 ? 85  VAL A N     1 
ATOM   571  C CA    . VAL A 1 91  ? -8.176  -4.453  11.413  1.00 19.35 ? 85  VAL A CA    1 
ATOM   572  C C     . VAL A 1 91  ? -7.928  -3.882  12.798  1.00 20.43 ? 85  VAL A C     1 
ATOM   573  O O     . VAL A 1 91  ? -7.415  -4.577  13.679  1.00 20.47 ? 85  VAL A O     1 
ATOM   574  C CB    . VAL A 1 91  ? -9.287  -5.519  11.462  1.00 19.14 ? 85  VAL A CB    1 
ATOM   575  C CG1   . VAL A 1 91  ? -10.606 -4.933  11.962  1.00 19.30 ? 85  VAL A CG1   1 
ATOM   576  C CG2   . VAL A 1 91  ? -9.483  -6.126  10.082  1.00 19.09 ? 85  VAL A CG2   1 
ATOM   577  N N     . TRP A 1 92  ? -8.259  -2.610  12.984  1.00 22.14 ? 86  TRP A N     1 
ATOM   578  C CA    . TRP A 1 92  ? -8.091  -1.982  14.284  1.00 24.35 ? 86  TRP A CA    1 
ATOM   579  C C     . TRP A 1 92  ? -9.089  -2.562  15.282  1.00 26.75 ? 86  TRP A C     1 
ATOM   580  O O     . TRP A 1 92  ? -10.297 -2.534  15.060  1.00 26.00 ? 86  TRP A O     1 
ATOM   581  C CB    . TRP A 1 92  ? -8.285  -0.477  14.194  1.00 25.01 ? 86  TRP A CB    1 
ATOM   582  C CG    . TRP A 1 92  ? -8.019  0.205   15.489  1.00 26.63 ? 86  TRP A CG    1 
ATOM   583  C CD1   . TRP A 1 92  ? -8.941  0.752   16.335  1.00 27.57 ? 86  TRP A CD1   1 
ATOM   584  C CD2   . TRP A 1 92  ? -6.741  0.392   16.108  1.00 27.42 ? 86  TRP A CD2   1 
ATOM   585  N NE1   . TRP A 1 92  ? -8.313  1.287   17.435  1.00 28.17 ? 86  TRP A NE1   1 
ATOM   586  C CE2   . TRP A 1 92  ? -6.963  1.075   17.322  1.00 28.10 ? 86  TRP A CE2   1 
ATOM   587  C CE3   . TRP A 1 92  ? -5.428  0.058   15.747  1.00 26.90 ? 86  TRP A CE3   1 
ATOM   588  C CZ2   . TRP A 1 92  ? -5.920  1.431   18.181  1.00 28.41 ? 86  TRP A CZ2   1 
ATOM   589  C CZ3   . TRP A 1 92  ? -4.392  0.411   16.599  1.00 27.97 ? 86  TRP A CZ3   1 
ATOM   590  C CH2   . TRP A 1 92  ? -4.646  1.091   17.804  1.00 28.21 ? 86  TRP A CH2   1 
ATOM   591  N N     . ARG A 1 93  ? -8.563  -3.096  16.375  1.00 30.62 ? 87  ARG A N     1 
ATOM   592  C CA    . ARG A 1 93  ? -9.371  -3.673  17.439  1.00 34.24 ? 87  ARG A CA    1 
ATOM   593  C C     . ARG A 1 93  ? -8.950  -3.046  18.778  1.00 35.34 ? 87  ARG A C     1 
ATOM   594  O O     . ARG A 1 93  ? -9.127  -3.634  19.845  1.00 36.09 ? 87  ARG A O     1 
ATOM   595  C CB    . ARG A 1 93  ? -9.229  -5.198  17.378  1.00 37.41 ? 87  ARG A CB    1 
ATOM   596  C CG    . ARG A 1 93  ? -9.848  -5.724  16.079  1.00 40.47 ? 87  ARG A CG    1 
ATOM   597  C CD    . ARG A 1 93  ? -9.307  -7.056  15.607  1.00 43.44 ? 87  ARG A CD    1 
ATOM   598  N NE    . ARG A 1 93  ? -10.030 -8.159  16.217  1.00 46.62 ? 87  ARG A NE    1 
ATOM   599  C CZ    . ARG A 1 93  ? -9.544  -9.386  16.365  1.00 49.04 ? 87  ARG A CZ    1 
ATOM   600  N NH1   . ARG A 1 93  ? -10.291 -10.315 16.947  1.00 50.16 ? 87  ARG A NH1   1 
ATOM   601  N NH2   . ARG A 1 93  ? -8.319  -9.691  15.943  1.00 50.00 ? 87  ARG A NH2   1 
ATOM   602  N N     . GLY A 1 94  ? -8.408  -1.829  18.690  1.00 35.91 ? 88  GLY A N     1 
ATOM   603  C CA    . GLY A 1 94  ? -8.104  -1.002  19.861  1.00 37.54 ? 88  GLY A CA    1 
ATOM   604  C C     . GLY A 1 94  ? -6.695  -1.087  20.428  1.00 38.59 ? 88  GLY A C     1 
ATOM   605  O O     . GLY A 1 94  ? -6.442  -0.581  21.523  1.00 39.72 ? 88  GLY A O     1 
ATOM   606  N N     . GLY A 1 95  ? -5.782  -1.732  19.707  1.00 39.41 ? 89  GLY A N     1 
ATOM   607  C CA    . GLY A 1 95  ? -4.352  -1.598  19.993  1.00 39.89 ? 89  GLY A CA    1 
ATOM   608  C C     . GLY A 1 95  ? -3.671  -2.721  20.744  1.00 41.01 ? 89  GLY A C     1 
ATOM   609  O O     . GLY A 1 95  ? -2.453  -2.686  20.913  1.00 41.39 ? 89  GLY A O     1 
ATOM   610  N N     . GLU A 1 96  ? -4.426  -3.715  21.195  1.00 42.39 ? 90  GLU A N     1 
ATOM   611  C CA    . GLU A 1 96  ? -3.838  -4.760  22.024  1.00 43.63 ? 90  GLU A CA    1 
ATOM   612  C C     . GLU A 1 96  ? -3.763  -6.113  21.274  1.00 42.26 ? 90  GLU A C     1 
ATOM   613  O O     . GLU A 1 96  ? -3.502  -7.150  21.886  1.00 42.67 ? 90  GLU A O     1 
ATOM   614  C CB    . GLU A 1 96  ? -4.578  -4.854  23.380  1.00 46.05 ? 90  GLU A CB    1 
ATOM   615  C CG    . GLU A 1 96  ? -5.306  -3.575  23.845  1.00 47.61 ? 90  GLU A CG    1 
ATOM   616  C CD    . GLU A 1 96  ? -4.401  -2.389  24.171  1.00 48.17 ? 90  GLU A CD    1 
ATOM   617  O OE1   . GLU A 1 96  ? -4.849  -1.233  23.986  1.00 50.01 ? 90  GLU A OE1   1 
ATOM   618  O OE2   . GLU A 1 96  ? -3.255  -2.602  24.619  1.00 49.47 ? 90  GLU A OE2   1 
ATOM   619  N N     . GLN A 1 97  ? -3.967  -6.077  19.948  1.00 40.17 ? 91  GLN A N     1 
ATOM   620  C CA    . GLN A 1 97  ? -3.804  -7.248  19.064  1.00 38.85 ? 91  GLN A CA    1 
ATOM   621  C C     . GLN A 1 97  ? -2.643  -7.060  18.090  1.00 36.04 ? 91  GLN A C     1 
ATOM   622  O O     . GLN A 1 97  ? -2.639  -7.661  17.012  1.00 35.07 ? 91  GLN A O     1 
ATOM   623  C CB    . GLN A 1 97  ? -5.045  -7.494  18.196  1.00 41.15 ? 91  GLN A CB    1 
ATOM   624  C CG    . GLN A 1 97  ? -6.394  -7.428  18.886  1.00 42.85 ? 91  GLN A CG    1 
ATOM   625  C CD    . GLN A 1 97  ? -6.679  -8.577  19.841  1.00 44.22 ? 91  GLN A CD    1 
ATOM   626  O OE1   . GLN A 1 97  ? -7.610  -8.488  20.640  1.00 44.45 ? 91  GLN A OE1   1 
ATOM   627  N NE2   . GLN A 1 97  ? -5.900  -9.659  19.766  1.00 45.19 ? 91  GLN A NE2   1 
ATOM   628  N N     . ASN A 1 98  ? -1.679  -6.213  18.440  1.00 33.93 ? 92  ASN A N     1 
ATOM   629  C CA    . ASN A 1 98  ? -0.464  -6.069  17.640  1.00 33.30 ? 92  ASN A CA    1 
ATOM   630  C C     . ASN A 1 98  ? -0.669  -5.408  16.278  1.00 29.51 ? 92  ASN A C     1 
ATOM   631  O O     . ASN A 1 98  ? 0.088   -5.647  15.324  1.00 27.67 ? 92  ASN A O     1 
ATOM   632  C CB    . ASN A 1 98  ? 0.163   -7.438  17.437  1.00 35.41 ? 92  ASN A CB    1 
ATOM   633  C CG    . ASN A 1 98  ? 1.587   -7.468  17.874  1.00 36.69 ? 92  ASN A CG    1 
ATOM   634  O OD1   . ASN A 1 98  ? 2.492   -7.337  17.060  1.00 36.58 ? 92  ASN A OD1   1 
ATOM   635  N ND2   . ASN A 1 98  ? 1.800   -7.606  19.176  1.00 38.14 ? 92  ASN A ND2   1 
ATOM   636  N N     . GLU A 1 99  ? -1.684  -4.558  16.210  1.00 26.91 ? 93  GLU A N     1 
ATOM   637  C CA    . GLU A 1 99  ? -2.020  -3.853  14.983  1.00 25.22 ? 93  GLU A CA    1 
ATOM   638  C C     . GLU A 1 99  ? -0.890  -2.930  14.516  1.00 24.27 ? 93  GLU A C     1 
ATOM   639  O O     . GLU A 1 99  ? -0.644  -2.802  13.317  1.00 22.17 ? 93  GLU A O     1 
ATOM   640  C CB    . GLU A 1 99  ? -3.308  -3.053  15.174  1.00 25.41 ? 93  GLU A CB    1 
ATOM   641  C CG    . GLU A 1 99  ? -4.505  -3.899  15.589  1.00 25.34 ? 93  GLU A CG    1 
ATOM   642  C CD    . GLU A 1 99  ? -4.807  -3.813  17.075  1.00 26.25 ? 93  GLU A CD    1 
ATOM   643  O OE1   . GLU A 1 99  ? -5.975  -3.531  17.424  1.00 26.57 ? 93  GLU A OE1   1 
ATOM   644  O OE2   . GLU A 1 99  ? -3.882  -4.015  17.892  1.00 27.03 ? 93  GLU A OE2   1 
ATOM   645  N N     . ASP A 1 100 ? -0.186  -2.304  15.452  1.00 24.32 ? 94  ASP A N     1 
ATOM   646  C CA    . ASP A 1 100 ? 0.890   -1.388  15.078  1.00 25.20 ? 94  ASP A CA    1 
ATOM   647  C C     . ASP A 1 100 ? 2.027   -2.114  14.355  1.00 24.59 ? 94  ASP A C     1 
ATOM   648  O O     . ASP A 1 100 ? 2.565   -1.611  13.360  1.00 22.97 ? 94  ASP A O     1 
ATOM   649  C CB    . ASP A 1 100 ? 1.407   -0.600  16.290  1.00 26.83 ? 94  ASP A CB    1 
ATOM   650  C CG    . ASP A 1 100 ? 1.962   -1.486  17.401  1.00 28.22 ? 94  ASP A CG    1 
ATOM   651  O OD1   . ASP A 1 100 ? 1.680   -2.712  17.431  1.00 29.66 ? 94  ASP A OD1   1 
ATOM   652  O OD2   . ASP A 1 100 ? 2.687   -0.937  18.262  1.00 29.49 ? 94  ASP A OD2   1 
ATOM   653  N N     . GLN A 1 101 ? 2.371   -3.300  14.854  1.00 24.54 ? 95  GLN A N     1 
ATOM   654  C CA    . GLN A 1 101 ? 3.392   -4.138  14.233  1.00 25.11 ? 95  GLN A CA    1 
ATOM   655  C C     . GLN A 1 101 ? 2.920   -4.692  12.893  1.00 23.92 ? 95  GLN A C     1 
ATOM   656  O O     . GLN A 1 101 ? 3.702   -4.766  11.946  1.00 24.00 ? 95  GLN A O     1 
ATOM   657  C CB    . GLN A 1 101 ? 3.795   -5.277  15.167  1.00 27.27 ? 95  GLN A CB    1 
ATOM   658  C CG    . GLN A 1 101 ? 4.428   -4.762  16.452  1.00 29.44 ? 95  GLN A CG    1 
ATOM   659  C CD    . GLN A 1 101 ? 5.157   -5.829  17.249  1.00 31.65 ? 95  GLN A CD    1 
ATOM   660  O OE1   . GLN A 1 101 ? 4.964   -7.026  17.037  1.00 31.81 ? 95  GLN A OE1   1 
ATOM   661  N NE2   . GLN A 1 101 ? 6.009   -5.394  18.170  1.00 32.65 ? 95  GLN A NE2   1 
ATOM   662  N N     . LEU A 1 102 ? 1.647   -5.068  12.809  1.00 22.24 ? 96  LEU A N     1 
ATOM   663  C CA    . LEU A 1 102 ? 1.105   -5.623  11.571  1.00 21.48 ? 96  LEU A CA    1 
ATOM   664  C C     . LEU A 1 102 ? 1.009   -4.571  10.464  1.00 20.08 ? 96  LEU A C     1 
ATOM   665  O O     . LEU A 1 102 ? 1.249   -4.880  9.292   1.00 20.43 ? 96  LEU A O     1 
ATOM   666  C CB    . LEU A 1 102 ? -0.249  -6.283  11.836  1.00 22.38 ? 96  LEU A CB    1 
ATOM   667  C CG    . LEU A 1 102 ? -0.142  -7.569  12.662  1.00 23.27 ? 96  LEU A CG    1 
ATOM   668  C CD1   . LEU A 1 102 ? -1.491  -7.970  13.240  1.00 23.78 ? 96  LEU A CD1   1 
ATOM   669  C CD2   . LEU A 1 102 ? 0.428   -8.693  11.813  1.00 23.67 ? 96  LEU A CD2   1 
ATOM   670  N N     . LEU A 1 103 ? 0.681   -3.332  10.830  1.00 19.31 ? 97  LEU A N     1 
ATOM   671  C CA    . LEU A 1 103 ? 0.641   -2.243  9.853   1.00 19.05 ? 97  LEU A CA    1 
ATOM   672  C C     . LEU A 1 103 ? 2.050   -1.965  9.367   1.00 19.33 ? 97  LEU A C     1 
ATOM   673  O O     . LEU A 1 103 ? 2.278   -1.795  8.177   1.00 18.08 ? 97  LEU A O     1 
ATOM   674  C CB    . LEU A 1 103 ? 0.020   -0.961  10.430  1.00 18.95 ? 97  LEU A CB    1 
ATOM   675  C CG    . LEU A 1 103 ? -0.211  0.183   9.425   1.00 18.73 ? 97  LEU A CG    1 
ATOM   676  C CD1   . LEU A 1 103 ? -1.165  -0.245  8.313   1.00 18.73 ? 97  LEU A CD1   1 
ATOM   677  C CD2   . LEU A 1 103 ? -0.718  1.448   10.118  1.00 18.69 ? 97  LEU A CD2   1 
ATOM   678  N N     . GLN A 1 104 ? 3.002   -1.944  10.290  1.00 20.42 ? 98  GLN A N     1 
ATOM   679  C CA    . GLN A 1 104 ? 4.395   -1.765  9.915   1.00 21.83 ? 98  GLN A CA    1 
ATOM   680  C C     . GLN A 1 104 ? 4.847   -2.859  8.944   1.00 20.90 ? 98  GLN A C     1 
ATOM   681  O O     . GLN A 1 104 ? 5.503   -2.562  7.946   1.00 20.69 ? 98  GLN A O     1 
ATOM   682  C CB    . GLN A 1 104 ? 5.291   -1.736  11.150  1.00 24.37 ? 98  GLN A CB    1 
ATOM   683  C CG    . GLN A 1 104 ? 6.765   -1.597  10.821  1.00 26.90 ? 98  GLN A CG    1 
ATOM   684  C CD    . GLN A 1 104 ? 7.606   -1.359  12.054  1.00 28.84 ? 98  GLN A CD    1 
ATOM   685  O OE1   . GLN A 1 104 ? 7.505   -2.096  13.036  1.00 29.76 ? 98  GLN A OE1   1 
ATOM   686  N NE2   . GLN A 1 104 ? 8.437   -0.323  12.017  1.00 29.91 ? 98  GLN A NE2   1 
ATOM   687  N N     . ASP A 1 105 ? 4.480   -4.109  9.239   1.00 20.43 ? 99  ASP A N     1 
ATOM   688  C CA    . ASP A 1 105 ? 4.772   -5.249  8.361   1.00 20.68 ? 99  ASP A CA    1 
ATOM   689  C C     . ASP A 1 105 ? 4.234   -5.031  6.949   1.00 19.61 ? 99  ASP A C     1 
ATOM   690  O O     . ASP A 1 105 ? 4.920   -5.346  5.974   1.00 18.99 ? 99  ASP A O     1 
ATOM   691  C CB    . ASP A 1 105 ? 4.158   -6.562  8.880   1.00 22.31 ? 99  ASP A CB    1 
ATOM   692  C CG    . ASP A 1 105 ? 4.810   -7.084  10.160  1.00 23.60 ? 99  ASP A CG    1 
ATOM   693  O OD1   . ASP A 1 105 ? 5.895   -6.606  10.552  1.00 25.03 ? 99  ASP A OD1   1 
ATOM   694  O OD2   . ASP A 1 105 ? 4.219   -8.001  10.773  1.00 25.36 ? 99  ASP A OD2   1 
ATOM   695  N N     . ALA A 1 106 ? 3.002   -4.533  6.837   1.00 18.75 ? 100 ALA A N     1 
ATOM   696  C CA    . ALA A 1 106 ? 2.388   -4.329  5.519   1.00 17.98 ? 100 ALA A CA    1 
ATOM   697  C C     . ALA A 1 106 ? 3.231   -3.373  4.687   1.00 17.99 ? 100 ALA A C     1 
ATOM   698  O O     . ALA A 1 106 ? 3.487   -3.625  3.509   1.00 17.54 ? 100 ALA A O     1 
ATOM   699  C CB    . ALA A 1 106 ? 0.974   -3.792  5.650   1.00 17.41 ? 100 ALA A CB    1 
ATOM   700  N N     . TYR A 1 107 ? 3.668   -2.279  5.310   1.00 18.15 ? 101 TYR A N     1 
ATOM   701  C CA    . TYR A 1 107 ? 4.504   -1.285  4.627   1.00 18.71 ? 101 TYR A CA    1 
ATOM   702  C C     . TYR A 1 107 ? 5.876   -1.865  4.283   1.00 19.02 ? 101 TYR A C     1 
ATOM   703  O O     . TYR A 1 107 ? 6.338   -1.756  3.143   1.00 18.93 ? 101 TYR A O     1 
ATOM   704  C CB    . TYR A 1 107 ? 4.636   0.006   5.458   1.00 18.75 ? 101 TYR A CB    1 
ATOM   705  C CG    . TYR A 1 107 ? 3.421   0.892   5.317   1.00 18.79 ? 101 TYR A CG    1 
ATOM   706  C CD1   . TYR A 1 107 ? 3.272   1.736   4.219   1.00 18.82 ? 101 TYR A CD1   1 
ATOM   707  C CD2   . TYR A 1 107 ? 2.408   0.863   6.258   1.00 18.81 ? 101 TYR A CD2   1 
ATOM   708  C CE1   . TYR A 1 107 ? 2.147   2.532   4.075   1.00 19.03 ? 101 TYR A CE1   1 
ATOM   709  C CE2   . TYR A 1 107 ? 1.284   1.651   6.129   1.00 19.06 ? 101 TYR A CE2   1 
ATOM   710  C CZ    . TYR A 1 107 ? 1.153   2.484   5.037   1.00 19.03 ? 101 TYR A CZ    1 
ATOM   711  O OH    . TYR A 1 107 ? 0.024   3.261   4.927   1.00 19.57 ? 101 TYR A OH    1 
ATOM   712  N N     . LEU A 1 108 ? 6.502   -2.510  5.260   1.00 19.62 ? 102 LEU A N     1 
ATOM   713  C CA    . LEU A 1 108 ? 7.837   -3.091  5.061   1.00 21.06 ? 102 LEU A CA    1 
ATOM   714  C C     . LEU A 1 108 ? 7.871   -4.194  4.002   1.00 20.16 ? 102 LEU A C     1 
ATOM   715  O O     . LEU A 1 108 ? 8.746   -4.195  3.130   1.00 19.61 ? 102 LEU A O     1 
ATOM   716  C CB    . LEU A 1 108 ? 8.375   -3.642  6.376   1.00 23.53 ? 102 LEU A CB    1 
ATOM   717  C CG    . LEU A 1 108 ? 9.734   -3.137  6.847   1.00 25.51 ? 102 LEU A CG    1 
ATOM   718  C CD1   . LEU A 1 108 ? 10.114  -3.990  8.051   1.00 26.04 ? 102 LEU A CD1   1 
ATOM   719  C CD2   . LEU A 1 108 ? 10.812  -3.167  5.766   1.00 26.35 ? 102 LEU A CD2   1 
ATOM   720  N N     . ASN A 1 109 ? 6.929   -5.130  4.084   1.00 19.04 ? 103 ASN A N     1 
ATOM   721  C CA    . ASN A 1 109 ? 6.866   -6.227  3.122   1.00 18.81 ? 103 ASN A CA    1 
ATOM   722  C C     . ASN A 1 109 ? 6.556   -5.737  1.710   1.00 18.38 ? 103 ASN A C     1 
ATOM   723  O O     . ASN A 1 109 ? 7.085   -6.280  0.738   1.00 17.98 ? 103 ASN A O     1 
ATOM   724  C CB    . ASN A 1 109 ? 5.869   -7.311  3.567   1.00 19.06 ? 103 ASN A CB    1 
ATOM   725  C CG    . ASN A 1 109 ? 6.384   -8.146  4.734   1.00 19.72 ? 103 ASN A CG    1 
ATOM   726  O OD1   . ASN A 1 109 ? 5.617   -8.579  5.600   1.00 20.25 ? 103 ASN A OD1   1 
ATOM   727  N ND2   . ASN A 1 109 ? 7.683   -8.392  4.751   1.00 19.83 ? 103 ASN A ND2   1 
ATOM   728  N N     . SER A 1 110 ? 5.731   -4.700  1.601   1.00 18.27 ? 104 SER A N     1 
ATOM   729  C CA    . SER A 1 110 ? 5.451   -4.091  0.304   1.00 18.55 ? 104 SER A CA    1 
ATOM   730  C C     . SER A 1 110 ? 6.712   -3.443  -0.263  1.00 18.84 ? 104 SER A C     1 
ATOM   731  O O     . SER A 1 110 ? 7.040   -3.642  -1.433  1.00 18.80 ? 104 SER A O     1 
ATOM   732  C CB    . SER A 1 110 ? 4.330   -3.061  0.409   1.00 18.49 ? 104 SER A CB    1 
ATOM   733  O OG    . SER A 1 110 ? 3.138   -3.671  0.875   1.00 18.23 ? 104 SER A OG    1 
ATOM   734  N N     . LEU A 1 111 ? 7.429   -2.696  0.574   1.00 19.42 ? 105 LEU A N     1 
ATOM   735  C CA    . LEU A 1 111 ? 8.668   -2.045  0.141   1.00 19.78 ? 105 LEU A CA    1 
ATOM   736  C C     . LEU A 1 111 ? 9.714   -3.066  -0.291  1.00 19.89 ? 105 LEU A C     1 
ATOM   737  O O     . LEU A 1 111 ? 10.413  -2.859  -1.286  1.00 19.57 ? 105 LEU A O     1 
ATOM   738  C CB    . LEU A 1 111 ? 9.233   -1.172  1.254   1.00 19.94 ? 105 LEU A CB    1 
ATOM   739  C CG    . LEU A 1 111 ? 8.492   0.128   1.554   1.00 20.38 ? 105 LEU A CG    1 
ATOM   740  C CD1   . LEU A 1 111 ? 8.912   0.602   2.937   1.00 20.70 ? 105 LEU A CD1   1 
ATOM   741  C CD2   . LEU A 1 111 ? 8.777   1.173   0.479   1.00 20.53 ? 105 LEU A CD2   1 
ATOM   742  N N     . ARG A 1 112 ? 9.810   -4.173  0.442   1.00 20.61 ? 106 ARG A N     1 
ATOM   743  C CA    . ARG A 1 112 ? 10.733  -5.254  0.076   1.00 20.89 ? 106 ARG A CA    1 
ATOM   744  C C     . ARG A 1 112 ? 10.447  -5.846  -1.302  1.00 20.75 ? 106 ARG A C     1 
ATOM   745  O O     . ARG A 1 112 ? 11.379  -6.133  -2.056  1.00 20.43 ? 106 ARG A O     1 
ATOM   746  C CB    . ARG A 1 112 ? 10.719  -6.356  1.131   1.00 22.14 ? 106 ARG A CB    1 
ATOM   747  C CG    . ARG A 1 112 ? 11.342  -5.919  2.441   1.00 24.36 ? 106 ARG A CG    1 
ATOM   748  C CD    . ARG A 1 112 ? 10.993  -6.885  3.553   1.00 27.20 ? 106 ARG A CD    1 
ATOM   749  N NE    . ARG A 1 112 ? 11.822  -6.679  4.739   1.00 30.06 ? 106 ARG A NE    1 
ATOM   750  C CZ    . ARG A 1 112 ? 11.433  -6.898  5.996   1.00 31.96 ? 106 ARG A CZ    1 
ATOM   751  N NH1   . ARG A 1 112 ? 10.203  -7.316  6.277   1.00 33.49 ? 106 ARG A NH1   1 
ATOM   752  N NH2   . ARG A 1 112 ? 12.282  -6.678  6.993   1.00 33.48 ? 106 ARG A NH2   1 
ATOM   753  N N     . LEU A 1 113 ? 9.172   -6.025  -1.634  1.00 19.86 ? 107 LEU A N     1 
ATOM   754  C CA    . LEU A 1 113 ? 8.809   -6.515  -2.970  1.00 20.13 ? 107 LEU A CA    1 
ATOM   755  C C     . LEU A 1 113 ? 9.133   -5.512  -4.073  1.00 19.70 ? 107 LEU A C     1 
ATOM   756  O O     . LEU A 1 113 ? 9.527   -5.910  -5.170  1.00 19.62 ? 107 LEU A O     1 
ATOM   757  C CB    . LEU A 1 113 ? 7.330   -6.893  -3.037  1.00 20.20 ? 107 LEU A CB    1 
ATOM   758  C CG    . LEU A 1 113 ? 6.923   -8.148  -2.259  1.00 20.52 ? 107 LEU A CG    1 
ATOM   759  C CD1   . LEU A 1 113 ? 5.482   -8.486  -2.608  1.00 20.67 ? 107 LEU A CD1   1 
ATOM   760  C CD2   . LEU A 1 113 ? 7.838   -9.348  -2.506  1.00 20.79 ? 107 LEU A CD2   1 
ATOM   761  N N     . VAL A 1 114 ? 8.952   -4.224  -3.788  1.00 20.11 ? 108 VAL A N     1 
ATOM   762  C CA    . VAL A 1 114 ? 9.291   -3.171  -4.744  1.00 20.37 ? 108 VAL A CA    1 
ATOM   763  C C     . VAL A 1 114 ? 10.789  -3.266  -5.043  1.00 20.85 ? 108 VAL A C     1 
ATOM   764  O O     . VAL A 1 114 ? 11.196  -3.327  -6.204  1.00 21.45 ? 108 VAL A O     1 
ATOM   765  C CB    . VAL A 1 114 ? 8.936   -1.765  -4.195  1.00 20.47 ? 108 VAL A CB    1 
ATOM   766  C CG1   . VAL A 1 114 ? 9.436   -0.663  -5.125  1.00 20.67 ? 108 VAL A CG1   1 
ATOM   767  C CG2   . VAL A 1 114 ? 7.431   -1.617  -3.973  1.00 20.64 ? 108 VAL A CG2   1 
ATOM   768  N N     . ALA A 1 115 ? 11.596  -3.304  -3.984  1.00 21.66 ? 109 ALA A N     1 
ATOM   769  C CA    . ALA A 1 115 ? 13.059  -3.378  -4.111  1.00 22.46 ? 109 ALA A CA    1 
ATOM   770  C C     . ALA A 1 115 ? 13.539  -4.666  -4.779  1.00 23.09 ? 109 ALA A C     1 
ATOM   771  O O     . ALA A 1 115 ? 14.428  -4.626  -5.634  1.00 23.52 ? 109 ALA A O     1 
ATOM   772  C CB    . ALA A 1 115 ? 13.720  -3.221  -2.750  1.00 22.73 ? 109 ALA A CB    1 
ATOM   773  N N     . ALA A 1 116 ? 12.951  -5.799  -4.394  1.00 23.24 ? 110 ALA A N     1 
ATOM   774  C CA    . ALA A 1 116 ? 13.394  -7.105  -4.899  1.00 23.85 ? 110 ALA A CA    1 
ATOM   775  C C     . ALA A 1 116 ? 13.103  -7.265  -6.379  1.00 23.99 ? 110 ALA A C     1 
ATOM   776  O O     . ALA A 1 116 ? 13.765  -8.043  -7.066  1.00 25.04 ? 110 ALA A O     1 
ATOM   777  C CB    . ALA A 1 116 ? 12.738  -8.241  -4.127  1.00 23.76 ? 110 ALA A CB    1 
ATOM   778  N N     . ASN A 1 117 ? 12.102  -6.541  -6.863  1.00 23.17 ? 111 ASN A N     1 
ATOM   779  C CA    . ASN A 1 117 ? 11.740  -6.580  -8.272  1.00 23.32 ? 111 ASN A CA    1 
ATOM   780  C C     . ASN A 1 117 ? 12.310  -5.406  -9.074  1.00 23.78 ? 111 ASN A C     1 
ATOM   781  O O     . ASN A 1 117 ? 11.925  -5.172  -10.224 1.00 23.44 ? 111 ASN A O     1 
ATOM   782  C CB    . ASN A 1 117 ? 10.231  -6.683  -8.382  1.00 23.02 ? 111 ASN A CB    1 
ATOM   783  C CG    . ASN A 1 117 ? 9.735   -8.056  -7.979  1.00 23.40 ? 111 ASN A CG    1 
ATOM   784  O OD1   . ASN A 1 117 ? 9.778   -8.993  -8.775  1.00 24.52 ? 111 ASN A OD1   1 
ATOM   785  N ND2   . ASN A 1 117 ? 9.302   -8.198  -6.731  1.00 22.74 ? 111 ASN A ND2   1 
ATOM   786  N N     . SER A 1 118 ? 13.246  -4.696  -8.444  1.00 24.82 ? 112 SER A N     1 
ATOM   787  C CA    . SER A 1 118 ? 14.028  -3.627  -9.071  1.00 25.83 ? 112 SER A CA    1 
ATOM   788  C C     . SER A 1 118 ? 13.183  -2.434  -9.543  1.00 25.38 ? 112 SER A C     1 
ATOM   789  O O     . SER A 1 118 ? 13.556  -1.741  -10.490 1.00 25.60 ? 112 SER A O     1 
ATOM   790  C CB    . SER A 1 118 ? 14.888  -4.201  -10.208 1.00 26.65 ? 112 SER A CB    1 
ATOM   791  O OG    . SER A 1 118 ? 15.909  -5.030  -9.671  1.00 27.57 ? 112 SER A OG    1 
ATOM   792  N N     . TYR A 1 119 ? 12.058  -2.182  -8.881  1.00 24.42 ? 113 TYR A N     1 
ATOM   793  C CA    . TYR A 1 119 ? 11.226  -1.038  -9.248  1.00 23.91 ? 113 TYR A CA    1 
ATOM   794  C C     . TYR A 1 119 ? 11.693  0.229   -8.533  1.00 23.95 ? 113 TYR A C     1 
ATOM   795  O O     . TYR A 1 119 ? 12.207  0.178   -7.416  1.00 24.17 ? 113 TYR A O     1 
ATOM   796  C CB    . TYR A 1 119 ? 9.752   -1.319  -8.972  1.00 23.70 ? 113 TYR A CB    1 
ATOM   797  C CG    . TYR A 1 119 ? 9.137   -2.349  -9.904  1.00 23.32 ? 113 TYR A CG    1 
ATOM   798  C CD1   . TYR A 1 119 ? 9.061   -2.124  -11.281 1.00 23.58 ? 113 TYR A CD1   1 
ATOM   799  C CD2   . TYR A 1 119 ? 8.616   -3.540  -9.407  1.00 22.83 ? 113 TYR A CD2   1 
ATOM   800  C CE1   . TYR A 1 119 ? 8.490   -3.057  -12.131 1.00 23.66 ? 113 TYR A CE1   1 
ATOM   801  C CE2   . TYR A 1 119 ? 8.045   -4.479  -10.252 1.00 22.98 ? 113 TYR A CE2   1 
ATOM   802  C CZ    . TYR A 1 119 ? 7.983   -4.231  -11.608 1.00 23.54 ? 113 TYR A CZ    1 
ATOM   803  O OH    . TYR A 1 119 ? 7.415   -5.163  -12.441 1.00 24.06 ? 113 TYR A OH    1 
ATOM   804  N N     . THR A 1 120 ? 11.502  1.364   -9.194  1.00 24.43 ? 114 THR A N     1 
ATOM   805  C CA    . THR A 1 120 ? 12.121  2.622   -8.769  1.00 25.25 ? 114 THR A CA    1 
ATOM   806  C C     . THR A 1 120 ? 11.174  3.555   -8.021  1.00 24.57 ? 114 THR A C     1 
ATOM   807  O O     . THR A 1 120 ? 11.627  4.453   -7.308  1.00 25.72 ? 114 THR A O     1 
ATOM   808  C CB    . THR A 1 120 ? 12.714  3.379   -9.974  1.00 26.10 ? 114 THR A CB    1 
ATOM   809  O OG1   . THR A 1 120 ? 11.703  3.574   -10.969 1.00 26.85 ? 114 THR A OG1   1 
ATOM   810  C CG2   . THR A 1 120 ? 13.824  2.587   -10.594 1.00 26.65 ? 114 THR A CG2   1 
ATOM   811  N N     . SER A 1 121 ? 9.870   3.355   -8.184  1.00 24.12 ? 115 SER A N     1 
ATOM   812  C CA    . SER A 1 121 ? 8.883   4.185   -7.503  1.00 23.42 ? 115 SER A CA    1 
ATOM   813  C C     . SER A 1 121 ? 7.657   3.389   -7.095  1.00 22.56 ? 115 SER A C     1 
ATOM   814  O O     . SER A 1 121 ? 7.292   2.398   -7.731  1.00 21.88 ? 115 SER A O     1 
ATOM   815  C CB    . SER A 1 121 ? 8.457   5.346   -8.397  1.00 23.66 ? 115 SER A CB    1 
ATOM   816  O OG    . SER A 1 121 ? 7.885   4.871   -9.600  1.00 23.56 ? 115 SER A OG    1 
ATOM   817  N N     . VAL A 1 122 ? 7.005   3.858   -6.042  1.00 21.78 ? 116 VAL A N     1 
ATOM   818  C CA    . VAL A 1 122 ? 5.867   3.152   -5.479  1.00 21.04 ? 116 VAL A CA    1 
ATOM   819  C C     . VAL A 1 122 ? 4.911   4.163   -4.879  1.00 20.72 ? 116 VAL A C     1 
ATOM   820  O O     . VAL A 1 122 ? 5.337   5.152   -4.279  1.00 20.68 ? 116 VAL A O     1 
ATOM   821  C CB    . VAL A 1 122 ? 6.308   2.102   -4.424  1.00 20.99 ? 116 VAL A CB    1 
ATOM   822  C CG1   . VAL A 1 122 ? 7.114   2.728   -3.295  1.00 21.22 ? 116 VAL A CG1   1 
ATOM   823  C CG2   . VAL A 1 122 ? 5.116   1.352   -3.842  1.00 21.09 ? 116 VAL A CG2   1 
ATOM   824  N N     . ALA A 1 123 ? 3.620   3.912   -5.069  1.00 20.25 ? 117 ALA A N     1 
ATOM   825  C CA    . ALA A 1 123 ? 2.567   4.713   -4.453  1.00 19.84 ? 117 ALA A CA    1 
ATOM   826  C C     . ALA A 1 123 ? 1.798   3.894   -3.399  1.00 19.70 ? 117 ALA A C     1 
ATOM   827  O O     . ALA A 1 123 ? 1.384   2.765   -3.670  1.00 19.52 ? 117 ALA A O     1 
ATOM   828  C CB    . ALA A 1 123 ? 1.619   5.232   -5.520  1.00 19.91 ? 117 ALA A CB    1 
ATOM   829  N N     . PHE A 1 124 ? 1.614   4.469   -2.207  1.00 19.75 ? 118 PHE A N     1 
ATOM   830  C CA    . PHE A 1 124 ? 0.840   3.833   -1.121  1.00 19.58 ? 118 PHE A CA    1 
ATOM   831  C C     . PHE A 1 124 ? -0.454  4.589   -0.849  1.00 20.48 ? 118 PHE A C     1 
ATOM   832  O O     . PHE A 1 124 ? -0.449  5.822   -0.789  1.00 21.41 ? 118 PHE A O     1 
ATOM   833  C CB    . PHE A 1 124 ? 1.612   3.832   0.204   1.00 19.55 ? 118 PHE A CB    1 
ATOM   834  C CG    . PHE A 1 124 ? 2.727   2.837   0.276   1.00 19.10 ? 118 PHE A CG    1 
ATOM   835  C CD1   . PHE A 1 124 ? 2.498   1.547   0.727   1.00 19.17 ? 118 PHE A CD1   1 
ATOM   836  C CD2   . PHE A 1 124 ? 4.016   3.204   -0.063  1.00 19.13 ? 118 PHE A CD2   1 
ATOM   837  C CE1   . PHE A 1 124 ? 3.533   0.634   0.808   1.00 19.09 ? 118 PHE A CE1   1 
ATOM   838  C CE2   . PHE A 1 124 ? 5.055   2.293   0.009   1.00 19.24 ? 118 PHE A CE2   1 
ATOM   839  C CZ    . PHE A 1 124 ? 4.813   1.007   0.453   1.00 19.13 ? 118 PHE A CZ    1 
ATOM   840  N N     . PRO A 1 125 ? -1.561  3.855   -0.645  1.00 20.47 ? 119 PRO A N     1 
ATOM   841  C CA    . PRO A 1 125 ? -2.733  4.441   -0.024  1.00 20.49 ? 119 PRO A CA    1 
ATOM   842  C C     . PRO A 1 125 ? -2.587  4.387   1.495   1.00 20.40 ? 119 PRO A C     1 
ATOM   843  O O     . PRO A 1 125 ? -1.628  3.800   2.004   1.00 19.80 ? 119 PRO A O     1 
ATOM   844  C CB    . PRO A 1 125 ? -3.842  3.501   -0.465  1.00 20.72 ? 119 PRO A CB    1 
ATOM   845  C CG    . PRO A 1 125 ? -3.180  2.161   -0.486  1.00 20.58 ? 119 PRO A CG    1 
ATOM   846  C CD    . PRO A 1 125 ? -1.729  2.401   -0.826  1.00 20.66 ? 119 PRO A CD    1 
ATOM   847  N N     . ALA A 1 126 ? -3.541  4.969   2.211   1.00 20.17 ? 120 ALA A N     1 
ATOM   848  C CA    . ALA A 1 126 ? -3.506  4.979   3.671   1.00 20.09 ? 120 ALA A CA    1 
ATOM   849  C C     . ALA A 1 126 ? -4.057  3.660   4.215   1.00 19.45 ? 120 ALA A C     1 
ATOM   850  O O     . ALA A 1 126 ? -5.196  3.597   4.677   1.00 19.61 ? 120 ALA A O     1 
ATOM   851  C CB    . ALA A 1 126 ? -4.294  6.170   4.204   1.00 20.41 ? 120 ALA A CB    1 
ATOM   852  N N     . ILE A 1 127 ? -3.223  2.621   4.158   1.00 18.47 ? 121 ILE A N     1 
ATOM   853  C CA    . ILE A 1 127 ? -3.610  1.244   4.508   1.00 18.05 ? 121 ILE A CA    1 
ATOM   854  C C     . ILE A 1 127 ? -4.286  1.189   5.883   1.00 17.80 ? 121 ILE A C     1 
ATOM   855  O O     . ILE A 1 127 ? -3.811  1.810   6.841   1.00 16.93 ? 121 ILE A O     1 
ATOM   856  C CB    . ILE A 1 127 ? -2.375  0.304   4.490   1.00 18.15 ? 121 ILE A CB    1 
ATOM   857  C CG1   . ILE A 1 127 ? -1.810  0.186   3.074   1.00 18.29 ? 121 ILE A CG1   1 
ATOM   858  C CG2   . ILE A 1 127 ? -2.717  -1.085  5.017   1.00 17.99 ? 121 ILE A CG2   1 
ATOM   859  C CD1   . ILE A 1 127 ? -0.419  -0.416  3.043   1.00 18.54 ? 121 ILE A CD1   1 
ATOM   860  N N     . SER A 1 128 ? -5.407  0.470   5.952   1.00 17.77 ? 122 SER A N     1 
ATOM   861  C CA    . SER A 1 128 ? -6.137  0.199   7.200   1.00 18.04 ? 122 SER A CA    1 
ATOM   862  C C     . SER A 1 128 ? -6.938  1.370   7.767   1.00 18.70 ? 122 SER A C     1 
ATOM   863  O O     . SER A 1 128 ? -7.594  1.208   8.812   1.00 19.78 ? 122 SER A O     1 
ATOM   864  C CB    . SER A 1 128 ? -5.199  -0.309  8.312   1.00 18.03 ? 122 SER A CB    1 
ATOM   865  O OG    . SER A 1 128 ? -4.758  -1.634  8.082   1.00 17.64 ? 122 SER A OG    1 
ATOM   866  N N     . THR A 1 129 ? -6.916  2.536   7.128   1.00 19.38 ? 123 THR A N     1 
ATOM   867  C CA    . THR A 1 129 ? -7.580  3.700   7.727   1.00 19.66 ? 123 THR A CA    1 
ATOM   868  C C     . THR A 1 129 ? -8.992  3.910   7.220   1.00 20.16 ? 123 THR A C     1 
ATOM   869  O O     . THR A 1 129 ? -9.664  4.848   7.642   1.00 20.90 ? 123 THR A O     1 
ATOM   870  C CB    . THR A 1 129 ? -6.822  5.017   7.506   1.00 19.82 ? 123 THR A CB    1 
ATOM   871  O OG1   . THR A 1 129 ? -6.776  5.323   6.109   1.00 19.88 ? 123 THR A OG1   1 
ATOM   872  C CG2   . THR A 1 129 ? -5.434  4.941   8.079   1.00 20.16 ? 123 THR A CG2   1 
ATOM   873  N N     . GLY A 1 130 ? -9.435  3.059   6.302   1.00 20.39 ? 124 GLY A N     1 
ATOM   874  C CA    . GLY A 1 130 ? -10.788 3.146   5.783   1.00 20.91 ? 124 GLY A CA    1 
ATOM   875  C C     . GLY A 1 130 ? -11.666 2.204   6.570   1.00 21.25 ? 124 GLY A C     1 
ATOM   876  O O     . GLY A 1 130 ? -11.901 2.409   7.763   1.00 21.31 ? 124 GLY A O     1 
ATOM   877  N N     . VAL A 1 131 ? -12.124 1.143   5.918   1.00 21.77 ? 125 VAL A N     1 
ATOM   878  C CA    . VAL A 1 131 ? -13.034 0.219   6.591   1.00 23.27 ? 125 VAL A CA    1 
ATOM   879  C C     . VAL A 1 131 ? -12.364 -0.549  7.743   1.00 22.07 ? 125 VAL A C     1 
ATOM   880  O O     . VAL A 1 131 ? -13.057 -1.017  8.643   1.00 21.97 ? 125 VAL A O     1 
ATOM   881  C CB    . VAL A 1 131 ? -13.737 -0.767  5.625   1.00 25.17 ? 125 VAL A CB    1 
ATOM   882  C CG1   . VAL A 1 131 ? -14.322 -0.049  4.417   1.00 25.82 ? 125 VAL A CG1   1 
ATOM   883  C CG2   . VAL A 1 131 ? -12.811 -1.882  5.186   1.00 25.66 ? 125 VAL A CG2   1 
ATOM   884  N N     . TYR A 1 132 ? -11.036 -0.676  7.722   1.00 20.64 ? 126 TYR A N     1 
ATOM   885  C CA    . TYR A 1 132 ? -10.318 -1.367  8.804   1.00 19.56 ? 126 TYR A CA    1 
ATOM   886  C C     . TYR A 1 132 ? -10.142 -0.487  10.048  1.00 19.72 ? 126 TYR A C     1 
ATOM   887  O O     . TYR A 1 132 ? -9.770  -0.986  11.108  1.00 19.90 ? 126 TYR A O     1 
ATOM   888  C CB    . TYR A 1 132 ? -8.981  -1.937  8.293   1.00 19.45 ? 126 TYR A CB    1 
ATOM   889  C CG    . TYR A 1 132 ? -9.114  -3.252  7.535   1.00 19.11 ? 126 TYR A CG    1 
ATOM   890  C CD1   . TYR A 1 132 ? -10.366 -3.791  7.233   1.00 19.06 ? 126 TYR A CD1   1 
ATOM   891  C CD2   . TYR A 1 132 ? -7.986  -3.949  7.109   1.00 19.41 ? 126 TYR A CD2   1 
ATOM   892  C CE1   . TYR A 1 132 ? -10.489 -4.985  6.547   1.00 18.98 ? 126 TYR A CE1   1 
ATOM   893  C CE2   . TYR A 1 132 ? -8.101  -5.149  6.420   1.00 19.59 ? 126 TYR A CE2   1 
ATOM   894  C CZ    . TYR A 1 132 ? -9.353  -5.660  6.141   1.00 19.56 ? 126 TYR A CZ    1 
ATOM   895  O OH    . TYR A 1 132 ? -9.475  -6.845  5.457   1.00 20.07 ? 126 TYR A OH    1 
ATOM   896  N N     . GLY A 1 133 ? -10.412 0.811   9.912   1.00 20.30 ? 127 GLY A N     1 
ATOM   897  C CA    . GLY A 1 133 ? -10.667 1.688   11.063  1.00 20.45 ? 127 GLY A CA    1 
ATOM   898  C C     . GLY A 1 133 ? -9.482  2.074   11.930  1.00 20.57 ? 127 GLY A C     1 
ATOM   899  O O     . GLY A 1 133 ? -9.653  2.400   13.108  1.00 20.58 ? 127 GLY A O     1 
ATOM   900  N N     . TYR A 1 134 ? -8.286  2.061   11.353  1.00 20.36 ? 128 TYR A N     1 
ATOM   901  C CA    . TYR A 1 134 ? -7.081  2.406   12.096  1.00 20.44 ? 128 TYR A CA    1 
ATOM   902  C C     . TYR A 1 134 ? -7.080  3.914   12.327  1.00 22.03 ? 128 TYR A C     1 
ATOM   903  O O     . TYR A 1 134 ? -7.279  4.680   11.381  1.00 21.56 ? 128 TYR A O     1 
ATOM   904  C CB    . TYR A 1 134 ? -5.822  1.981   11.326  1.00 20.66 ? 128 TYR A CB    1 
ATOM   905  C CG    . TYR A 1 134 ? -4.642  1.684   12.216  1.00 20.70 ? 128 TYR A CG    1 
ATOM   906  C CD1   . TYR A 1 134 ? -4.067  2.675   13.005  1.00 20.96 ? 128 TYR A CD1   1 
ATOM   907  C CD2   . TYR A 1 134 ? -4.108  0.404   12.278  1.00 20.83 ? 128 TYR A CD2   1 
ATOM   908  C CE1   . TYR A 1 134 ? -2.999  2.396   13.834  1.00 21.34 ? 128 TYR A CE1   1 
ATOM   909  C CE2   . TYR A 1 134 ? -3.040  0.115   13.102  1.00 21.21 ? 128 TYR A CE2   1 
ATOM   910  C CZ    . TYR A 1 134 ? -2.488  1.116   13.872  1.00 21.57 ? 128 TYR A CZ    1 
ATOM   911  O OH    . TYR A 1 134 ? -1.429  0.823   14.690  1.00 22.20 ? 128 TYR A OH    1 
ATOM   912  N N     . PRO A 1 135 ? -6.874  4.347   13.586  1.00 24.81 ? 129 PRO A N     1 
ATOM   913  C CA    . PRO A 1 135 ? -6.800  5.782   13.872  1.00 26.24 ? 129 PRO A CA    1 
ATOM   914  C C     . PRO A 1 135 ? -5.815  6.472   12.935  1.00 27.53 ? 129 PRO A C     1 
ATOM   915  O O     . PRO A 1 135 ? -4.673  6.036   12.820  1.00 27.17 ? 129 PRO A O     1 
ATOM   916  C CB    . PRO A 1 135 ? -6.298  5.820   15.315  1.00 26.28 ? 129 PRO A CB    1 
ATOM   917  C CG    . PRO A 1 135 ? -6.793  4.547   15.914  1.00 26.01 ? 129 PRO A CG    1 
ATOM   918  C CD    . PRO A 1 135 ? -6.726  3.535   14.810  1.00 25.42 ? 129 PRO A CD    1 
ATOM   919  N N     . ARG A 1 136 ? -6.249  7.539   12.277  1.00 29.20 ? 130 ARG A N     1 
ATOM   920  C CA    . ARG A 1 136 ? -5.509  8.072   11.133  1.00 30.42 ? 130 ARG A CA    1 
ATOM   921  C C     . ARG A 1 136 ? -4.136  8.642   11.481  1.00 29.55 ? 130 ARG A C     1 
ATOM   922  O O     . ARG A 1 136 ? -3.160  8.379   10.777  1.00 28.49 ? 130 ARG A O     1 
ATOM   923  C CB    . ARG A 1 136 ? -6.334  9.129   10.418  1.00 32.83 ? 130 ARG A CB    1 
ATOM   924  C CG    . ARG A 1 136 ? -7.505  8.574   9.635   1.00 34.99 ? 130 ARG A CG    1 
ATOM   925  C CD    . ARG A 1 136 ? -8.268  9.740   9.041   1.00 37.62 ? 130 ARG A CD    1 
ATOM   926  N NE    . ARG A 1 136 ? -8.693  9.448   7.682   1.00 39.76 ? 130 ARG A NE    1 
ATOM   927  C CZ    . ARG A 1 136 ? -8.811  10.335  6.696   1.00 42.27 ? 130 ARG A CZ    1 
ATOM   928  N NH1   . ARG A 1 136 ? -8.535  11.630  6.866   1.00 43.05 ? 130 ARG A NH1   1 
ATOM   929  N NH2   . ARG A 1 136 ? -9.210  9.898   5.512   1.00 43.08 ? 130 ARG A NH2   1 
ATOM   930  N N     . ALA A 1 137 ? -4.059  9.419   12.556  1.00 29.07 ? 131 ALA A N     1 
ATOM   931  C CA    . ALA A 1 137 ? -2.785  10.021  12.965  1.00 28.39 ? 131 ALA A CA    1 
ATOM   932  C C     . ALA A 1 137 ? -1.720  8.966   13.291  1.00 27.98 ? 131 ALA A C     1 
ATOM   933  O O     . ALA A 1 137 ? -0.578  9.073   12.832  1.00 28.29 ? 131 ALA A O     1 
ATOM   934  C CB    . ALA A 1 137 ? -2.989  10.976  14.136  1.00 28.29 ? 131 ALA A CB    1 
ATOM   935  N N     . ALA A 1 138 ? -2.104  7.946   14.055  1.00 27.03 ? 132 ALA A N     1 
ATOM   936  C CA    . ALA A 1 138 ? -1.193  6.864   14.414  1.00 26.77 ? 132 ALA A CA    1 
ATOM   937  C C     . ALA A 1 138 ? -0.781  6.051   13.198  1.00 25.94 ? 132 ALA A C     1 
ATOM   938  O O     . ALA A 1 138 ? 0.370   5.632   13.102  1.00 25.06 ? 132 ALA A O     1 
ATOM   939  C CB    . ALA A 1 138 ? -1.826  5.948   15.445  1.00 27.05 ? 132 ALA A CB    1 
ATOM   940  N N     . ALA A 1 139 ? -1.718  5.810   12.282  1.00 25.00 ? 133 ALA A N     1 
ATOM   941  C CA    . ALA A 1 139 ? -1.399  5.029   11.085  1.00 23.94 ? 133 ALA A CA    1 
ATOM   942  C C     . ALA A 1 139 ? -0.397  5.780   10.207  1.00 23.52 ? 133 ALA A C     1 
ATOM   943  O O     . ALA A 1 139 ? 0.572   5.193   9.713   1.00 23.19 ? 133 ALA A O     1 
ATOM   944  C CB    . ALA A 1 139 ? -2.657  4.686   10.301  1.00 23.09 ? 133 ALA A CB    1 
ATOM   945  N N     . ALA A 1 140 ? -0.617  7.080   10.036  1.00 24.80 ? 134 ALA A N     1 
ATOM   946  C CA    . ALA A 1 140 ? 0.269   7.894   9.206   1.00 26.00 ? 134 ALA A CA    1 
ATOM   947  C C     . ALA A 1 140 ? 1.672   7.948   9.810   1.00 27.06 ? 134 ALA A C     1 
ATOM   948  O O     . ALA A 1 140 ? 2.669   7.914   9.084   1.00 26.53 ? 134 ALA A O     1 
ATOM   949  C CB    . ALA A 1 140 ? -0.292  9.295   9.032   1.00 26.02 ? 134 ALA A CB    1 
ATOM   950  N N     . GLU A 1 141 ? 1.742   8.017   11.137  1.00 28.87 ? 135 GLU A N     1 
ATOM   951  C CA    . GLU A 1 141 ? 3.028   8.029   11.836  1.00 31.01 ? 135 GLU A CA    1 
ATOM   952  C C     . GLU A 1 141 ? 3.800   6.756   11.501  1.00 29.00 ? 135 GLU A C     1 
ATOM   953  O O     . GLU A 1 141 ? 4.984   6.803   11.161  1.00 28.55 ? 135 GLU A O     1 
ATOM   954  C CB    . GLU A 1 141 ? 2.834   8.153   13.354  1.00 34.61 ? 135 GLU A CB    1 
ATOM   955  C CG    . GLU A 1 141 ? 3.886   9.008   14.046  1.00 36.88 ? 135 GLU A CG    1 
ATOM   956  C CD    . GLU A 1 141 ? 3.756   9.003   15.561  1.00 38.16 ? 135 GLU A CD    1 
ATOM   957  O OE1   . GLU A 1 141 ? 2.633   8.800   16.074  1.00 42.49 ? 135 GLU A OE1   1 
ATOM   958  O OE2   . GLU A 1 141 ? 4.782   9.211   16.242  1.00 44.29 ? 135 GLU A OE2   1 
ATOM   959  N N     . ILE A 1 142 ? 3.109   5.623   11.580  1.00 26.96 ? 136 ILE A N     1 
ATOM   960  C CA    . ILE A 1 142 ? 3.695   4.333   11.212  1.00 25.18 ? 136 ILE A CA    1 
ATOM   961  C C     . ILE A 1 142 ? 4.131   4.273   9.746   1.00 24.42 ? 136 ILE A C     1 
ATOM   962  O O     . ILE A 1 142 ? 5.217   3.770   9.450   1.00 24.58 ? 136 ILE A O     1 
ATOM   963  C CB    . ILE A 1 142 ? 2.744   3.169   11.570  1.00 24.57 ? 136 ILE A CB    1 
ATOM   964  C CG1   . ILE A 1 142 ? 2.683   3.024   13.095  1.00 24.09 ? 136 ILE A CG1   1 
ATOM   965  C CG2   . ILE A 1 142 ? 3.226   1.859   10.965  1.00 24.68 ? 136 ILE A CG2   1 
ATOM   966  C CD1   . ILE A 1 142 ? 1.494   2.252   13.634  1.00 24.17 ? 136 ILE A CD1   1 
ATOM   967  N N     . ALA A 1 143 ? 3.307   4.787   8.838   1.00 23.50 ? 137 ALA A N     1 
ATOM   968  C CA    . ALA A 1 143 ? 3.655   4.756   7.416   1.00 23.24 ? 137 ALA A CA    1 
ATOM   969  C C     . ALA A 1 143 ? 4.911   5.573   7.167   1.00 23.94 ? 137 ALA A C     1 
ATOM   970  O O     . ALA A 1 143 ? 5.847   5.114   6.515   1.00 24.06 ? 137 ALA A O     1 
ATOM   971  C CB    . ALA A 1 143 ? 2.512   5.274   6.556   1.00 23.04 ? 137 ALA A CB    1 
ATOM   972  N N     . VAL A 1 144 ? 4.927   6.782   7.714   1.00 24.26 ? 138 VAL A N     1 
ATOM   973  C CA    . VAL A 1 144 ? 6.025   7.709   7.480   1.00 24.89 ? 138 VAL A CA    1 
ATOM   974  C C     . VAL A 1 144 ? 7.337   7.200   8.074   1.00 25.40 ? 138 VAL A C     1 
ATOM   975  O O     . VAL A 1 144 ? 8.369   7.212   7.402   1.00 26.29 ? 138 VAL A O     1 
ATOM   976  C CB    . VAL A 1 144 ? 5.682   9.119   7.999   1.00 25.05 ? 138 VAL A CB    1 
ATOM   977  C CG1   . VAL A 1 144 ? 6.910   10.010  7.983   1.00 25.29 ? 138 VAL A CG1   1 
ATOM   978  C CG2   . VAL A 1 144 ? 4.600   9.735   7.125   1.00 25.05 ? 138 VAL A CG2   1 
ATOM   979  N N     . LYS A 1 145 ? 7.287   6.745   9.321   1.00 26.28 ? 139 LYS A N     1 
ATOM   980  C CA    . LYS A 1 145 ? 8.473   6.215   9.994   1.00 26.93 ? 139 LYS A CA    1 
ATOM   981  C C     . LYS A 1 145 ? 9.017   4.993   9.269   1.00 26.79 ? 139 LYS A C     1 
ATOM   982  O O     . LYS A 1 145 ? 10.227  4.872   9.063   1.00 26.82 ? 139 LYS A O     1 
ATOM   983  C CB    . LYS A 1 145 ? 8.149   5.834   11.439  1.00 27.33 ? 139 LYS A CB    1 
ATOM   984  N N     . THR A 1 146 ? 8.124   4.088   8.881   1.00 26.27 ? 140 THR A N     1 
ATOM   985  C CA    . THR A 1 146 ? 8.549   2.833   8.268   1.00 25.88 ? 140 THR A CA    1 
ATOM   986  C C     . THR A 1 146 ? 9.200   3.087   6.919   1.00 25.63 ? 140 THR A C     1 
ATOM   987  O O     . THR A 1 146 ? 10.264  2.545   6.616   1.00 25.09 ? 140 THR A O     1 
ATOM   988  C CB    . THR A 1 146 ? 7.374   1.856   8.099   1.00 25.70 ? 140 THR A CB    1 
ATOM   989  O OG1   . THR A 1 146 ? 6.785   1.602   9.380   1.00 25.20 ? 140 THR A OG1   1 
ATOM   990  C CG2   . THR A 1 146 ? 7.849   0.541   7.516   1.00 25.79 ? 140 THR A CG2   1 
ATOM   991  N N     . VAL A 1 147 ? 8.554   3.924   6.119   1.00 25.52 ? 141 VAL A N     1 
ATOM   992  C CA    . VAL A 1 147 ? 9.052   4.240   4.793   1.00 26.98 ? 141 VAL A CA    1 
ATOM   993  C C     . VAL A 1 147 ? 10.383  4.986   4.903   1.00 27.80 ? 141 VAL A C     1 
ATOM   994  O O     . VAL A 1 147 ? 11.340  4.680   4.186   1.00 27.07 ? 141 VAL A O     1 
ATOM   995  C CB    . VAL A 1 147 ? 8.019   5.065   4.001   1.00 27.18 ? 141 VAL A CB    1 
ATOM   996  C CG1   . VAL A 1 147 ? 8.645   5.658   2.756   1.00 27.53 ? 141 VAL A CG1   1 
ATOM   997  C CG2   . VAL A 1 147 ? 6.848   4.183   3.599   1.00 27.36 ? 141 VAL A CG2   1 
ATOM   998  N N     . SER A 1 148 ? 10.426  5.955   5.811   1.00 28.88 ? 142 SER A N     1 
ATOM   999  C CA    . SER A 1 148 ? 11.603  6.800   6.012   1.00 30.04 ? 142 SER A CA    1 
ATOM   1000 C C     . SER A 1 148 ? 12.841  5.981   6.336   1.00 31.32 ? 142 SER A C     1 
ATOM   1001 O O     . SER A 1 148 ? 13.892  6.155   5.713   1.00 32.43 ? 142 SER A O     1 
ATOM   1002 C CB    . SER A 1 148 ? 11.334  7.810   7.124   1.00 29.43 ? 142 SER A CB    1 
ATOM   1003 O OG    . SER A 1 148 ? 10.431  8.803   6.655   1.00 29.45 ? 142 SER A OG    1 
ATOM   1004 N N     . GLU A 1 149 ? 12.706  5.084   7.305   1.00 33.15 ? 143 GLU A N     1 
ATOM   1005 C CA    . GLU A 1 149 ? 13.811  4.217   7.696   1.00 34.33 ? 143 GLU A CA    1 
ATOM   1006 C C     . GLU A 1 149 ? 14.241  3.329   6.556   1.00 33.18 ? 143 GLU A C     1 
ATOM   1007 O O     . GLU A 1 149 ? 15.434  3.091   6.361   1.00 32.27 ? 143 GLU A O     1 
ATOM   1008 C CB    . GLU A 1 149 ? 13.417  3.322   8.858   1.00 36.84 ? 143 GLU A CB    1 
ATOM   1009 C CG    . GLU A 1 149 ? 13.160  4.052   10.158  1.00 39.02 ? 143 GLU A CG    1 
ATOM   1010 C CD    . GLU A 1 149 ? 13.018  3.089   11.320  1.00 40.07 ? 143 GLU A CD    1 
ATOM   1011 O OE1   . GLU A 1 149 ? 13.712  2.046   11.320  1.00 44.84 ? 143 GLU A OE1   1 
ATOM   1012 O OE2   . GLU A 1 149 ? 12.212  3.370   12.231  1.00 41.08 ? 143 GLU A OE2   1 
ATOM   1013 N N     . PHE A 1 150 ? 13.270  2.822   5.810   1.00 31.73 ? 144 PHE A N     1 
ATOM   1014 C CA    . PHE A 1 150 ? 13.597  1.908   4.745   1.00 31.24 ? 144 PHE A CA    1 
ATOM   1015 C C     . PHE A 1 150 ? 14.420  2.598   3.671   1.00 32.37 ? 144 PHE A C     1 
ATOM   1016 O O     . PHE A 1 150 ? 15.463  2.083   3.273   1.00 33.07 ? 144 PHE A O     1 
ATOM   1017 C CB    . PHE A 1 150 ? 12.343  1.311   4.143   1.00 30.06 ? 144 PHE A CB    1 
ATOM   1018 C CG    . PHE A 1 150 ? 12.619  0.235   3.146   1.00 28.72 ? 144 PHE A CG    1 
ATOM   1019 C CD1   . PHE A 1 150 ? 12.838  0.547   1.811   1.00 28.25 ? 144 PHE A CD1   1 
ATOM   1020 C CD2   . PHE A 1 150 ? 12.665  -1.090  3.540   1.00 28.05 ? 144 PHE A CD2   1 
ATOM   1021 C CE1   . PHE A 1 150 ? 13.089  -0.449  0.887   1.00 27.89 ? 144 PHE A CE1   1 
ATOM   1022 C CE2   . PHE A 1 150 ? 12.913  -2.090  2.621   1.00 27.86 ? 144 PHE A CE2   1 
ATOM   1023 C CZ    . PHE A 1 150 ? 13.126  -1.770  1.293   1.00 27.78 ? 144 PHE A CZ    1 
ATOM   1024 N N     . ILE A 1 151 ? 13.980  3.759   3.202   1.00 33.62 ? 145 ILE A N     1 
ATOM   1025 C CA    . ILE A 1 151 ? 14.721  4.410   2.126   1.00 35.69 ? 145 ILE A CA    1 
ATOM   1026 C C     . ILE A 1 151 ? 16.040  5.016   2.617   1.00 36.41 ? 145 ILE A C     1 
ATOM   1027 O O     . ILE A 1 151 ? 16.956  5.225   1.820   1.00 36.70 ? 145 ILE A O     1 
ATOM   1028 C CB    . ILE A 1 151 ? 13.883  5.445   1.361   1.00 36.38 ? 145 ILE A CB    1 
ATOM   1029 C CG1   . ILE A 1 151 ? 13.538  6.643   2.242   1.00 37.30 ? 145 ILE A CG1   1 
ATOM   1030 C CG2   . ILE A 1 151 ? 12.631  4.779   0.806   1.00 36.22 ? 145 ILE A CG2   1 
ATOM   1031 C CD1   . ILE A 1 151 ? 13.247  7.881   1.430   1.00 37.81 ? 145 ILE A CD1   1 
ATOM   1032 N N     . THR A 1 152 ? 16.142  5.283   3.919   1.00 37.69 ? 146 THR A N     1 
ATOM   1033 C CA    . THR A 1 152 ? 17.423  5.663   4.521   1.00 39.20 ? 146 THR A CA    1 
ATOM   1034 C C     . THR A 1 152 ? 18.430  4.526   4.343   1.00 39.39 ? 146 THR A C     1 
ATOM   1035 O O     . THR A 1 152 ? 19.615  4.766   4.108   1.00 40.10 ? 146 THR A O     1 
ATOM   1036 C CB    . THR A 1 152 ? 17.279  6.016   6.018   1.00 40.00 ? 146 THR A CB    1 
ATOM   1037 O OG1   . THR A 1 152 ? 16.440  7.170   6.158   1.00 40.14 ? 146 THR A OG1   1 
ATOM   1038 C CG2   . THR A 1 152 ? 18.639  6.314   6.656   1.00 40.55 ? 146 THR A CG2   1 
ATOM   1039 N N     . ARG A 1 153 ? 17.936  3.293   4.435   1.00 38.94 ? 147 ARG A N     1 
ATOM   1040 C CA    . ARG A 1 153 ? 18.764  2.092   4.340   1.00 38.37 ? 147 ARG A CA    1 
ATOM   1041 C C     . ARG A 1 153 ? 18.874  1.477   2.930   1.00 37.76 ? 147 ARG A C     1 
ATOM   1042 O O     . ARG A 1 153 ? 19.760  0.655   2.698   1.00 37.96 ? 147 ARG A O     1 
ATOM   1043 C CB    . ARG A 1 153 ? 18.231  1.031   5.308   1.00 38.28 ? 147 ARG A CB    1 
ATOM   1044 N N     . HIS A 1 154 ? 17.995  1.865   1.999   1.00 35.88 ? 148 HIS A N     1 
ATOM   1045 C CA    . HIS A 1 154 ? 17.924  1.225   0.665   1.00 35.24 ? 148 HIS A CA    1 
ATOM   1046 C C     . HIS A 1 154 ? 17.765  2.225   -0.469  1.00 33.88 ? 148 HIS A C     1 
ATOM   1047 O O     . HIS A 1 154 ? 17.022  3.200   -0.358  1.00 33.79 ? 148 HIS A O     1 
ATOM   1048 C CB    . HIS A 1 154 ? 16.757  0.232   0.572   1.00 35.58 ? 148 HIS A CB    1 
ATOM   1049 C CG    . HIS A 1 154 ? 16.781  -0.837  1.616   1.00 36.47 ? 148 HIS A CG    1 
ATOM   1050 N ND1   . HIS A 1 154 ? 17.586  -1.953  1.526   1.00 37.00 ? 148 HIS A ND1   1 
ATOM   1051 C CD2   . HIS A 1 154 ? 16.093  -0.962  2.776   1.00 36.80 ? 148 HIS A CD2   1 
ATOM   1052 C CE1   . HIS A 1 154 ? 17.397  -2.715  2.590   1.00 37.24 ? 148 HIS A CE1   1 
ATOM   1053 N NE2   . HIS A 1 154 ? 16.494  -2.137  3.362   1.00 37.22 ? 148 HIS A NE2   1 
ATOM   1054 N N     . ALA A 1 155 ? 18.440  1.940   -1.577  1.00 33.00 ? 149 ALA A N     1 
ATOM   1055 C CA    . ALA A 1 155 ? 18.401  2.782   -2.772  1.00 32.52 ? 149 ALA A CA    1 
ATOM   1056 C C     . ALA A 1 155 ? 17.116  2.619   -3.581  1.00 31.38 ? 149 ALA A C     1 
ATOM   1057 O O     . ALA A 1 155 ? 16.707  3.543   -4.293  1.00 30.72 ? 149 ALA A O     1 
ATOM   1058 C CB    . ALA A 1 155 ? 19.597  2.475   -3.654  1.00 32.99 ? 149 ALA A CB    1 
ATOM   1059 N N     . LEU A 1 156 ? 16.511  1.433   -3.514  1.00 29.81 ? 150 LEU A N     1 
ATOM   1060 C CA    . LEU A 1 156 ? 15.201  1.198   -4.130  1.00 29.91 ? 150 LEU A CA    1 
ATOM   1061 C C     . LEU A 1 156 ? 14.137  0.928   -3.063  1.00 28.75 ? 150 LEU A C     1 
ATOM   1062 O O     . LEU A 1 156 ? 14.392  0.195   -2.105  1.00 29.61 ? 150 LEU A O     1 
ATOM   1063 C CB    . LEU A 1 156 ? 15.236  0.037   -5.133  1.00 30.60 ? 150 LEU A CB    1 
ATOM   1064 C CG    . LEU A 1 156 ? 16.113  0.187   -6.384  1.00 31.56 ? 150 LEU A CG    1 
ATOM   1065 C CD1   . LEU A 1 156 ? 15.953  -1.022  -7.294  1.00 32.03 ? 150 LEU A CD1   1 
ATOM   1066 C CD2   . LEU A 1 156 ? 15.804  1.451   -7.167  1.00 31.51 ? 150 LEU A CD2   1 
ATOM   1067 N N     . PRO A 1 157 ? 12.941  1.525   -3.220  1.00 27.30 ? 151 PRO A N     1 
ATOM   1068 C CA    . PRO A 1 157 ? 12.574  2.456   -4.281  1.00 26.32 ? 151 PRO A CA    1 
ATOM   1069 C C     . PRO A 1 157 ? 13.270  3.794   -4.133  1.00 26.18 ? 151 PRO A C     1 
ATOM   1070 O O     . PRO A 1 157 ? 13.610  4.212   -3.019  1.00 26.84 ? 151 PRO A O     1 
ATOM   1071 C CB    . PRO A 1 157 ? 11.073  2.655   -4.067  1.00 26.27 ? 151 PRO A CB    1 
ATOM   1072 C CG    . PRO A 1 157 ? 10.903  2.466   -2.602  1.00 26.31 ? 151 PRO A CG    1 
ATOM   1073 C CD    . PRO A 1 157 ? 11.828  1.328   -2.278  1.00 27.01 ? 151 PRO A CD    1 
ATOM   1074 N N     . GLU A 1 158 ? 13.459  4.451   -5.271  1.00 27.80 ? 152 GLU A N     1 
ATOM   1075 C CA    . GLU A 1 158 ? 14.024  5.786   -5.329  1.00 28.77 ? 152 GLU A CA    1 
ATOM   1076 C C     . GLU A 1 158 ? 13.028  6.800   -4.793  1.00 28.12 ? 152 GLU A C     1 
ATOM   1077 O O     . GLU A 1 158 ? 13.398  7.691   -4.035  1.00 27.94 ? 152 GLU A O     1 
ATOM   1078 C CB    . GLU A 1 158 ? 14.394  6.150   -6.774  1.00 31.07 ? 152 GLU A CB    1 
ATOM   1079 C CG    . GLU A 1 158 ? 15.640  5.434   -7.280  1.00 32.92 ? 152 GLU A CG    1 
ATOM   1080 C CD    . GLU A 1 158 ? 15.903  5.619   -8.769  1.00 34.43 ? 152 GLU A CD    1 
ATOM   1081 O OE1   . GLU A 1 158 ? 16.865  5.000   -9.276  1.00 35.62 ? 152 GLU A OE1   1 
ATOM   1082 O OE2   . GLU A 1 158 ? 15.164  6.370   -9.440  1.00 35.53 ? 152 GLU A OE2   1 
ATOM   1083 N N     . GLN A 1 159 ? 11.767  6.655   -5.193  1.00 27.18 ? 153 GLN A N     1 
ATOM   1084 C CA    . GLN A 1 159 ? 10.723  7.619   -4.861  1.00 27.22 ? 153 GLN A CA    1 
ATOM   1085 C C     . GLN A 1 159 ? 9.515   6.928   -4.257  1.00 26.85 ? 153 GLN A C     1 
ATOM   1086 O O     . GLN A 1 159 ? 9.119   5.861   -4.718  1.00 26.63 ? 153 GLN A O     1 
ATOM   1087 C CB    . GLN A 1 159 ? 10.285  8.336   -6.127  1.00 27.76 ? 153 GLN A CB    1 
ATOM   1088 C CG    . GLN A 1 159 ? 11.411  9.086   -6.822  1.00 29.51 ? 153 GLN A CG    1 
ATOM   1089 C CD    . GLN A 1 159 ? 11.731  10.392  -6.130  1.00 31.27 ? 153 GLN A CD    1 
ATOM   1090 O OE1   . GLN A 1 159 ? 10.826  11.112  -5.739  1.00 32.27 ? 153 GLN A OE1   1 
ATOM   1091 N NE2   . GLN A 1 159 ? 13.015  10.709  -5.982  1.00 32.30 ? 153 GLN A NE2   1 
ATOM   1092 N N     . VAL A 1 160 ? 8.920   7.544   -3.242  1.00 26.52 ? 154 VAL A N     1 
ATOM   1093 C CA    . VAL A 1 160 ? 7.707   7.014   -2.624  1.00 25.87 ? 154 VAL A CA    1 
ATOM   1094 C C     . VAL A 1 160 ? 6.648   8.104   -2.602  1.00 26.19 ? 154 VAL A C     1 
ATOM   1095 O O     . VAL A 1 160 ? 6.922   9.234   -2.194  1.00 26.67 ? 154 VAL A O     1 
ATOM   1096 C CB    . VAL A 1 160 ? 7.968   6.538   -1.189  1.00 26.09 ? 154 VAL A CB    1 
ATOM   1097 C CG1   . VAL A 1 160 ? 6.676   6.043   -0.543  1.00 25.99 ? 154 VAL A CG1   1 
ATOM   1098 C CG2   . VAL A 1 160 ? 9.030   5.446   -1.184  1.00 26.24 ? 154 VAL A CG2   1 
ATOM   1099 N N     . TYR A 1 161 ? 5.446   7.768   -3.066  1.00 25.87 ? 155 TYR A N     1 
ATOM   1100 C CA    . TYR A 1 161 ? 4.307   8.683   -2.999  1.00 25.62 ? 155 TYR A CA    1 
ATOM   1101 C C     . TYR A 1 161 ? 3.263   8.190   -2.024  1.00 24.48 ? 155 TYR A C     1 
ATOM   1102 O O     . TYR A 1 161 ? 2.753   7.080   -2.157  1.00 23.92 ? 155 TYR A O     1 
ATOM   1103 C CB    . TYR A 1 161 ? 3.672   8.852   -4.370  1.00 26.43 ? 155 TYR A CB    1 
ATOM   1104 C CG    . TYR A 1 161 ? 4.676   9.318   -5.380  1.00 28.38 ? 155 TYR A CG    1 
ATOM   1105 C CD1   . TYR A 1 161 ? 5.508   8.408   -6.024  1.00 29.08 ? 155 TYR A CD1   1 
ATOM   1106 C CD2   . TYR A 1 161 ? 4.823   10.669  -5.669  1.00 29.65 ? 155 TYR A CD2   1 
ATOM   1107 C CE1   . TYR A 1 161 ? 6.449   8.832   -6.944  1.00 30.17 ? 155 TYR A CE1   1 
ATOM   1108 C CE2   . TYR A 1 161 ? 5.759   11.103  -6.589  1.00 30.30 ? 155 TYR A CE2   1 
ATOM   1109 C CZ    . TYR A 1 161 ? 6.569   10.182  -7.223  1.00 30.73 ? 155 TYR A CZ    1 
ATOM   1110 O OH    . TYR A 1 161 ? 7.502   10.612  -8.137  1.00 31.74 ? 155 TYR A OH    1 
ATOM   1111 N N     . PHE A 1 162 ? 2.958   9.023   -1.038  1.00 23.40 ? 156 PHE A N     1 
ATOM   1112 C CA    . PHE A 1 162 ? 1.855   8.768   -0.128  1.00 23.25 ? 156 PHE A CA    1 
ATOM   1113 C C     . PHE A 1 162 ? 0.592   9.386   -0.719  1.00 23.68 ? 156 PHE A C     1 
ATOM   1114 O O     . PHE A 1 162 ? 0.423   10.609  -0.701  1.00 24.17 ? 156 PHE A O     1 
ATOM   1115 C CB    . PHE A 1 162 ? 2.157   9.366   1.243   1.00 22.88 ? 156 PHE A CB    1 
ATOM   1116 C CG    . PHE A 1 162 ? 3.123   8.560   2.071   1.00 23.02 ? 156 PHE A CG    1 
ATOM   1117 C CD1   . PHE A 1 162 ? 2.909   7.207   2.307   1.00 23.12 ? 156 PHE A CD1   1 
ATOM   1118 C CD2   . PHE A 1 162 ? 4.225   9.169   2.656   1.00 23.17 ? 156 PHE A CD2   1 
ATOM   1119 C CE1   . PHE A 1 162 ? 3.786   6.475   3.089   1.00 23.34 ? 156 PHE A CE1   1 
ATOM   1120 C CE2   . PHE A 1 162 ? 5.101   8.445   3.444   1.00 23.58 ? 156 PHE A CE2   1 
ATOM   1121 C CZ    . PHE A 1 162 ? 4.883   7.094   3.660   1.00 23.65 ? 156 PHE A CZ    1 
ATOM   1122 N N     . VAL A 1 163 ? -0.283  8.545   -1.261  1.00 23.51 ? 157 VAL A N     1 
ATOM   1123 C CA    . VAL A 1 163 ? -1.479  9.040   -1.919  1.00 23.59 ? 157 VAL A CA    1 
ATOM   1124 C C     . VAL A 1 163 ? -2.599  9.118   -0.898  1.00 24.13 ? 157 VAL A C     1 
ATOM   1125 O O     . VAL A 1 163 ? -2.996  8.119   -0.293  1.00 24.04 ? 157 VAL A O     1 
ATOM   1126 C CB    . VAL A 1 163 ? -1.883  8.185   -3.128  1.00 23.73 ? 157 VAL A CB    1 
ATOM   1127 C CG1   . VAL A 1 163 ? -3.091  8.793   -3.828  1.00 23.90 ? 157 VAL A CG1   1 
ATOM   1128 C CG2   . VAL A 1 163 ? -0.710  8.079   -4.090  1.00 23.74 ? 157 VAL A CG2   1 
ATOM   1129 N N     . CYS A 1 164 ? -3.079  10.342  -0.720  1.00 24.58 ? 158 CYS A N     1 
ATOM   1130 C CA    . CYS A 1 164 ? -4.094  10.668  0.253   1.00 25.74 ? 158 CYS A CA    1 
ATOM   1131 C C     . CYS A 1 164 ? -5.373  11.052  -0.472  1.00 26.16 ? 158 CYS A C     1 
ATOM   1132 O O     . CYS A 1 164 ? -5.362  11.872  -1.392  1.00 26.28 ? 158 CYS A O     1 
ATOM   1133 C CB    . CYS A 1 164 ? -3.592  11.808  1.131   1.00 26.47 ? 158 CYS A CB    1 
ATOM   1134 S SG    . CYS A 1 164 ? -2.160  11.337  2.131   1.00 28.22 ? 158 CYS A SG    1 
ATOM   1135 N N     . TYR A 1 165 ? -6.484  10.465  -0.042  1.00 26.51 ? 159 TYR A N     1 
ATOM   1136 C CA    . TYR A 1 165 ? -7.730  10.565  -0.790  1.00 28.19 ? 159 TYR A CA    1 
ATOM   1137 C C     . TYR A 1 165 ? -8.542  11.773  -0.371  1.00 29.39 ? 159 TYR A C     1 
ATOM   1138 O O     . TYR A 1 165 ? -9.520  12.119  -1.028  1.00 28.98 ? 159 TYR A O     1 
ATOM   1139 C CB    . TYR A 1 165 ? -8.559  9.300   -0.591  1.00 29.21 ? 159 TYR A CB    1 
ATOM   1140 C CG    . TYR A 1 165 ? -9.575  9.039   -1.682  1.00 30.36 ? 159 TYR A CG    1 
ATOM   1141 C CD1   . TYR A 1 165 ? -9.208  9.054   -3.027  1.00 31.23 ? 159 TYR A CD1   1 
ATOM   1142 C CD2   . TYR A 1 165 ? -10.898 8.753   -1.369  1.00 31.39 ? 159 TYR A CD2   1 
ATOM   1143 C CE1   . TYR A 1 165 ? -10.136 8.802   -4.025  1.00 32.04 ? 159 TYR A CE1   1 
ATOM   1144 C CE2   . TYR A 1 165 ? -11.831 8.496   -2.360  1.00 32.05 ? 159 TYR A CE2   1 
ATOM   1145 C CZ    . TYR A 1 165 ? -11.446 8.524   -3.685  1.00 32.43 ? 159 TYR A CZ    1 
ATOM   1146 O OH    . TYR A 1 165 ? -12.378 8.270   -4.666  1.00 33.35 ? 159 TYR A OH    1 
ATOM   1147 N N     . ASP A 1 166 ? -8.153  12.396  0.736   1.00 30.62 ? 160 ASP A N     1 
ATOM   1148 C CA    . ASP A 1 166 ? -8.791  13.634  1.181   1.00 33.31 ? 160 ASP A CA    1 
ATOM   1149 C C     . ASP A 1 166 ? -7.789  14.614  1.775   1.00 34.42 ? 160 ASP A C     1 
ATOM   1150 O O     . ASP A 1 166 ? -6.703  14.227  2.230   1.00 33.03 ? 160 ASP A O     1 
ATOM   1151 C CB    . ASP A 1 166 ? -9.893  13.353  2.197   1.00 34.43 ? 160 ASP A CB    1 
ATOM   1152 C CG    . ASP A 1 166 ? -9.376  12.680  3.450   1.00 35.99 ? 160 ASP A CG    1 
ATOM   1153 O OD1   . ASP A 1 166 ? -8.551  13.274  4.178   1.00 36.66 ? 160 ASP A OD1   1 
ATOM   1154 O OD2   . ASP A 1 166 ? -9.813  11.545  3.719   1.00 36.53 ? 160 ASP A OD2   1 
ATOM   1155 N N     . GLU A 1 167 ? -8.177  15.885  1.757   1.00 36.12 ? 161 GLU A N     1 
ATOM   1156 C CA    . GLU A 1 167 ? -7.326  16.983  2.203   1.00 37.17 ? 161 GLU A CA    1 
ATOM   1157 C C     . GLU A 1 167 ? -6.720  16.723  3.582   1.00 37.28 ? 161 GLU A C     1 
ATOM   1158 O O     . GLU A 1 167 ? -5.537  16.980  3.792   1.00 37.68 ? 161 GLU A O     1 
ATOM   1159 C CB    . GLU A 1 167 ? -8.121  18.292  2.225   1.00 37.37 ? 161 GLU A CB    1 
ATOM   1160 N N     . GLU A 1 168 ? -7.523  16.209  4.513   1.00 37.63 ? 162 GLU A N     1 
ATOM   1161 C CA    . GLU A 1 168 ? -7.081  16.017  5.905   1.00 37.38 ? 162 GLU A CA    1 
ATOM   1162 C C     . GLU A 1 168 ? -5.990  14.967  6.097   1.00 36.68 ? 162 GLU A C     1 
ATOM   1163 O O     . GLU A 1 168 ? -5.160  15.094  7.009   1.00 36.01 ? 162 GLU A O     1 
ATOM   1164 C CB    . GLU A 1 168 ? -8.267  15.646  6.798   1.00 37.68 ? 162 GLU A CB    1 
ATOM   1165 N N     . ASN A 1 169 ? -5.999  13.921  5.277   1.00 35.87 ? 163 ASN A N     1 
ATOM   1166 C CA    . ASN A 1 169 ? -4.968  12.892  5.387   1.00 35.02 ? 163 ASN A CA    1 
ATOM   1167 C C     . ASN A 1 169 ? -3.687  13.453  4.790   1.00 32.70 ? 163 ASN A C     1 
ATOM   1168 O O     . ASN A 1 169 ? -2.598  13.216  5.305   1.00 32.25 ? 163 ASN A O     1 
ATOM   1169 C CB    . ASN A 1 169 ? -5.384  11.594  4.675   1.00 35.60 ? 163 ASN A CB    1 
ATOM   1170 C CG    . ASN A 1 169 ? -5.182  10.351  5.536   1.00 36.16 ? 163 ASN A CG    1 
ATOM   1171 O OD1   . ASN A 1 169 ? -4.870  10.435  6.726   1.00 36.51 ? 163 ASN A OD1   1 
ATOM   1172 N ND2   . ASN A 1 169 ? -5.381  9.182   4.933   1.00 36.55 ? 163 ASN A ND2   1 
ATOM   1173 N N     . ALA A 1 170 ? -3.835  14.212  3.707   1.00 32.43 ? 164 ALA A N     1 
ATOM   1174 C CA    . ALA A 1 170 ? -2.713  14.909  3.085   1.00 32.92 ? 164 ALA A CA    1 
ATOM   1175 C C     . ALA A 1 170 ? -2.039  15.817  4.104   1.00 33.88 ? 164 ALA A C     1 
ATOM   1176 O O     . ALA A 1 170 ? -0.810  15.817  4.220   1.00 33.36 ? 164 ALA A O     1 
ATOM   1177 C CB    . ALA A 1 170 ? -3.181  15.717  1.891   1.00 32.93 ? 164 ALA A CB    1 
ATOM   1178 N N     . HIS A 1 171 ? -2.839  16.574  4.855   1.00 35.34 ? 165 HIS A N     1 
ATOM   1179 C CA    . HIS A 1 171 ? -2.286  17.425  5.917   1.00 36.83 ? 165 HIS A CA    1 
ATOM   1180 C C     . HIS A 1 171 ? -1.552  16.650  7.014   1.00 35.66 ? 165 HIS A C     1 
ATOM   1181 O O     . HIS A 1 171 ? -0.486  17.089  7.444   1.00 35.03 ? 165 HIS A O     1 
ATOM   1182 C CB    . HIS A 1 171 ? -3.342  18.332  6.559   1.00 39.10 ? 165 HIS A CB    1 
ATOM   1183 C CG    . HIS A 1 171 ? -2.816  19.136  7.713   1.00 41.33 ? 165 HIS A CG    1 
ATOM   1184 N ND1   . HIS A 1 171 ? -2.027  20.255  7.549   1.00 42.58 ? 165 HIS A ND1   1 
ATOM   1185 C CD2   . HIS A 1 171 ? -2.943  18.961  9.051   1.00 42.67 ? 165 HIS A CD2   1 
ATOM   1186 C CE1   . HIS A 1 171 ? -1.705  20.742  8.735   1.00 43.29 ? 165 HIS A CE1   1 
ATOM   1187 N NE2   . HIS A 1 171 ? -2.249  19.975  9.663   1.00 43.42 ? 165 HIS A NE2   1 
ATOM   1188 N N     . LEU A 1 172 ? -2.105  15.528  7.487   1.00 34.46 ? 166 LEU A N     1 
ATOM   1189 C CA    . LEU A 1 172 ? -1.414  14.742  8.526   1.00 34.13 ? 166 LEU A CA    1 
ATOM   1190 C C     . LEU A 1 172 ? -0.050  14.306  8.032   1.00 32.08 ? 166 LEU A C     1 
ATOM   1191 O O     . LEU A 1 172 ? 0.933   14.369  8.773   1.00 31.45 ? 166 LEU A O     1 
ATOM   1192 C CB    . LEU A 1 172 ? -2.174  13.472  8.928   1.00 35.85 ? 166 LEU A CB    1 
ATOM   1193 C CG    . LEU A 1 172 ? -3.233  13.535  10.028  1.00 37.25 ? 166 LEU A CG    1 
ATOM   1194 C CD1   . LEU A 1 172 ? -4.058  12.255  9.999   1.00 37.88 ? 166 LEU A CD1   1 
ATOM   1195 C CD2   . LEU A 1 172 ? -2.616  13.750  11.406  1.00 37.70 ? 166 LEU A CD2   1 
ATOM   1196 N N     . TYR A 1 173 ? -0.003  13.833  6.789   1.00 29.76 ? 167 TYR A N     1 
ATOM   1197 C CA    . TYR A 1 173 ? 1.253   13.364  6.199   1.00 28.66 ? 167 TYR A CA    1 
ATOM   1198 C C     . TYR A 1 173 ? 2.249   14.505  6.025   1.00 29.11 ? 167 TYR A C     1 
ATOM   1199 O O     . TYR A 1 173 ? 3.419   14.377  6.396   1.00 29.02 ? 167 TYR A O     1 
ATOM   1200 C CB    . TYR A 1 173 ? 1.020   12.652  4.855   1.00 27.97 ? 167 TYR A CB    1 
ATOM   1201 C CG    . TYR A 1 173 ? 0.721   11.169  5.009   1.00 28.37 ? 167 TYR A CG    1 
ATOM   1202 C CD1   . TYR A 1 173 ? -0.578  10.721  5.220   1.00 28.49 ? 167 TYR A CD1   1 
ATOM   1203 C CD2   . TYR A 1 173 ? 1.744   10.215  4.963   1.00 28.07 ? 167 TYR A CD2   1 
ATOM   1204 C CE1   . TYR A 1 173 ? -0.857  9.372   5.375   1.00 28.50 ? 167 TYR A CE1   1 
ATOM   1205 C CE2   . TYR A 1 173 ? 1.474   8.861   5.115   1.00 27.98 ? 167 TYR A CE2   1 
ATOM   1206 C CZ    . TYR A 1 173 ? 0.173   8.445   5.321   1.00 28.35 ? 167 TYR A CZ    1 
ATOM   1207 O OH    . TYR A 1 173 ? -0.103  7.106   5.474   1.00 28.54 ? 167 TYR A OH    1 
ATOM   1208 N N     . GLU A 1 174 ? 1.779   15.613  5.463   1.00 31.68 ? 168 GLU A N     1 
ATOM   1209 C CA    . GLU A 1 174 ? 2.637   16.769  5.233   1.00 34.06 ? 168 GLU A CA    1 
ATOM   1210 C C     . GLU A 1 174 ? 3.226   17.265  6.553   1.00 33.55 ? 168 GLU A C     1 
ATOM   1211 O O     . GLU A 1 174 ? 4.428   17.537  6.636   1.00 33.34 ? 168 GLU A O     1 
ATOM   1212 C CB    . GLU A 1 174 ? 1.880   17.864  4.473   1.00 36.37 ? 168 GLU A CB    1 
ATOM   1213 C CG    . GLU A 1 174 ? 1.855   17.595  2.971   1.00 38.50 ? 168 GLU A CG    1 
ATOM   1214 C CD    . GLU A 1 174 ? 0.792   18.366  2.205   1.00 39.72 ? 168 GLU A CD    1 
ATOM   1215 O OE1   . GLU A 1 174 ? -0.011  19.094  2.824   1.00 41.03 ? 168 GLU A OE1   1 
ATOM   1216 O OE2   . GLU A 1 174 ? 0.759   18.236  0.962   1.00 40.74 ? 168 GLU A OE2   1 
ATOM   1217 N N     . ARG A 1 175 ? 2.398   17.328  7.594   1.00 33.40 ? 169 ARG A N     1 
ATOM   1218 C CA    . ARG A 1 175 ? 2.864   17.724  8.922   1.00 32.98 ? 169 ARG A CA    1 
ATOM   1219 C C     . ARG A 1 175 ? 3.887   16.737  9.504   1.00 32.84 ? 169 ARG A C     1 
ATOM   1220 O O     . ARG A 1 175 ? 4.894   17.160  10.075  1.00 32.16 ? 169 ARG A O     1 
ATOM   1221 C CB    . ARG A 1 175 ? 1.672   17.898  9.882   1.00 32.76 ? 169 ARG A CB    1 
ATOM   1222 N N     . LEU A 1 176 ? 3.639   15.435  9.352   1.00 32.50 ? 170 LEU A N     1 
ATOM   1223 C CA    . LEU A 1 176 ? 4.588   14.412  9.825   1.00 32.36 ? 170 LEU A CA    1 
ATOM   1224 C C     . LEU A 1 176 ? 5.934   14.435  9.113   1.00 31.96 ? 170 LEU A C     1 
ATOM   1225 O O     . LEU A 1 176 ? 6.974   14.215  9.735   1.00 31.88 ? 170 LEU A O     1 
ATOM   1226 C CB    . LEU A 1 176 ? 3.991   13.008  9.685   1.00 33.98 ? 170 LEU A CB    1 
ATOM   1227 C CG    . LEU A 1 176 ? 2.921   12.668  10.719  1.00 35.78 ? 170 LEU A CG    1 
ATOM   1228 C CD1   . LEU A 1 176 ? 2.105   11.458  10.286  1.00 36.30 ? 170 LEU A CD1   1 
ATOM   1229 C CD2   . LEU A 1 176 ? 3.563   12.425  12.078  1.00 36.15 ? 170 LEU A CD2   1 
ATOM   1230 N N     . LEU A 1 177 ? 5.911   14.683  7.812   1.00 33.34 ? 171 LEU A N     1 
ATOM   1231 C CA    . LEU A 1 177 ? 7.145   14.694  7.043   1.00 34.51 ? 171 LEU A CA    1 
ATOM   1232 C C     . LEU A 1 177 ? 8.026   15.899  7.358   1.00 36.61 ? 171 LEU A C     1 
ATOM   1233 O O     . LEU A 1 177 ? 9.235   15.839  7.144   1.00 37.50 ? 171 LEU A O     1 
ATOM   1234 C CB    . LEU A 1 177 ? 6.846   14.620  5.549   1.00 34.55 ? 171 LEU A CB    1 
ATOM   1235 C CG    . LEU A 1 177 ? 6.394   13.212  5.146   1.00 34.93 ? 171 LEU A CG    1 
ATOM   1236 C CD1   . LEU A 1 177 ? 5.542   13.254  3.892   1.00 34.81 ? 171 LEU A CD1   1 
ATOM   1237 C CD2   . LEU A 1 177 ? 7.579   12.274  4.955   1.00 35.16 ? 171 LEU A CD2   1 
ATOM   1238 N N     . THR A 1 178 ? 7.442   16.980  7.872   1.00 38.23 ? 172 THR A N     1 
ATOM   1239 C CA    . THR A 1 178 ? 8.247   18.158  8.213   1.00 40.71 ? 172 THR A CA    1 
ATOM   1240 C C     . THR A 1 178 ? 8.711   18.190  9.678   1.00 43.41 ? 172 THR A C     1 
ATOM   1241 O O     . THR A 1 178 ? 9.198   19.216  10.139  1.00 43.31 ? 172 THR A O     1 
ATOM   1242 C CB    . THR A 1 178 ? 7.522   19.476  7.865   1.00 41.07 ? 172 THR A CB    1 
ATOM   1243 O OG1   . THR A 1 178 ? 6.312   19.586  8.629   1.00 41.42 ? 172 THR A OG1   1 
ATOM   1244 C CG2   . THR A 1 178 ? 7.195   19.526  6.382   1.00 41.33 ? 172 THR A CG2   1 
ATOM   1245 N N     . GLN A 1 179 ? 8.572   17.077  10.400  1.00 46.69 ? 173 GLN A N     1 
ATOM   1246 C CA    . GLN A 1 179 ? 9.063   16.970  11.782  1.00 49.50 ? 173 GLN A CA    1 
ATOM   1247 C C     . GLN A 1 179 ? 10.392  16.222  11.857  1.00 50.03 ? 173 GLN A C     1 
ATOM   1248 O O     . GLN A 1 179 ? 10.688  15.374  11.016  1.00 50.66 ? 173 GLN A O     1 
ATOM   1249 C CB    . GLN A 1 179 ? 8.020   16.279  12.662  1.00 51.64 ? 173 GLN A CB    1 
ATOM   1250 C CG    . GLN A 1 179 ? 6.930   17.234  13.119  1.00 53.32 ? 173 GLN A CG    1 
ATOM   1251 C CD    . GLN A 1 179 ? 5.618   16.548  13.457  1.00 54.94 ? 173 GLN A CD    1 
ATOM   1252 O OE1   . GLN A 1 179 ? 5.600   15.429  13.972  1.00 55.47 ? 173 GLN A OE1   1 
ATOM   1253 N NE2   . GLN A 1 179 ? 4.508   17.227  13.174  1.00 55.81 ? 173 GLN A NE2   1 
HETATM 1254 N N1    . APR B 2 .   ? -7.056  6.395   -4.143  1.00 22.00 ? 401 APR A N1    1 
HETATM 1255 C C2    . APR B 2 .   ? -6.384  6.603   -2.991  1.00 21.84 ? 401 APR A C2    1 
HETATM 1256 N N3    . APR B 2 .   ? -6.909  6.332   -1.781  1.00 21.84 ? 401 APR A N3    1 
HETATM 1257 C C4    . APR B 2 .   ? -8.159  5.827   -1.660  1.00 21.90 ? 401 APR A C4    1 
HETATM 1258 C C5    . APR B 2 .   ? -8.947  5.569   -2.866  1.00 21.93 ? 401 APR A C5    1 
HETATM 1259 C C6    . APR B 2 .   ? -8.312  5.889   -4.160  1.00 21.58 ? 401 APR A C6    1 
HETATM 1260 N N6    . APR B 2 .   ? -8.990  5.678   -5.309  1.00 21.96 ? 401 APR A N6    1 
HETATM 1261 N N7    . APR B 2 .   ? -10.131 5.079   -2.459  1.00 21.95 ? 401 APR A N7    1 
HETATM 1262 C C8    . APR B 2 .   ? -10.109 5.018   -1.106  1.00 21.84 ? 401 APR A C8    1 
HETATM 1263 N N9    . APR B 2 .   ? -8.932  5.473   -0.640  1.00 22.01 ? 401 APR A N9    1 
HETATM 1264 C "C1'" . APR B 2 .   ? -8.466  5.570   0.754   1.00 22.08 ? 401 APR A "C1'" 1 
HETATM 1265 C "C2'" . APR B 2 .   ? -9.527  5.537   1.837   1.00 22.35 ? 401 APR A "C2'" 1 
HETATM 1266 O "O2'" . APR B 2 .   ? -10.226 6.784   1.904   1.00 23.26 ? 401 APR A "O2'" 1 
HETATM 1267 C "C3'" . APR B 2 .   ? -8.636  5.264   3.032   1.00 22.00 ? 401 APR A "C3'" 1 
HETATM 1268 O "O3'" . APR B 2 .   ? -8.027  6.474   3.503   1.00 22.14 ? 401 APR A "O3'" 1 
HETATM 1269 O "O4'" . APR B 2 .   ? -7.627  4.451   1.044   1.00 22.18 ? 401 APR A "O4'" 1 
HETATM 1270 C "C4'" . APR B 2 .   ? -7.575  4.320   2.469   1.00 21.39 ? 401 APR A "C4'" 1 
HETATM 1271 C "C5'" . APR B 2 .   ? -7.803  2.865   2.875   1.00 21.16 ? 401 APR A "C5'" 1 
HETATM 1272 O "O5'" . APR B 2 .   ? -9.198  2.603   2.962   1.00 20.85 ? 401 APR A "O5'" 1 
HETATM 1273 P PA    . APR B 2 .   ? -9.833  1.202   2.506   1.00 20.97 ? 401 APR A PA    1 
HETATM 1274 O O1A   . APR B 2 .   ? -11.141 1.072   3.276   1.00 21.29 ? 401 APR A O1A   1 
HETATM 1275 O O2A   . APR B 2 .   ? -9.804  1.198   0.996   1.00 20.25 ? 401 APR A O2A   1 
HETATM 1276 O O3A   . APR B 2 .   ? -8.789  0.075   2.999   1.00 20.16 ? 401 APR A O3A   1 
HETATM 1277 P PB    . APR B 2 .   ? -8.614  -0.552  4.477   1.00 19.82 ? 401 APR A PB    1 
HETATM 1278 O O1B   . APR B 2 .   ? -7.219  -1.127  4.515   1.00 18.94 ? 401 APR A O1B   1 
HETATM 1279 O O2B   . APR B 2 .   ? -9.034  0.387   5.588   1.00 19.20 ? 401 APR A O2B   1 
HETATM 1280 O O5D   . APR B 2 .   ? -9.661  -1.768  4.484   1.00 19.54 ? 401 APR A O5D   1 
HETATM 1281 C C5D   . APR B 2 .   ? -9.426  -2.897  3.653   1.00 19.36 ? 401 APR A C5D   1 
HETATM 1282 O O4D   . APR B 2 .   ? -11.509 -2.759  2.444   1.00 21.22 ? 401 APR A O4D   1 
HETATM 1283 O O1D   . APR B 2 .   ? -11.636 -2.529  0.088   1.00 22.75 ? 401 APR A O1D   1 
HETATM 1284 C C1D   . APR B 2 .   ? -11.705 -3.433  1.190   1.00 21.75 ? 401 APR A C1D   1 
HETATM 1285 O O2D   . APR B 2 .   ? -10.889 -5.570  0.271   1.00 21.57 ? 401 APR A O2D   1 
HETATM 1286 C C2D   . APR B 2 .   ? -10.586 -4.457  1.114   1.00 21.35 ? 401 APR A C2D   1 
HETATM 1287 O O3D   . APR B 2 .   ? -11.564 -5.770  2.838   1.00 21.38 ? 401 APR A O3D   1 
HETATM 1288 C C3D   . APR B 2 .   ? -10.499 -4.865  2.555   1.00 20.93 ? 401 APR A C3D   1 
HETATM 1289 C C4D   . APR B 2 .   ? -10.736 -3.584  3.321   1.00 20.35 ? 401 APR A C4D   1 
HETATM 1290 O O     . HOH C 3 .   ? -1.086  2.467   16.690  1.00 27.55 ? 501 HOH A O     1 
HETATM 1291 O O     . HOH C 3 .   ? -2.072  6.259   6.967   1.00 21.48 ? 502 HOH A O     1 
HETATM 1292 O O     . HOH C 3 .   ? 0.437   5.407   3.447   1.00 20.85 ? 503 HOH A O     1 
HETATM 1293 O O     . HOH C 3 .   ? -9.269  -1.336  0.033   1.00 18.36 ? 504 HOH A O     1 
HETATM 1294 O O     . HOH C 3 .   ? 8.663   8.794   -9.680  1.00 36.23 ? 505 HOH A O     1 
HETATM 1295 O O     . HOH C 3 .   ? 11.301  0.671   -13.754 1.00 37.34 ? 506 HOH A O     1 
HETATM 1296 O O     . HOH C 3 .   ? -13.772 -3.460  -8.302  1.00 28.49 ? 507 HOH A O     1 
HETATM 1297 O O     . HOH C 3 .   ? -0.610  -12.433 9.882   1.00 23.80 ? 508 HOH A O     1 
HETATM 1298 O O     . HOH C 3 .   ? -11.152 5.407   -9.057  1.00 36.46 ? 509 HOH A O     1 
HETATM 1299 O O     . HOH C 3 .   ? -1.592  3.578   7.057   1.00 20.21 ? 510 HOH A O     1 
HETATM 1300 O O     . HOH C 3 .   ? -9.647  5.529   10.422  1.00 29.85 ? 511 HOH A O     1 
HETATM 1301 O O     . HOH C 3 .   ? -7.118  -4.403  21.473  1.00 40.23 ? 512 HOH A O     1 
HETATM 1302 O O     . HOH C 3 .   ? -8.333  -8.093  -2.393  1.00 22.82 ? 513 HOH A O     1 
HETATM 1303 O O     . HOH C 3 .   ? -5.173  6.737   0.543   1.00 22.30 ? 514 HOH A O     1 
HETATM 1304 O O     . HOH C 3 .   ? 15.670  -0.579  -11.731 1.00 33.47 ? 515 HOH A O     1 
HETATM 1305 O O     . HOH C 3 .   ? -12.219 4.740   9.114   1.00 36.15 ? 516 HOH A O     1 
HETATM 1306 O O     . HOH C 3 .   ? 15.314  -2.896  5.684   1.00 47.70 ? 517 HOH A O     1 
HETATM 1307 O O     . HOH C 3 .   ? 8.017   -4.836  -15.067 1.00 36.09 ? 518 HOH A O     1 
HETATM 1308 O O     . HOH C 3 .   ? 13.302  8.344   -9.360  1.00 47.87 ? 519 HOH A O     1 
HETATM 1309 O O     . HOH C 3 .   ? -6.305  4.564   -14.311 1.00 34.83 ? 520 HOH A O     1 
HETATM 1310 O O     . HOH C 3 .   ? -4.343  -11.993 -15.686 1.00 25.42 ? 521 HOH A O     1 
HETATM 1311 O O     . HOH C 3 .   ? -9.692  7.240   5.875   1.00 44.01 ? 522 HOH A O     1 
HETATM 1312 O O     . HOH C 3 .   ? -11.447 2.857   -10.257 1.00 25.01 ? 523 HOH A O     1 
HETATM 1313 O O     . HOH C 3 .   ? -0.517  -4.605  20.757  1.00 36.72 ? 524 HOH A O     1 
HETATM 1314 O O     . HOH C 3 .   ? -6.606  -7.133  14.197  1.00 29.80 ? 525 HOH A O     1 
HETATM 1315 O O     . HOH C 3 .   ? 1.025   10.266  -12.851 1.00 45.77 ? 526 HOH A O     1 
HETATM 1316 O O     . HOH C 3 .   ? -11.706 -1.092  13.205  1.00 34.64 ? 527 HOH A O     1 
HETATM 1317 O O     . HOH C 3 .   ? -11.648 5.918   -6.021  1.00 39.30 ? 528 HOH A O     1 
HETATM 1318 O O     . HOH C 3 .   ? -7.606  -6.003  -17.331 1.00 24.82 ? 529 HOH A O     1 
HETATM 1319 O O     . HOH C 3 .   ? -10.764 16.601  1.081   1.00 45.28 ? 530 HOH A O     1 
HETATM 1320 O O     . HOH C 3 .   ? 4.211   -11.821 5.801   1.00 27.20 ? 531 HOH A O     1 
HETATM 1321 O O     . HOH C 3 .   ? -13.265 2.700   2.512   1.00 23.55 ? 532 HOH A O     1 
HETATM 1322 O O     . HOH C 3 .   ? 17.782  6.112   -4.265  1.00 40.13 ? 533 HOH A O     1 
HETATM 1323 O O     . HOH C 3 .   ? -3.669  -4.143  -20.323 1.00 43.21 ? 534 HOH A O     1 
HETATM 1324 O O     . HOH C 3 .   ? -3.703  8.151   8.047   1.00 26.30 ? 535 HOH A O     1 
HETATM 1325 O O     . HOH C 3 .   ? -0.650  20.631  5.140   1.00 41.84 ? 536 HOH A O     1 
HETATM 1326 O O     . HOH C 3 .   ? -13.094 -0.565  1.717   1.00 31.36 ? 537 HOH A O     1 
HETATM 1327 O O     . HOH C 3 .   ? -9.758  -7.375  -11.473 1.00 20.55 ? 538 HOH A O     1 
HETATM 1328 O O     . HOH C 3 .   ? 4.417   -9.216  13.293  1.00 46.06 ? 539 HOH A O     1 
HETATM 1329 O O     . HOH C 3 .   ? 13.864  -6.587  -0.819  1.00 26.17 ? 540 HOH A O     1 
HETATM 1330 O O     . HOH C 3 .   ? -12.664 4.689   -3.621  1.00 42.51 ? 541 HOH A O     1 
HETATM 1331 O O     . HOH C 3 .   ? -6.489  8.860   2.274   1.00 27.27 ? 542 HOH A O     1 
HETATM 1332 O O     . HOH C 3 .   ? 11.574  0.253   7.608   1.00 33.34 ? 543 HOH A O     1 
HETATM 1333 O O     . HOH C 3 .   ? 1.477   -4.776  -15.643 1.00 23.48 ? 544 HOH A O     1 
HETATM 1334 O O     . HOH C 3 .   ? -8.347  -8.892  7.054   1.00 21.36 ? 545 HOH A O     1 
HETATM 1335 O O     . HOH C 3 .   ? -0.211  -13.862 -10.986 1.00 26.19 ? 546 HOH A O     1 
HETATM 1336 O O     . HOH C 3 .   ? -13.035 -2.983  -14.967 1.00 44.97 ? 547 HOH A O     1 
HETATM 1337 O O     . HOH C 3 .   ? 1.983   5.620   15.444  1.00 30.91 ? 548 HOH A O     1 
HETATM 1338 O O     . HOH C 3 .   ? 7.910   -8.981  1.110   1.00 19.22 ? 549 HOH A O     1 
HETATM 1339 O O     . HOH C 3 .   ? -6.364  -7.955  8.495   1.00 19.76 ? 550 HOH A O     1 
HETATM 1340 O O     . HOH C 3 .   ? 3.660   15.914  -4.317  1.00 40.81 ? 551 HOH A O     1 
HETATM 1341 O O     . HOH C 3 .   ? 6.436   4.100   -13.931 1.00 41.06 ? 552 HOH A O     1 
HETATM 1342 O O     . HOH C 3 .   ? 2.809   -15.773 -5.615  1.00 26.75 ? 553 HOH A O     1 
HETATM 1343 O O     . HOH C 3 .   ? 4.980   16.257  -0.513  1.00 32.38 ? 554 HOH A O     1 
HETATM 1344 O O     . HOH C 3 .   ? 1.991   -12.050 7.540   1.00 25.57 ? 555 HOH A O     1 
HETATM 1345 O O     . HOH C 3 .   ? -15.799 -0.783  9.492   1.00 38.57 ? 556 HOH A O     1 
HETATM 1346 O O     . HOH C 3 .   ? 0.945   -11.317 -12.112 1.00 20.27 ? 557 HOH A O     1 
HETATM 1347 O O     . HOH C 3 .   ? -11.246 9.551   -9.132  1.00 45.47 ? 558 HOH A O     1 
HETATM 1348 O O     . HOH C 3 .   ? -2.157  -18.385 3.016   1.00 29.36 ? 559 HOH A O     1 
HETATM 1349 O O     . HOH C 3 .   ? 5.404   -10.369 1.825   1.00 21.83 ? 560 HOH A O     1 
HETATM 1350 O O     . HOH C 3 .   ? -5.749  -3.597  3.858   1.00 18.10 ? 561 HOH A O     1 
HETATM 1351 O O     . HOH C 3 .   ? -13.915 2.423   -4.746  1.00 42.18 ? 562 HOH A O     1 
HETATM 1352 O O     . HOH C 3 .   ? -12.480 -7.851  -7.933  1.00 31.76 ? 563 HOH A O     1 
HETATM 1353 O O     . HOH C 3 .   ? -6.351  -7.975  -4.563  1.00 22.33 ? 564 HOH A O     1 
HETATM 1354 O O     . HOH C 3 .   ? -7.057  2.346   -16.090 1.00 38.02 ? 565 HOH A O     1 
HETATM 1355 O O     . HOH C 3 .   ? -11.337 -11.712 -13.515 1.00 36.28 ? 566 HOH A O     1 
HETATM 1356 O O     . HOH C 3 .   ? 2.189   -14.807 -9.970  1.00 29.86 ? 567 HOH A O     1 
HETATM 1357 O O     . HOH C 3 .   ? -12.450 12.092  -1.007  1.00 37.62 ? 568 HOH A O     1 
HETATM 1358 O O     . HOH C 3 .   ? -4.754  -13.003 7.972   1.00 33.47 ? 569 HOH A O     1 
HETATM 1359 O O     . HOH C 3 .   ? 4.328   -6.948  -14.006 1.00 43.66 ? 570 HOH A O     1 
HETATM 1360 O O     . HOH C 3 .   ? -4.333  8.429   15.920  1.00 33.43 ? 571 HOH A O     1 
HETATM 1361 O O     . HOH C 3 .   ? 15.993  -9.826  -6.331  1.00 34.76 ? 572 HOH A O     1 
HETATM 1362 O O     . HOH C 3 .   ? -6.481  -7.929  11.323  1.00 21.66 ? 573 HOH A O     1 
HETATM 1363 O O     . HOH C 3 .   ? -12.353 -5.243  -13.245 1.00 40.96 ? 574 HOH A O     1 
HETATM 1364 O O     . HOH C 3 .   ? -8.531  -0.028  23.550  1.00 31.52 ? 575 HOH A O     1 
HETATM 1365 O O     . HOH C 3 .   ? -3.173  3.130   -18.688 1.00 43.96 ? 576 HOH A O     1 
HETATM 1366 O O     . HOH C 3 .   ? 18.396  -4.107  -8.337  1.00 42.10 ? 577 HOH A O     1 
HETATM 1367 O O     . HOH C 3 .   ? -1.248  -2.188  18.231  1.00 37.35 ? 578 HOH A O     1 
HETATM 1368 O O     . HOH C 3 .   ? -1.436  -0.126  -18.835 1.00 46.69 ? 579 HOH A O     1 
HETATM 1369 O O     . HOH C 3 .   ? 8.176   -11.512 -8.842  1.00 30.47 ? 580 HOH A O     1 
HETATM 1370 O O     . HOH C 3 .   ? -1.222  16.748  -4.690  1.00 44.23 ? 581 HOH A O     1 
HETATM 1371 O O     . HOH C 3 .   ? -0.947  7.299   1.778   1.00 28.35 ? 582 HOH A O     1 
HETATM 1372 O O     . HOH C 3 .   ? -14.390 -8.306  -0.045  1.00 42.96 ? 583 HOH A O     1 
HETATM 1373 O O     . HOH C 3 .   ? 11.802  -9.694  -10.936 1.00 42.06 ? 584 HOH A O     1 
HETATM 1374 O O     . HOH C 3 .   ? -11.292 -11.699 3.517   1.00 30.51 ? 585 HOH A O     1 
HETATM 1375 O O     . HOH C 3 .   ? -0.022  -3.985  -18.608 1.00 42.67 ? 586 HOH A O     1 
HETATM 1376 O O     . HOH C 3 .   ? -4.805  -20.340 1.785   1.00 29.17 ? 587 HOH A O     1 
HETATM 1377 O O     . HOH C 3 .   ? 2.771   -13.110 -5.929  1.00 27.56 ? 588 HOH A O     1 
HETATM 1378 O O     . HOH C 3 .   ? 9.146   14.614  2.467   1.00 45.06 ? 589 HOH A O     1 
HETATM 1379 O O     . HOH C 3 .   ? 14.488  -5.229  4.191   1.00 39.95 ? 590 HOH A O     1 
HETATM 1380 O O     . HOH C 3 .   ? 5.082   -17.635 -11.733 0.50 53.44 ? 591 HOH A O     1 
HETATM 1381 O O     . HOH C 3 .   ? -4.276  -19.472 -12.811 1.00 44.22 ? 592 HOH A O     1 
HETATM 1382 O O     . HOH C 3 .   ? 17.002  -3.427  -1.172  1.00 35.32 ? 593 HOH A O     1 
HETATM 1383 O O     . HOH C 3 .   ? 8.779   -5.859  19.794  1.00 36.46 ? 594 HOH A O     1 
HETATM 1384 O O     . HOH C 3 .   ? 19.996  -2.117  -0.705  1.00 46.76 ? 595 HOH A O     1 
HETATM 1385 O O     . HOH C 3 .   ? -9.290  11.634  -10.130 1.00 48.01 ? 596 HOH A O     1 
HETATM 1386 O O     . HOH C 3 .   ? 6.767   -9.660  8.565   1.00 36.78 ? 597 HOH A O     1 
HETATM 1387 O O     . HOH C 3 .   ? -13.229 -5.485  -6.379  1.00 24.09 ? 598 HOH A O     1 
HETATM 1388 O O     . HOH C 3 .   ? 5.826   20.144  12.034  1.00 54.05 ? 599 HOH A O     1 
HETATM 1389 O O     . HOH C 3 .   ? -4.981  -23.976 -13.404 1.00 40.72 ? 600 HOH A O     1 
HETATM 1390 O O     . HOH C 3 .   ? -4.583  20.289  3.935   1.00 49.90 ? 601 HOH A O     1 
HETATM 1391 O O     . HOH C 3 .   ? -9.072  12.558  10.144  1.00 44.23 ? 602 HOH A O     1 
HETATM 1392 O O     . HOH C 3 .   ? -11.006 -4.319  22.693  1.00 34.22 ? 603 HOH A O     1 
HETATM 1393 O O     . HOH C 3 .   ? -8.877  -8.719  -19.069 1.00 38.62 ? 604 HOH A O     1 
HETATM 1394 O O     . HOH C 3 .   ? -7.164  -12.120 8.356   1.00 43.55 ? 605 HOH A O     1 
HETATM 1395 O O     . HOH C 3 .   ? -5.289  -5.860  -18.664 1.00 40.22 ? 606 HOH A O     1 
HETATM 1396 O O     . HOH C 3 .   ? -3.099  -14.216 -14.881 1.00 33.39 ? 607 HOH A O     1 
HETATM 1397 O O     . HOH C 3 .   ? 15.996  -6.531  -2.525  1.00 39.96 ? 608 HOH A O     1 
HETATM 1398 O O     . HOH C 3 .   ? 0.014   -6.579  22.865  1.00 41.75 ? 609 HOH A O     1 
HETATM 1399 O O     . HOH C 3 .   ? -13.881 4.238   4.909   1.00 40.66 ? 610 HOH A O     1 
HETATM 1400 O O     . HOH C 3 .   ? 16.766  8.638   -5.423  1.00 49.20 ? 611 HOH A O     1 
HETATM 1401 O O     . HOH C 3 .   ? 15.088  -4.645  0.758   1.00 33.02 ? 612 HOH A O     1 
HETATM 1402 O O     . HOH C 3 .   ? -13.945 -4.751  -10.814 1.00 45.05 ? 613 HOH A O     1 
HETATM 1403 O O     . HOH C 3 .   ? -13.029 4.653   0.475   1.00 32.00 ? 614 HOH A O     1 
HETATM 1404 O O     . HOH C 3 .   ? 6.874   -11.965 6.782   1.00 35.01 ? 615 HOH A O     1 
HETATM 1405 O O     . HOH C 3 .   ? -5.509  -15.382 5.991   1.00 42.43 ? 616 HOH A O     1 
HETATM 1406 O O     . HOH C 3 .   ? 14.179  -0.689  7.037   1.00 41.72 ? 617 HOH A O     1 
HETATM 1407 O O     . HOH C 3 .   ? -13.951 -10.209 2.249   1.00 30.85 ? 618 HOH A O     1 
HETATM 1408 O O     . HOH C 3 .   ? -11.488 3.347   -13.008 1.00 38.11 ? 619 HOH A O     1 
HETATM 1409 O O     . HOH C 3 .   ? -3.123  -13.581 10.135  1.00 39.28 ? 620 HOH A O     1 
HETATM 1410 O O     . HOH C 3 .   ? -10.746 -1.399  22.636  1.00 30.25 ? 621 HOH A O     1 
HETATM 1411 O O     . HOH C 3 .   ? -11.065 8.253   10.602  1.00 49.14 ? 622 HOH A O     1 
HETATM 1412 O O     . HOH C 3 .   ? -1.134  0.653   19.114  1.00 40.29 ? 623 HOH A O     1 
HETATM 1413 O O     . HOH C 3 .   ? 5.649   -11.912 -10.128 1.00 44.38 ? 624 HOH A O     1 
HETATM 1414 O O     . HOH C 3 .   ? -2.501  10.345  17.381  1.00 48.72 ? 625 HOH A O     1 
HETATM 1415 O O     . HOH C 3 .   ? 9.681   -3.496  18.270  1.00 34.98 ? 626 HOH A O     1 
HETATM 1416 O O     . HOH C 3 .   ? 1.120   -14.393 8.888   0.50 26.53 ? 627 HOH A O     1 
HETATM 1417 O O     . HOH C 3 .   ? -13.512 4.271   11.499  1.00 49.00 ? 628 HOH A O     1 
HETATM 1418 O O     . HOH C 3 .   ? -6.500  13.222  13.119  1.00 45.13 ? 629 HOH A O     1 
HETATM 1419 O O     . HOH C 3 .   ? -12.416 -7.717  -11.431 1.00 36.81 ? 630 HOH A O     1 
HETATM 1420 O O     . HOH C 3 .   ? -13.417 -9.917  -12.865 1.00 38.08 ? 631 HOH A O     1 
HETATM 1421 O O     . HOH C 3 .   ? -0.639  -14.318 -13.736 1.00 35.01 ? 632 HOH A O     1 
HETATM 1422 O O     . HOH C 3 .   ? -6.756  -6.700  25.257  1.00 36.00 ? 633 HOH A O     1 
HETATM 1423 O O     . HOH C 3 .   ? 1.356   3.756   17.370  1.00 42.39 ? 634 HOH A O     1 
HETATM 1424 O O     . HOH C 3 .   ? 0.334   -12.436 12.687  1.00 31.40 ? 635 HOH A O     1 
HETATM 1425 O O     . HOH C 3 .   ? -4.495  6.440   18.091  1.00 41.40 ? 636 HOH A O     1 
HETATM 1426 O O     . HOH C 3 .   ? -6.967  5.755   19.411  1.00 43.00 ? 637 HOH A O     1 
# 
loop_
_pdbx_poly_seq_scheme.asym_id 
_pdbx_poly_seq_scheme.entity_id 
_pdbx_poly_seq_scheme.seq_id 
_pdbx_poly_seq_scheme.mon_id 
_pdbx_poly_seq_scheme.ndb_seq_num 
_pdbx_poly_seq_scheme.pdb_seq_num 
_pdbx_poly_seq_scheme.auth_seq_num 
_pdbx_poly_seq_scheme.pdb_mon_id 
_pdbx_poly_seq_scheme.auth_mon_id 
_pdbx_poly_seq_scheme.pdb_strand_id 
_pdbx_poly_seq_scheme.pdb_ins_code 
_pdbx_poly_seq_scheme.hetero 
A 1 1   HIS 1   -5  ?   ?   ?   A . n 
A 1 2   HIS 2   -4  ?   ?   ?   A . n 
A 1 3   HIS 3   -3  ?   ?   ?   A . n 
A 1 4   HIS 4   -2  ?   ?   ?   A . n 
A 1 5   HIS 5   -1  ?   ?   ?   A . n 
A 1 6   HIS 6   0   ?   ?   ?   A . n 
A 1 7   MET 7   1   ?   ?   ?   A . n 
A 1 8   LYS 8   2   ?   ?   ?   A . n 
A 1 9   THR 9   3   3   THR THR A . n 
A 1 10  ARG 10  4   4   ARG ARG A . n 
A 1 11  ILE 11  5   5   ILE ILE A . n 
A 1 12  HIS 12  6   6   HIS HIS A . n 
A 1 13  VAL 13  7   7   VAL VAL A . n 
A 1 14  VAL 14  8   8   VAL VAL A . n 
A 1 15  GLN 15  9   9   GLN GLN A . n 
A 1 16  GLY 16  10  10  GLY GLY A . n 
A 1 17  ASP 17  11  11  ASP ASP A . n 
A 1 18  ILE 18  12  12  ILE ILE A . n 
A 1 19  THR 19  13  13  THR THR A . n 
A 1 20  LYS 20  14  14  LYS LYS A . n 
A 1 21  LEU 21  15  15  LEU LEU A . n 
A 1 22  ALA 22  16  16  ALA ALA A . n 
A 1 23  VAL 23  17  17  VAL VAL A . n 
A 1 24  ASP 24  18  18  ASP ASP A . n 
A 1 25  VAL 25  19  19  VAL VAL A . n 
A 1 26  ILE 26  20  20  ILE ILE A . n 
A 1 27  VAL 27  21  21  VAL VAL A . n 
A 1 28  ASN 28  22  22  ASN ASN A . n 
A 1 29  ALA 29  23  23  ALA ALA A . n 
A 1 30  ALA 30  24  24  ALA ALA A . n 
A 1 31  ASN 31  25  25  ASN ASN A . n 
A 1 32  PRO 32  26  26  PRO PRO A . n 
A 1 33  SER 33  27  27  SER SER A . n 
A 1 34  LEU 34  28  28  LEU LEU A . n 
A 1 35  MET 35  29  29  MET MET A . n 
A 1 36  GLY 36  30  30  GLY GLY A . n 
A 1 37  GLY 37  31  31  GLY GLY A . n 
A 1 38  GLY 38  32  32  GLY GLY A . n 
A 1 39  GLY 39  33  33  GLY GLY A . n 
A 1 40  VAL 40  34  34  VAL VAL A . n 
A 1 41  ASP 41  35  35  ASP ASP A . n 
A 1 42  GLY 42  36  36  GLY GLY A . n 
A 1 43  ALA 43  37  37  ALA ALA A . n 
A 1 44  ILE 44  38  38  ILE ILE A . n 
A 1 45  HIS 45  39  39  HIS HIS A . n 
A 1 46  ARG 46  40  40  ARG ARG A . n 
A 1 47  ALA 47  41  41  ALA ALA A . n 
A 1 48  ALA 48  42  42  ALA ALA A . n 
A 1 49  GLY 49  43  43  GLY GLY A . n 
A 1 50  PRO 50  44  44  PRO PRO A . n 
A 1 51  ALA 51  45  45  ALA ALA A . n 
A 1 52  LEU 52  46  46  LEU LEU A . n 
A 1 53  LEU 53  47  47  LEU LEU A . n 
A 1 54  ASP 54  48  48  ASP ASP A . n 
A 1 55  ALA 55  49  49  ALA ALA A . n 
A 1 56  CYS 56  50  50  CYS CYS A . n 
A 1 57  LEU 57  51  51  LEU LEU A . n 
A 1 58  LYS 58  52  52  LYS LYS A . n 
A 1 59  VAL 59  53  53  VAL VAL A . n 
A 1 60  ARG 60  54  54  ARG ARG A . n 
A 1 61  GLN 61  55  55  GLN GLN A . n 
A 1 62  GLN 62  56  56  GLN GLN A . n 
A 1 63  GLN 63  57  57  GLN GLN A . n 
A 1 64  GLY 64  58  58  GLY GLY A . n 
A 1 65  ASP 65  59  59  ASP ASP A . n 
A 1 66  CYS 66  60  60  CYS CYS A . n 
A 1 67  PRO 67  61  61  PRO PRO A . n 
A 1 68  THR 68  62  62  THR THR A . n 
A 1 69  GLY 69  63  63  GLY GLY A . n 
A 1 70  HIS 70  64  64  HIS HIS A . n 
A 1 71  ALA 71  65  65  ALA ALA A . n 
A 1 72  VAL 72  66  66  VAL VAL A . n 
A 1 73  ILE 73  67  67  ILE ILE A . n 
A 1 74  THR 74  68  68  THR THR A . n 
A 1 75  LEU 75  69  69  LEU LEU A . n 
A 1 76  ALA 76  70  70  ALA ALA A . n 
A 1 77  GLY 77  71  71  GLY GLY A . n 
A 1 78  ASP 78  72  72  ASP ASP A . n 
A 1 79  LEU 79  73  73  LEU LEU A . n 
A 1 80  PRO 80  74  74  PRO PRO A . n 
A 1 81  ALA 81  75  75  ALA ALA A . n 
A 1 82  LYS 82  76  76  LYS LYS A . n 
A 1 83  ALA 83  77  77  ALA ALA A . n 
A 1 84  VAL 84  78  78  VAL VAL A . n 
A 1 85  VAL 85  79  79  VAL VAL A . n 
A 1 86  HIS 86  80  80  HIS HIS A . n 
A 1 87  THR 87  81  81  THR THR A . n 
A 1 88  VAL 88  82  82  VAL VAL A . n 
A 1 89  GLY 89  83  83  GLY GLY A . n 
A 1 90  PRO 90  84  84  PRO PRO A . n 
A 1 91  VAL 91  85  85  VAL VAL A . n 
A 1 92  TRP 92  86  86  TRP TRP A . n 
A 1 93  ARG 93  87  87  ARG ARG A . n 
A 1 94  GLY 94  88  88  GLY GLY A . n 
A 1 95  GLY 95  89  89  GLY GLY A . n 
A 1 96  GLU 96  90  90  GLU GLU A . n 
A 1 97  GLN 97  91  91  GLN GLN A . n 
A 1 98  ASN 98  92  92  ASN ASN A . n 
A 1 99  GLU 99  93  93  GLU GLU A . n 
A 1 100 ASP 100 94  94  ASP ASP A . n 
A 1 101 GLN 101 95  95  GLN GLN A . n 
A 1 102 LEU 102 96  96  LEU LEU A . n 
A 1 103 LEU 103 97  97  LEU LEU A . n 
A 1 104 GLN 104 98  98  GLN GLN A . n 
A 1 105 ASP 105 99  99  ASP ASP A . n 
A 1 106 ALA 106 100 100 ALA ALA A . n 
A 1 107 TYR 107 101 101 TYR TYR A . n 
A 1 108 LEU 108 102 102 LEU LEU A . n 
A 1 109 ASN 109 103 103 ASN ASN A . n 
A 1 110 SER 110 104 104 SER SER A . n 
A 1 111 LEU 111 105 105 LEU LEU A . n 
A 1 112 ARG 112 106 106 ARG ARG A . n 
A 1 113 LEU 113 107 107 LEU LEU A . n 
A 1 114 VAL 114 108 108 VAL VAL A . n 
A 1 115 ALA 115 109 109 ALA ALA A . n 
A 1 116 ALA 116 110 110 ALA ALA A . n 
A 1 117 ASN 117 111 111 ASN ASN A . n 
A 1 118 SER 118 112 112 SER SER A . n 
A 1 119 TYR 119 113 113 TYR TYR A . n 
A 1 120 THR 120 114 114 THR THR A . n 
A 1 121 SER 121 115 115 SER SER A . n 
A 1 122 VAL 122 116 116 VAL VAL A . n 
A 1 123 ALA 123 117 117 ALA ALA A . n 
A 1 124 PHE 124 118 118 PHE PHE A . n 
A 1 125 PRO 125 119 119 PRO PRO A . n 
A 1 126 ALA 126 120 120 ALA ALA A . n 
A 1 127 ILE 127 121 121 ILE ILE A . n 
A 1 128 SER 128 122 122 SER SER A . n 
A 1 129 THR 129 123 123 THR THR A . n 
A 1 130 GLY 130 124 124 GLY GLY A . n 
A 1 131 VAL 131 125 125 VAL VAL A . n 
A 1 132 TYR 132 126 126 TYR TYR A . n 
A 1 133 GLY 133 127 127 GLY GLY A . n 
A 1 134 TYR 134 128 128 TYR TYR A . n 
A 1 135 PRO 135 129 129 PRO PRO A . n 
A 1 136 ARG 136 130 130 ARG ARG A . n 
A 1 137 ALA 137 131 131 ALA ALA A . n 
A 1 138 ALA 138 132 132 ALA ALA A . n 
A 1 139 ALA 139 133 133 ALA ALA A . n 
A 1 140 ALA 140 134 134 ALA ALA A . n 
A 1 141 GLU 141 135 135 GLU GLU A . n 
A 1 142 ILE 142 136 136 ILE ILE A . n 
A 1 143 ALA 143 137 137 ALA ALA A . n 
A 1 144 VAL 144 138 138 VAL VAL A . n 
A 1 145 LYS 145 139 139 LYS LYS A . n 
A 1 146 THR 146 140 140 THR THR A . n 
A 1 147 VAL 147 141 141 VAL VAL A . n 
A 1 148 SER 148 142 142 SER SER A . n 
A 1 149 GLU 149 143 143 GLU GLU A . n 
A 1 150 PHE 150 144 144 PHE PHE A . n 
A 1 151 ILE 151 145 145 ILE ILE A . n 
A 1 152 THR 152 146 146 THR THR A . n 
A 1 153 ARG 153 147 147 ARG ARG A . n 
A 1 154 HIS 154 148 148 HIS HIS A . n 
A 1 155 ALA 155 149 149 ALA ALA A . n 
A 1 156 LEU 156 150 150 LEU LEU A . n 
A 1 157 PRO 157 151 151 PRO PRO A . n 
A 1 158 GLU 158 152 152 GLU GLU A . n 
A 1 159 GLN 159 153 153 GLN GLN A . n 
A 1 160 VAL 160 154 154 VAL VAL A . n 
A 1 161 TYR 161 155 155 TYR TYR A . n 
A 1 162 PHE 162 156 156 PHE PHE A . n 
A 1 163 VAL 163 157 157 VAL VAL A . n 
A 1 164 CYS 164 158 158 CYS CYS A . n 
A 1 165 TYR 165 159 159 TYR TYR A . n 
A 1 166 ASP 166 160 160 ASP ASP A . n 
A 1 167 GLU 167 161 161 GLU GLU A . n 
A 1 168 GLU 168 162 162 GLU GLU A . n 
A 1 169 ASN 169 163 163 ASN ASN A . n 
A 1 170 ALA 170 164 164 ALA ALA A . n 
A 1 171 HIS 171 165 165 HIS HIS A . n 
A 1 172 LEU 172 166 166 LEU LEU A . n 
A 1 173 TYR 173 167 167 TYR TYR A . n 
A 1 174 GLU 174 168 168 GLU GLU A . n 
A 1 175 ARG 175 169 169 ARG ARG A . n 
A 1 176 LEU 176 170 170 LEU LEU A . n 
A 1 177 LEU 177 171 171 LEU LEU A . n 
A 1 178 THR 178 172 172 THR THR A . n 
A 1 179 GLN 179 173 173 GLN GLN A . n 
A 1 180 GLN 180 174 ?   ?   ?   A . n 
A 1 181 GLY 181 175 ?   ?   ?   A . n 
A 1 182 ASP 182 176 ?   ?   ?   A . n 
A 1 183 GLU 183 177 ?   ?   ?   A . n 
# 
loop_
_pdbx_nonpoly_scheme.asym_id 
_pdbx_nonpoly_scheme.entity_id 
_pdbx_nonpoly_scheme.mon_id 
_pdbx_nonpoly_scheme.ndb_seq_num 
_pdbx_nonpoly_scheme.pdb_seq_num 
_pdbx_nonpoly_scheme.auth_seq_num 
_pdbx_nonpoly_scheme.pdb_mon_id 
_pdbx_nonpoly_scheme.auth_mon_id 
_pdbx_nonpoly_scheme.pdb_strand_id 
_pdbx_nonpoly_scheme.pdb_ins_code 
B 2 APR 1   401 401  APR APR A . 
C 3 HOH 1   501 1003 HOH HOH A . 
C 3 HOH 2   502 1031 HOH HOH A . 
C 3 HOH 3   503 1029 HOH HOH A . 
C 3 HOH 4   504 1038 HOH HOH A . 
C 3 HOH 5   505 1055 HOH HOH A . 
C 3 HOH 6   506 1037 HOH HOH A . 
C 3 HOH 7   507 1059 HOH HOH A . 
C 3 HOH 8   508 1102 HOH HOH A . 
C 3 HOH 9   509 1057 HOH HOH A . 
C 3 HOH 10  510 1030 HOH HOH A . 
C 3 HOH 11  511 1036 HOH HOH A . 
C 3 HOH 12  512 1118 HOH HOH A . 
C 3 HOH 13  513 1043 HOH HOH A . 
C 3 HOH 14  514 1033 HOH HOH A . 
C 3 HOH 15  515 1065 HOH HOH A . 
C 3 HOH 16  516 1096 HOH HOH A . 
C 3 HOH 17  517 1107 HOH HOH A . 
C 3 HOH 18  518 1110 HOH HOH A . 
C 3 HOH 19  519 1125 HOH HOH A . 
C 3 HOH 20  520 1048 HOH HOH A . 
C 3 HOH 21  521 1011 HOH HOH A . 
C 3 HOH 22  522 1122 HOH HOH A . 
C 3 HOH 23  523 1058 HOH HOH A . 
C 3 HOH 24  524 1105 HOH HOH A . 
C 3 HOH 25  525 1040 HOH HOH A . 
C 3 HOH 26  526 1135 HOH HOH A . 
C 3 HOH 27  527 1088 HOH HOH A . 
C 3 HOH 28  528 1056 HOH HOH A . 
C 3 HOH 29  529 1008 HOH HOH A . 
C 3 HOH 30  530 1132 HOH HOH A . 
C 3 HOH 31  531 1068 HOH HOH A . 
C 3 HOH 32  532 1046 HOH HOH A . 
C 3 HOH 33  533 1074 HOH HOH A . 
C 3 HOH 34  534 1083 HOH HOH A . 
C 3 HOH 35  535 1032 HOH HOH A . 
C 3 HOH 36  536 1113 HOH HOH A . 
C 3 HOH 37  537 1066 HOH HOH A . 
C 3 HOH 38  538 1006 HOH HOH A . 
C 3 HOH 39  539 1119 HOH HOH A . 
C 3 HOH 40  540 1010 HOH HOH A . 
C 3 HOH 41  541 1081 HOH HOH A . 
C 3 HOH 42  542 1034 HOH HOH A . 
C 3 HOH 43  543 1073 HOH HOH A . 
C 3 HOH 44  544 1004 HOH HOH A . 
C 3 HOH 45  545 1092 HOH HOH A . 
C 3 HOH 46  546 1001 HOH HOH A . 
C 3 HOH 47  547 1017 HOH HOH A . 
C 3 HOH 48  548 1079 HOH HOH A . 
C 3 HOH 49  549 1005 HOH HOH A . 
C 3 HOH 50  550 1091 HOH HOH A . 
C 3 HOH 51  551 1054 HOH HOH A . 
C 3 HOH 52  552 1013 HOH HOH A . 
C 3 HOH 53  553 1014 HOH HOH A . 
C 3 HOH 54  554 1053 HOH HOH A . 
C 3 HOH 55  555 1012 HOH HOH A . 
C 3 HOH 56  556 1115 HOH HOH A . 
C 3 HOH 57  557 1002 HOH HOH A . 
C 3 HOH 58  558 1133 HOH HOH A . 
C 3 HOH 59  559 1069 HOH HOH A . 
C 3 HOH 60  560 1007 HOH HOH A . 
C 3 HOH 61  561 1039 HOH HOH A . 
C 3 HOH 62  562 1114 HOH HOH A . 
C 3 HOH 63  563 1061 HOH HOH A . 
C 3 HOH 64  564 1042 HOH HOH A . 
C 3 HOH 65  565 1064 HOH HOH A . 
C 3 HOH 66  566 1025 HOH HOH A . 
C 3 HOH 67  567 1009 HOH HOH A . 
C 3 HOH 68  568 1117 HOH HOH A . 
C 3 HOH 69  569 1076 HOH HOH A . 
C 3 HOH 70  570 1109 HOH HOH A . 
C 3 HOH 71  571 1015 HOH HOH A . 
C 3 HOH 72  572 1087 HOH HOH A . 
C 3 HOH 73  573 1097 HOH HOH A . 
C 3 HOH 74  574 1062 HOH HOH A . 
C 3 HOH 75  575 1016 HOH HOH A . 
C 3 HOH 76  576 1116 HOH HOH A . 
C 3 HOH 77  577 1121 HOH HOH A . 
C 3 HOH 78  578 1044 HOH HOH A . 
C 3 HOH 79  579 1128 HOH HOH A . 
C 3 HOH 80  580 1045 HOH HOH A . 
C 3 HOH 81  581 1131 HOH HOH A . 
C 3 HOH 82  582 1028 HOH HOH A . 
C 3 HOH 83  583 1136 HOH HOH A . 
C 3 HOH 84  584 1120 HOH HOH A . 
C 3 HOH 85  585 1101 HOH HOH A . 
C 3 HOH 86  586 1094 HOH HOH A . 
C 3 HOH 87  587 1021 HOH HOH A . 
C 3 HOH 88  588 1019 HOH HOH A . 
C 3 HOH 89  589 1126 HOH HOH A . 
C 3 HOH 90  590 1108 HOH HOH A . 
C 3 HOH 91  591 1090 HOH HOH A . 
C 3 HOH 92  592 1086 HOH HOH A . 
C 3 HOH 93  593 1085 HOH HOH A . 
C 3 HOH 94  594 1078 HOH HOH A . 
C 3 HOH 95  595 1095 HOH HOH A . 
C 3 HOH 96  596 1134 HOH HOH A . 
C 3 HOH 97  597 1020 HOH HOH A . 
C 3 HOH 98  598 1060 HOH HOH A . 
C 3 HOH 99  599 1127 HOH HOH A . 
C 3 HOH 100 600 1137 HOH HOH A . 
C 3 HOH 101 601 1075 HOH HOH A . 
C 3 HOH 102 602 1123 HOH HOH A . 
C 3 HOH 103 603 1049 HOH HOH A . 
C 3 HOH 104 604 1063 HOH HOH A . 
C 3 HOH 105 605 1041 HOH HOH A . 
C 3 HOH 106 606 1082 HOH HOH A . 
C 3 HOH 107 607 1051 HOH HOH A . 
C 3 HOH 108 608 1084 HOH HOH A . 
C 3 HOH 109 609 1071 HOH HOH A . 
C 3 HOH 110 610 1080 HOH HOH A . 
C 3 HOH 111 611 1112 HOH HOH A . 
C 3 HOH 112 612 1022 HOH HOH A . 
C 3 HOH 113 613 1100 HOH HOH A . 
C 3 HOH 114 614 1047 HOH HOH A . 
C 3 HOH 115 615 1070 HOH HOH A . 
C 3 HOH 116 616 1111 HOH HOH A . 
C 3 HOH 117 617 1106 HOH HOH A . 
C 3 HOH 118 618 1050 HOH HOH A . 
C 3 HOH 119 619 1098 HOH HOH A . 
C 3 HOH 120 620 1103 HOH HOH A . 
C 3 HOH 121 621 1026 HOH HOH A . 
C 3 HOH 122 622 1035 HOH HOH A . 
C 3 HOH 123 623 1089 HOH HOH A . 
C 3 HOH 124 624 1099 HOH HOH A . 
C 3 HOH 125 625 1124 HOH HOH A . 
C 3 HOH 126 626 1077 HOH HOH A . 
C 3 HOH 127 627 1104 HOH HOH A . 
C 3 HOH 128 628 1130 HOH HOH A . 
C 3 HOH 129 629 1024 HOH HOH A . 
C 3 HOH 130 630 1018 HOH HOH A . 
C 3 HOH 131 631 1027 HOH HOH A . 
C 3 HOH 132 632 1023 HOH HOH A . 
C 3 HOH 133 633 1052 HOH HOH A . 
C 3 HOH 134 634 1072 HOH HOH A . 
C 3 HOH 135 635 1067 HOH HOH A . 
C 3 HOH 136 636 1093 HOH HOH A . 
C 3 HOH 137 637 1129 HOH HOH A . 
# 
_pdbx_struct_assembly.id                   1 
_pdbx_struct_assembly.details              author_and_software_defined_assembly 
_pdbx_struct_assembly.method_details       PISA 
_pdbx_struct_assembly.oligomeric_details   monomeric 
_pdbx_struct_assembly.oligomeric_count     1 
# 
_pdbx_struct_assembly_gen.assembly_id       1 
_pdbx_struct_assembly_gen.oper_expression   1 
_pdbx_struct_assembly_gen.asym_id_list      A,B,C 
# 
loop_
_pdbx_struct_assembly_prop.biol_id 
_pdbx_struct_assembly_prop.type 
_pdbx_struct_assembly_prop.value 
_pdbx_struct_assembly_prop.details 
1 'ABSA (A^2)' 1000 ? 
1 MORE         -10  ? 
1 'SSA (A^2)'  7590 ? 
# 
_pdbx_struct_oper_list.id                   1 
_pdbx_struct_oper_list.type                 'identity operation' 
_pdbx_struct_oper_list.name                 1_555 
_pdbx_struct_oper_list.symmetry_operation   x,y,z 
_pdbx_struct_oper_list.matrix[1][1]         1.0000000000 
_pdbx_struct_oper_list.matrix[1][2]         0.0000000000 
_pdbx_struct_oper_list.matrix[1][3]         0.0000000000 
_pdbx_struct_oper_list.vector[1]            0.0000000000 
_pdbx_struct_oper_list.matrix[2][1]         0.0000000000 
_pdbx_struct_oper_list.matrix[2][2]         1.0000000000 
_pdbx_struct_oper_list.matrix[2][3]         0.0000000000 
_pdbx_struct_oper_list.vector[2]            0.0000000000 
_pdbx_struct_oper_list.matrix[3][1]         0.0000000000 
_pdbx_struct_oper_list.matrix[3][2]         0.0000000000 
_pdbx_struct_oper_list.matrix[3][3]         1.0000000000 
_pdbx_struct_oper_list.vector[3]            0.0000000000 
# 
loop_
_pdbx_struct_special_symmetry.id 
_pdbx_struct_special_symmetry.PDB_model_num 
_pdbx_struct_special_symmetry.auth_asym_id 
_pdbx_struct_special_symmetry.auth_comp_id 
_pdbx_struct_special_symmetry.auth_seq_id 
_pdbx_struct_special_symmetry.PDB_ins_code 
_pdbx_struct_special_symmetry.label_asym_id 
_pdbx_struct_special_symmetry.label_comp_id 
_pdbx_struct_special_symmetry.label_seq_id 
1 1 A HOH 591 ? C HOH . 
2 1 A HOH 627 ? C HOH . 
# 
loop_
_pdbx_audit_revision_history.ordinal 
_pdbx_audit_revision_history.data_content_type 
_pdbx_audit_revision_history.major_revision 
_pdbx_audit_revision_history.minor_revision 
_pdbx_audit_revision_history.revision_date 
1 'Structure model' 1 0 2015-11-04 
2 'Structure model' 1 1 2015-12-02 
3 'Structure model' 1 2 2023-11-08 
# 
_pdbx_audit_revision_details.ordinal             1 
_pdbx_audit_revision_details.revision_ordinal    1 
_pdbx_audit_revision_details.data_content_type   'Structure model' 
_pdbx_audit_revision_details.provider            repository 
_pdbx_audit_revision_details.type                'Initial release' 
_pdbx_audit_revision_details.description         ? 
_pdbx_audit_revision_details.details             ? 
# 
loop_
_pdbx_audit_revision_group.ordinal 
_pdbx_audit_revision_group.revision_ordinal 
_pdbx_audit_revision_group.data_content_type 
_pdbx_audit_revision_group.group 
1 2 'Structure model' 'Database references'    
2 3 'Structure model' 'Data collection'        
3 3 'Structure model' 'Database references'    
4 3 'Structure model' 'Derived calculations'   
5 3 'Structure model' 'Refinement description' 
# 
loop_
_pdbx_audit_revision_category.ordinal 
_pdbx_audit_revision_category.revision_ordinal 
_pdbx_audit_revision_category.data_content_type 
_pdbx_audit_revision_category.category 
1 3 'Structure model' chem_comp_atom                
2 3 'Structure model' chem_comp_bond                
3 3 'Structure model' citation                      
4 3 'Structure model' database_2                    
5 3 'Structure model' pdbx_initial_refinement_model 
6 3 'Structure model' pdbx_struct_oper_list         
# 
loop_
_pdbx_audit_revision_item.ordinal 
_pdbx_audit_revision_item.revision_ordinal 
_pdbx_audit_revision_item.data_content_type 
_pdbx_audit_revision_item.item 
1 3 'Structure model' '_citation.journal_id_CSD'                  
2 3 'Structure model' '_database_2.pdbx_DOI'                      
3 3 'Structure model' '_database_2.pdbx_database_accession'       
4 3 'Structure model' '_pdbx_struct_oper_list.symmetry_operation' 
# 
loop_
_software.citation_id 
_software.classification 
_software.compiler_name 
_software.compiler_version 
_software.contact_author 
_software.contact_author_email 
_software.date 
_software.description 
_software.dependencies 
_software.hardware 
_software.language 
_software.location 
_software.mods 
_software.name 
_software.os 
_software.os_version 
_software.type 
_software.version 
_software.pdbx_ordinal 
? refinement        ? ? ? ? ? ? ? ? ? ? ? REFMAC   ? ? ? 5.7.0032 1 
? 'model building'  ? ? ? ? ? ? ? ? ? ? ? Coot     ? ? ? .        2 
? 'data processing' ? ? ? ? ? ? ? ? ? ? ? HKL-2000 ? ? ? .        3 
# 
loop_
_pdbx_validate_torsion.id 
_pdbx_validate_torsion.PDB_model_num 
_pdbx_validate_torsion.auth_comp_id 
_pdbx_validate_torsion.auth_asym_id 
_pdbx_validate_torsion.auth_seq_id 
_pdbx_validate_torsion.PDB_ins_code 
_pdbx_validate_torsion.label_alt_id 
_pdbx_validate_torsion.phi 
_pdbx_validate_torsion.psi 
1 1 GLN A 57  ? ? -140.15 12.08 
2 1 PRO A 74  ? ? -79.93  45.52 
3 1 SER A 122 ? ? 74.77   -0.83 
# 
loop_
_pdbx_unobs_or_zero_occ_atoms.id 
_pdbx_unobs_or_zero_occ_atoms.PDB_model_num 
_pdbx_unobs_or_zero_occ_atoms.polymer_flag 
_pdbx_unobs_or_zero_occ_atoms.occupancy_flag 
_pdbx_unobs_or_zero_occ_atoms.auth_asym_id 
_pdbx_unobs_or_zero_occ_atoms.auth_comp_id 
_pdbx_unobs_or_zero_occ_atoms.auth_seq_id 
_pdbx_unobs_or_zero_occ_atoms.PDB_ins_code 
_pdbx_unobs_or_zero_occ_atoms.auth_atom_id 
_pdbx_unobs_or_zero_occ_atoms.label_alt_id 
_pdbx_unobs_or_zero_occ_atoms.label_asym_id 
_pdbx_unobs_or_zero_occ_atoms.label_comp_id 
_pdbx_unobs_or_zero_occ_atoms.label_seq_id 
_pdbx_unobs_or_zero_occ_atoms.label_atom_id 
1  1 Y 1 A LYS 52  ? CG  ? A LYS 58  CG  
2  1 Y 1 A LYS 52  ? CD  ? A LYS 58  CD  
3  1 Y 1 A LYS 52  ? CE  ? A LYS 58  CE  
4  1 Y 1 A LYS 52  ? NZ  ? A LYS 58  NZ  
5  1 Y 1 A LYS 139 ? CG  ? A LYS 145 CG  
6  1 Y 1 A LYS 139 ? CD  ? A LYS 145 CD  
7  1 Y 1 A LYS 139 ? CE  ? A LYS 145 CE  
8  1 Y 1 A LYS 139 ? NZ  ? A LYS 145 NZ  
9  1 Y 1 A ARG 147 ? CG  ? A ARG 153 CG  
10 1 Y 1 A ARG 147 ? CD  ? A ARG 153 CD  
11 1 Y 1 A ARG 147 ? NE  ? A ARG 153 NE  
12 1 Y 1 A ARG 147 ? CZ  ? A ARG 153 CZ  
13 1 Y 1 A ARG 147 ? NH1 ? A ARG 153 NH1 
14 1 Y 1 A ARG 147 ? NH2 ? A ARG 153 NH2 
15 1 Y 1 A GLU 161 ? CG  ? A GLU 167 CG  
16 1 Y 1 A GLU 161 ? CD  ? A GLU 167 CD  
17 1 Y 1 A GLU 161 ? OE1 ? A GLU 167 OE1 
18 1 Y 1 A GLU 161 ? OE2 ? A GLU 167 OE2 
19 1 Y 1 A GLU 162 ? CG  ? A GLU 168 CG  
20 1 Y 1 A GLU 162 ? CD  ? A GLU 168 CD  
21 1 Y 1 A GLU 162 ? OE1 ? A GLU 168 OE1 
22 1 Y 1 A GLU 162 ? OE2 ? A GLU 168 OE2 
23 1 Y 1 A ARG 169 ? CG  ? A ARG 175 CG  
24 1 Y 1 A ARG 169 ? CD  ? A ARG 175 CD  
25 1 Y 1 A ARG 169 ? NE  ? A ARG 175 NE  
26 1 Y 1 A ARG 169 ? CZ  ? A ARG 175 CZ  
27 1 Y 1 A ARG 169 ? NH1 ? A ARG 175 NH1 
28 1 Y 1 A ARG 169 ? NH2 ? A ARG 175 NH2 
# 
loop_
_pdbx_unobs_or_zero_occ_residues.id 
_pdbx_unobs_or_zero_occ_residues.PDB_model_num 
_pdbx_unobs_or_zero_occ_residues.polymer_flag 
_pdbx_unobs_or_zero_occ_residues.occupancy_flag 
_pdbx_unobs_or_zero_occ_residues.auth_asym_id 
_pdbx_unobs_or_zero_occ_residues.auth_comp_id 
_pdbx_unobs_or_zero_occ_residues.auth_seq_id 
_pdbx_unobs_or_zero_occ_residues.PDB_ins_code 
_pdbx_unobs_or_zero_occ_residues.label_asym_id 
_pdbx_unobs_or_zero_occ_residues.label_comp_id 
_pdbx_unobs_or_zero_occ_residues.label_seq_id 
1  1 Y 1 A HIS -5  ? A HIS 1   
2  1 Y 1 A HIS -4  ? A HIS 2   
3  1 Y 1 A HIS -3  ? A HIS 3   
4  1 Y 1 A HIS -2  ? A HIS 4   
5  1 Y 1 A HIS -1  ? A HIS 5   
6  1 Y 1 A HIS 0   ? A HIS 6   
7  1 Y 1 A MET 1   ? A MET 7   
8  1 Y 1 A LYS 2   ? A LYS 8   
9  1 Y 1 A GLN 174 ? A GLN 180 
10 1 Y 1 A GLY 175 ? A GLY 181 
11 1 Y 1 A ASP 176 ? A ASP 182 
12 1 Y 1 A GLU 177 ? A GLU 183 
# 
loop_
_chem_comp_atom.comp_id 
_chem_comp_atom.atom_id 
_chem_comp_atom.type_symbol 
_chem_comp_atom.pdbx_aromatic_flag 
_chem_comp_atom.pdbx_stereo_config 
_chem_comp_atom.pdbx_ordinal 
ALA N      N N N 1   
ALA CA     C N S 2   
ALA C      C N N 3   
ALA O      O N N 4   
ALA CB     C N N 5   
ALA OXT    O N N 6   
ALA H      H N N 7   
ALA H2     H N N 8   
ALA HA     H N N 9   
ALA HB1    H N N 10  
ALA HB2    H N N 11  
ALA HB3    H N N 12  
ALA HXT    H N N 13  
APR N1     N Y N 14  
APR C2     C Y N 15  
APR N3     N Y N 16  
APR C4     C Y N 17  
APR C5     C Y N 18  
APR C6     C Y N 19  
APR N6     N N N 20  
APR N7     N Y N 21  
APR C8     C Y N 22  
APR N9     N Y N 23  
APR "C1'"  C N R 24  
APR "C2'"  C N R 25  
APR "O2'"  O N N 26  
APR "C3'"  C N S 27  
APR "O3'"  O N N 28  
APR "O4'"  O N N 29  
APR "C4'"  C N R 30  
APR "C5'"  C N N 31  
APR "O5'"  O N N 32  
APR PA     P N S 33  
APR O1A    O N N 34  
APR O2A    O N N 35  
APR O3A    O N N 36  
APR PB     P N R 37  
APR O1B    O N N 38  
APR O2B    O N N 39  
APR O5D    O N N 40  
APR C5D    C N N 41  
APR O4D    O N N 42  
APR O1D    O N N 43  
APR C1D    C N R 44  
APR O2D    O N N 45  
APR C2D    C N R 46  
APR O3D    O N N 47  
APR C3D    C N S 48  
APR C4D    C N R 49  
APR H2     H N N 50  
APR H61    H N N 51  
APR H62    H N N 52  
APR H8     H N N 53  
APR "H'1"  H N N 54  
APR "H'2"  H N N 55  
APR "HO'2" H N N 56  
APR "H'3"  H N N 57  
APR "HO'3" H N N 58  
APR "H'4"  H N N 59  
APR "H5'1" H N N 60  
APR "H5'2" H N N 61  
APR HOA2   H N N 62  
APR HOB2   H N N 63  
APR H5R1   H N N 64  
APR H5R2   H N N 65  
APR HOR1   H N N 66  
APR "HR'1" H N N 67  
APR HOR2   H N N 68  
APR "HR'2" H N N 69  
APR HOR3   H N N 70  
APR "HR'3" H N N 71  
APR "HR'4" H N N 72  
ARG N      N N N 73  
ARG CA     C N S 74  
ARG C      C N N 75  
ARG O      O N N 76  
ARG CB     C N N 77  
ARG CG     C N N 78  
ARG CD     C N N 79  
ARG NE     N N N 80  
ARG CZ     C N N 81  
ARG NH1    N N N 82  
ARG NH2    N N N 83  
ARG OXT    O N N 84  
ARG H      H N N 85  
ARG H2     H N N 86  
ARG HA     H N N 87  
ARG HB2    H N N 88  
ARG HB3    H N N 89  
ARG HG2    H N N 90  
ARG HG3    H N N 91  
ARG HD2    H N N 92  
ARG HD3    H N N 93  
ARG HE     H N N 94  
ARG HH11   H N N 95  
ARG HH12   H N N 96  
ARG HH21   H N N 97  
ARG HH22   H N N 98  
ARG HXT    H N N 99  
ASN N      N N N 100 
ASN CA     C N S 101 
ASN C      C N N 102 
ASN O      O N N 103 
ASN CB     C N N 104 
ASN CG     C N N 105 
ASN OD1    O N N 106 
ASN ND2    N N N 107 
ASN OXT    O N N 108 
ASN H      H N N 109 
ASN H2     H N N 110 
ASN HA     H N N 111 
ASN HB2    H N N 112 
ASN HB3    H N N 113 
ASN HD21   H N N 114 
ASN HD22   H N N 115 
ASN HXT    H N N 116 
ASP N      N N N 117 
ASP CA     C N S 118 
ASP C      C N N 119 
ASP O      O N N 120 
ASP CB     C N N 121 
ASP CG     C N N 122 
ASP OD1    O N N 123 
ASP OD2    O N N 124 
ASP OXT    O N N 125 
ASP H      H N N 126 
ASP H2     H N N 127 
ASP HA     H N N 128 
ASP HB2    H N N 129 
ASP HB3    H N N 130 
ASP HD2    H N N 131 
ASP HXT    H N N 132 
CYS N      N N N 133 
CYS CA     C N R 134 
CYS C      C N N 135 
CYS O      O N N 136 
CYS CB     C N N 137 
CYS SG     S N N 138 
CYS OXT    O N N 139 
CYS H      H N N 140 
CYS H2     H N N 141 
CYS HA     H N N 142 
CYS HB2    H N N 143 
CYS HB3    H N N 144 
CYS HG     H N N 145 
CYS HXT    H N N 146 
GLN N      N N N 147 
GLN CA     C N S 148 
GLN C      C N N 149 
GLN O      O N N 150 
GLN CB     C N N 151 
GLN CG     C N N 152 
GLN CD     C N N 153 
GLN OE1    O N N 154 
GLN NE2    N N N 155 
GLN OXT    O N N 156 
GLN H      H N N 157 
GLN H2     H N N 158 
GLN HA     H N N 159 
GLN HB2    H N N 160 
GLN HB3    H N N 161 
GLN HG2    H N N 162 
GLN HG3    H N N 163 
GLN HE21   H N N 164 
GLN HE22   H N N 165 
GLN HXT    H N N 166 
GLU N      N N N 167 
GLU CA     C N S 168 
GLU C      C N N 169 
GLU O      O N N 170 
GLU CB     C N N 171 
GLU CG     C N N 172 
GLU CD     C N N 173 
GLU OE1    O N N 174 
GLU OE2    O N N 175 
GLU OXT    O N N 176 
GLU H      H N N 177 
GLU H2     H N N 178 
GLU HA     H N N 179 
GLU HB2    H N N 180 
GLU HB3    H N N 181 
GLU HG2    H N N 182 
GLU HG3    H N N 183 
GLU HE2    H N N 184 
GLU HXT    H N N 185 
GLY N      N N N 186 
GLY CA     C N N 187 
GLY C      C N N 188 
GLY O      O N N 189 
GLY OXT    O N N 190 
GLY H      H N N 191 
GLY H2     H N N 192 
GLY HA2    H N N 193 
GLY HA3    H N N 194 
GLY HXT    H N N 195 
HIS N      N N N 196 
HIS CA     C N S 197 
HIS C      C N N 198 
HIS O      O N N 199 
HIS CB     C N N 200 
HIS CG     C Y N 201 
HIS ND1    N Y N 202 
HIS CD2    C Y N 203 
HIS CE1    C Y N 204 
HIS NE2    N Y N 205 
HIS OXT    O N N 206 
HIS H      H N N 207 
HIS H2     H N N 208 
HIS HA     H N N 209 
HIS HB2    H N N 210 
HIS HB3    H N N 211 
HIS HD1    H N N 212 
HIS HD2    H N N 213 
HIS HE1    H N N 214 
HIS HE2    H N N 215 
HIS HXT    H N N 216 
HOH O      O N N 217 
HOH H1     H N N 218 
HOH H2     H N N 219 
ILE N      N N N 220 
ILE CA     C N S 221 
ILE C      C N N 222 
ILE O      O N N 223 
ILE CB     C N S 224 
ILE CG1    C N N 225 
ILE CG2    C N N 226 
ILE CD1    C N N 227 
ILE OXT    O N N 228 
ILE H      H N N 229 
ILE H2     H N N 230 
ILE HA     H N N 231 
ILE HB     H N N 232 
ILE HG12   H N N 233 
ILE HG13   H N N 234 
ILE HG21   H N N 235 
ILE HG22   H N N 236 
ILE HG23   H N N 237 
ILE HD11   H N N 238 
ILE HD12   H N N 239 
ILE HD13   H N N 240 
ILE HXT    H N N 241 
LEU N      N N N 242 
LEU CA     C N S 243 
LEU C      C N N 244 
LEU O      O N N 245 
LEU CB     C N N 246 
LEU CG     C N N 247 
LEU CD1    C N N 248 
LEU CD2    C N N 249 
LEU OXT    O N N 250 
LEU H      H N N 251 
LEU H2     H N N 252 
LEU HA     H N N 253 
LEU HB2    H N N 254 
LEU HB3    H N N 255 
LEU HG     H N N 256 
LEU HD11   H N N 257 
LEU HD12   H N N 258 
LEU HD13   H N N 259 
LEU HD21   H N N 260 
LEU HD22   H N N 261 
LEU HD23   H N N 262 
LEU HXT    H N N 263 
LYS N      N N N 264 
LYS CA     C N S 265 
LYS C      C N N 266 
LYS O      O N N 267 
LYS CB     C N N 268 
LYS CG     C N N 269 
LYS CD     C N N 270 
LYS CE     C N N 271 
LYS NZ     N N N 272 
LYS OXT    O N N 273 
LYS H      H N N 274 
LYS H2     H N N 275 
LYS HA     H N N 276 
LYS HB2    H N N 277 
LYS HB3    H N N 278 
LYS HG2    H N N 279 
LYS HG3    H N N 280 
LYS HD2    H N N 281 
LYS HD3    H N N 282 
LYS HE2    H N N 283 
LYS HE3    H N N 284 
LYS HZ1    H N N 285 
LYS HZ2    H N N 286 
LYS HZ3    H N N 287 
LYS HXT    H N N 288 
MET N      N N N 289 
MET CA     C N S 290 
MET C      C N N 291 
MET O      O N N 292 
MET CB     C N N 293 
MET CG     C N N 294 
MET SD     S N N 295 
MET CE     C N N 296 
MET OXT    O N N 297 
MET H      H N N 298 
MET H2     H N N 299 
MET HA     H N N 300 
MET HB2    H N N 301 
MET HB3    H N N 302 
MET HG2    H N N 303 
MET HG3    H N N 304 
MET HE1    H N N 305 
MET HE2    H N N 306 
MET HE3    H N N 307 
MET HXT    H N N 308 
PHE N      N N N 309 
PHE CA     C N S 310 
PHE C      C N N 311 
PHE O      O N N 312 
PHE CB     C N N 313 
PHE CG     C Y N 314 
PHE CD1    C Y N 315 
PHE CD2    C Y N 316 
PHE CE1    C Y N 317 
PHE CE2    C Y N 318 
PHE CZ     C Y N 319 
PHE OXT    O N N 320 
PHE H      H N N 321 
PHE H2     H N N 322 
PHE HA     H N N 323 
PHE HB2    H N N 324 
PHE HB3    H N N 325 
PHE HD1    H N N 326 
PHE HD2    H N N 327 
PHE HE1    H N N 328 
PHE HE2    H N N 329 
PHE HZ     H N N 330 
PHE HXT    H N N 331 
PRO N      N N N 332 
PRO CA     C N S 333 
PRO C      C N N 334 
PRO O      O N N 335 
PRO CB     C N N 336 
PRO CG     C N N 337 
PRO CD     C N N 338 
PRO OXT    O N N 339 
PRO H      H N N 340 
PRO HA     H N N 341 
PRO HB2    H N N 342 
PRO HB3    H N N 343 
PRO HG2    H N N 344 
PRO HG3    H N N 345 
PRO HD2    H N N 346 
PRO HD3    H N N 347 
PRO HXT    H N N 348 
SER N      N N N 349 
SER CA     C N S 350 
SER C      C N N 351 
SER O      O N N 352 
SER CB     C N N 353 
SER OG     O N N 354 
SER OXT    O N N 355 
SER H      H N N 356 
SER H2     H N N 357 
SER HA     H N N 358 
SER HB2    H N N 359 
SER HB3    H N N 360 
SER HG     H N N 361 
SER HXT    H N N 362 
THR N      N N N 363 
THR CA     C N S 364 
THR C      C N N 365 
THR O      O N N 366 
THR CB     C N R 367 
THR OG1    O N N 368 
THR CG2    C N N 369 
THR OXT    O N N 370 
THR H      H N N 371 
THR H2     H N N 372 
THR HA     H N N 373 
THR HB     H N N 374 
THR HG1    H N N 375 
THR HG21   H N N 376 
THR HG22   H N N 377 
THR HG23   H N N 378 
THR HXT    H N N 379 
TRP N      N N N 380 
TRP CA     C N S 381 
TRP C      C N N 382 
TRP O      O N N 383 
TRP CB     C N N 384 
TRP CG     C Y N 385 
TRP CD1    C Y N 386 
TRP CD2    C Y N 387 
TRP NE1    N Y N 388 
TRP CE2    C Y N 389 
TRP CE3    C Y N 390 
TRP CZ2    C Y N 391 
TRP CZ3    C Y N 392 
TRP CH2    C Y N 393 
TRP OXT    O N N 394 
TRP H      H N N 395 
TRP H2     H N N 396 
TRP HA     H N N 397 
TRP HB2    H N N 398 
TRP HB3    H N N 399 
TRP HD1    H N N 400 
TRP HE1    H N N 401 
TRP HE3    H N N 402 
TRP HZ2    H N N 403 
TRP HZ3    H N N 404 
TRP HH2    H N N 405 
TRP HXT    H N N 406 
TYR N      N N N 407 
TYR CA     C N S 408 
TYR C      C N N 409 
TYR O      O N N 410 
TYR CB     C N N 411 
TYR CG     C Y N 412 
TYR CD1    C Y N 413 
TYR CD2    C Y N 414 
TYR CE1    C Y N 415 
TYR CE2    C Y N 416 
TYR CZ     C Y N 417 
TYR OH     O N N 418 
TYR OXT    O N N 419 
TYR H      H N N 420 
TYR H2     H N N 421 
TYR HA     H N N 422 
TYR HB2    H N N 423 
TYR HB3    H N N 424 
TYR HD1    H N N 425 
TYR HD2    H N N 426 
TYR HE1    H N N 427 
TYR HE2    H N N 428 
TYR HH     H N N 429 
TYR HXT    H N N 430 
VAL N      N N N 431 
VAL CA     C N S 432 
VAL C      C N N 433 
VAL O      O N N 434 
VAL CB     C N N 435 
VAL CG1    C N N 436 
VAL CG2    C N N 437 
VAL OXT    O N N 438 
VAL H      H N N 439 
VAL H2     H N N 440 
VAL HA     H N N 441 
VAL HB     H N N 442 
VAL HG11   H N N 443 
VAL HG12   H N N 444 
VAL HG13   H N N 445 
VAL HG21   H N N 446 
VAL HG22   H N N 447 
VAL HG23   H N N 448 
VAL HXT    H N N 449 
# 
loop_
_chem_comp_bond.comp_id 
_chem_comp_bond.atom_id_1 
_chem_comp_bond.atom_id_2 
_chem_comp_bond.value_order 
_chem_comp_bond.pdbx_aromatic_flag 
_chem_comp_bond.pdbx_stereo_config 
_chem_comp_bond.pdbx_ordinal 
ALA N     CA     sing N N 1   
ALA N     H      sing N N 2   
ALA N     H2     sing N N 3   
ALA CA    C      sing N N 4   
ALA CA    CB     sing N N 5   
ALA CA    HA     sing N N 6   
ALA C     O      doub N N 7   
ALA C     OXT    sing N N 8   
ALA CB    HB1    sing N N 9   
ALA CB    HB2    sing N N 10  
ALA CB    HB3    sing N N 11  
ALA OXT   HXT    sing N N 12  
APR N1    C2     sing Y N 13  
APR N1    C6     doub Y N 14  
APR C2    N3     doub Y N 15  
APR C2    H2     sing N N 16  
APR N3    C4     sing Y N 17  
APR C4    C5     doub Y N 18  
APR C4    N9     sing Y N 19  
APR C5    C6     sing Y N 20  
APR C5    N7     sing Y N 21  
APR C6    N6     sing N N 22  
APR N6    H61    sing N N 23  
APR N6    H62    sing N N 24  
APR N7    C8     doub Y N 25  
APR C8    N9     sing Y N 26  
APR C8    H8     sing N N 27  
APR N9    "C1'"  sing N N 28  
APR "C1'" "C2'"  sing N N 29  
APR "C1'" "O4'"  sing N N 30  
APR "C1'" "H'1"  sing N N 31  
APR "C2'" "O2'"  sing N N 32  
APR "C2'" "C3'"  sing N N 33  
APR "C2'" "H'2"  sing N N 34  
APR "O2'" "HO'2" sing N N 35  
APR "C3'" "O3'"  sing N N 36  
APR "C3'" "C4'"  sing N N 37  
APR "C3'" "H'3"  sing N N 38  
APR "O3'" "HO'3" sing N N 39  
APR "O4'" "C4'"  sing N N 40  
APR "C4'" "C5'"  sing N N 41  
APR "C4'" "H'4"  sing N N 42  
APR "C5'" "O5'"  sing N N 43  
APR "C5'" "H5'1" sing N N 44  
APR "C5'" "H5'2" sing N N 45  
APR "O5'" PA     sing N N 46  
APR PA    O1A    doub N N 47  
APR PA    O2A    sing N N 48  
APR PA    O3A    sing N N 49  
APR O2A   HOA2   sing N N 50  
APR O3A   PB     sing N N 51  
APR PB    O1B    doub N N 52  
APR PB    O2B    sing N N 53  
APR PB    O5D    sing N N 54  
APR O2B   HOB2   sing N N 55  
APR O5D   C5D    sing N N 56  
APR C5D   C4D    sing N N 57  
APR C5D   H5R1   sing N N 58  
APR C5D   H5R2   sing N N 59  
APR O4D   C1D    sing N N 60  
APR O4D   C4D    sing N N 61  
APR O1D   C1D    sing N N 62  
APR O1D   HOR1   sing N N 63  
APR C1D   C2D    sing N N 64  
APR C1D   "HR'1" sing N N 65  
APR O2D   C2D    sing N N 66  
APR O2D   HOR2   sing N N 67  
APR C2D   C3D    sing N N 68  
APR C2D   "HR'2" sing N N 69  
APR O3D   C3D    sing N N 70  
APR O3D   HOR3   sing N N 71  
APR C3D   C4D    sing N N 72  
APR C3D   "HR'3" sing N N 73  
APR C4D   "HR'4" sing N N 74  
ARG N     CA     sing N N 75  
ARG N     H      sing N N 76  
ARG N     H2     sing N N 77  
ARG CA    C      sing N N 78  
ARG CA    CB     sing N N 79  
ARG CA    HA     sing N N 80  
ARG C     O      doub N N 81  
ARG C     OXT    sing N N 82  
ARG CB    CG     sing N N 83  
ARG CB    HB2    sing N N 84  
ARG CB    HB3    sing N N 85  
ARG CG    CD     sing N N 86  
ARG CG    HG2    sing N N 87  
ARG CG    HG3    sing N N 88  
ARG CD    NE     sing N N 89  
ARG CD    HD2    sing N N 90  
ARG CD    HD3    sing N N 91  
ARG NE    CZ     sing N N 92  
ARG NE    HE     sing N N 93  
ARG CZ    NH1    sing N N 94  
ARG CZ    NH2    doub N N 95  
ARG NH1   HH11   sing N N 96  
ARG NH1   HH12   sing N N 97  
ARG NH2   HH21   sing N N 98  
ARG NH2   HH22   sing N N 99  
ARG OXT   HXT    sing N N 100 
ASN N     CA     sing N N 101 
ASN N     H      sing N N 102 
ASN N     H2     sing N N 103 
ASN CA    C      sing N N 104 
ASN CA    CB     sing N N 105 
ASN CA    HA     sing N N 106 
ASN C     O      doub N N 107 
ASN C     OXT    sing N N 108 
ASN CB    CG     sing N N 109 
ASN CB    HB2    sing N N 110 
ASN CB    HB3    sing N N 111 
ASN CG    OD1    doub N N 112 
ASN CG    ND2    sing N N 113 
ASN ND2   HD21   sing N N 114 
ASN ND2   HD22   sing N N 115 
ASN OXT   HXT    sing N N 116 
ASP N     CA     sing N N 117 
ASP N     H      sing N N 118 
ASP N     H2     sing N N 119 
ASP CA    C      sing N N 120 
ASP CA    CB     sing N N 121 
ASP CA    HA     sing N N 122 
ASP C     O      doub N N 123 
ASP C     OXT    sing N N 124 
ASP CB    CG     sing N N 125 
ASP CB    HB2    sing N N 126 
ASP CB    HB3    sing N N 127 
ASP CG    OD1    doub N N 128 
ASP CG    OD2    sing N N 129 
ASP OD2   HD2    sing N N 130 
ASP OXT   HXT    sing N N 131 
CYS N     CA     sing N N 132 
CYS N     H      sing N N 133 
CYS N     H2     sing N N 134 
CYS CA    C      sing N N 135 
CYS CA    CB     sing N N 136 
CYS CA    HA     sing N N 137 
CYS C     O      doub N N 138 
CYS C     OXT    sing N N 139 
CYS CB    SG     sing N N 140 
CYS CB    HB2    sing N N 141 
CYS CB    HB3    sing N N 142 
CYS SG    HG     sing N N 143 
CYS OXT   HXT    sing N N 144 
GLN N     CA     sing N N 145 
GLN N     H      sing N N 146 
GLN N     H2     sing N N 147 
GLN CA    C      sing N N 148 
GLN CA    CB     sing N N 149 
GLN CA    HA     sing N N 150 
GLN C     O      doub N N 151 
GLN C     OXT    sing N N 152 
GLN CB    CG     sing N N 153 
GLN CB    HB2    sing N N 154 
GLN CB    HB3    sing N N 155 
GLN CG    CD     sing N N 156 
GLN CG    HG2    sing N N 157 
GLN CG    HG3    sing N N 158 
GLN CD    OE1    doub N N 159 
GLN CD    NE2    sing N N 160 
GLN NE2   HE21   sing N N 161 
GLN NE2   HE22   sing N N 162 
GLN OXT   HXT    sing N N 163 
GLU N     CA     sing N N 164 
GLU N     H      sing N N 165 
GLU N     H2     sing N N 166 
GLU CA    C      sing N N 167 
GLU CA    CB     sing N N 168 
GLU CA    HA     sing N N 169 
GLU C     O      doub N N 170 
GLU C     OXT    sing N N 171 
GLU CB    CG     sing N N 172 
GLU CB    HB2    sing N N 173 
GLU CB    HB3    sing N N 174 
GLU CG    CD     sing N N 175 
GLU CG    HG2    sing N N 176 
GLU CG    HG3    sing N N 177 
GLU CD    OE1    doub N N 178 
GLU CD    OE2    sing N N 179 
GLU OE2   HE2    sing N N 180 
GLU OXT   HXT    sing N N 181 
GLY N     CA     sing N N 182 
GLY N     H      sing N N 183 
GLY N     H2     sing N N 184 
GLY CA    C      sing N N 185 
GLY CA    HA2    sing N N 186 
GLY CA    HA3    sing N N 187 
GLY C     O      doub N N 188 
GLY C     OXT    sing N N 189 
GLY OXT   HXT    sing N N 190 
HIS N     CA     sing N N 191 
HIS N     H      sing N N 192 
HIS N     H2     sing N N 193 
HIS CA    C      sing N N 194 
HIS CA    CB     sing N N 195 
HIS CA    HA     sing N N 196 
HIS C     O      doub N N 197 
HIS C     OXT    sing N N 198 
HIS CB    CG     sing N N 199 
HIS CB    HB2    sing N N 200 
HIS CB    HB3    sing N N 201 
HIS CG    ND1    sing Y N 202 
HIS CG    CD2    doub Y N 203 
HIS ND1   CE1    doub Y N 204 
HIS ND1   HD1    sing N N 205 
HIS CD2   NE2    sing Y N 206 
HIS CD2   HD2    sing N N 207 
HIS CE1   NE2    sing Y N 208 
HIS CE1   HE1    sing N N 209 
HIS NE2   HE2    sing N N 210 
HIS OXT   HXT    sing N N 211 
HOH O     H1     sing N N 212 
HOH O     H2     sing N N 213 
ILE N     CA     sing N N 214 
ILE N     H      sing N N 215 
ILE N     H2     sing N N 216 
ILE CA    C      sing N N 217 
ILE CA    CB     sing N N 218 
ILE CA    HA     sing N N 219 
ILE C     O      doub N N 220 
ILE C     OXT    sing N N 221 
ILE CB    CG1    sing N N 222 
ILE CB    CG2    sing N N 223 
ILE CB    HB     sing N N 224 
ILE CG1   CD1    sing N N 225 
ILE CG1   HG12   sing N N 226 
ILE CG1   HG13   sing N N 227 
ILE CG2   HG21   sing N N 228 
ILE CG2   HG22   sing N N 229 
ILE CG2   HG23   sing N N 230 
ILE CD1   HD11   sing N N 231 
ILE CD1   HD12   sing N N 232 
ILE CD1   HD13   sing N N 233 
ILE OXT   HXT    sing N N 234 
LEU N     CA     sing N N 235 
LEU N     H      sing N N 236 
LEU N     H2     sing N N 237 
LEU CA    C      sing N N 238 
LEU CA    CB     sing N N 239 
LEU CA    HA     sing N N 240 
LEU C     O      doub N N 241 
LEU C     OXT    sing N N 242 
LEU CB    CG     sing N N 243 
LEU CB    HB2    sing N N 244 
LEU CB    HB3    sing N N 245 
LEU CG    CD1    sing N N 246 
LEU CG    CD2    sing N N 247 
LEU CG    HG     sing N N 248 
LEU CD1   HD11   sing N N 249 
LEU CD1   HD12   sing N N 250 
LEU CD1   HD13   sing N N 251 
LEU CD2   HD21   sing N N 252 
LEU CD2   HD22   sing N N 253 
LEU CD2   HD23   sing N N 254 
LEU OXT   HXT    sing N N 255 
LYS N     CA     sing N N 256 
LYS N     H      sing N N 257 
LYS N     H2     sing N N 258 
LYS CA    C      sing N N 259 
LYS CA    CB     sing N N 260 
LYS CA    HA     sing N N 261 
LYS C     O      doub N N 262 
LYS C     OXT    sing N N 263 
LYS CB    CG     sing N N 264 
LYS CB    HB2    sing N N 265 
LYS CB    HB3    sing N N 266 
LYS CG    CD     sing N N 267 
LYS CG    HG2    sing N N 268 
LYS CG    HG3    sing N N 269 
LYS CD    CE     sing N N 270 
LYS CD    HD2    sing N N 271 
LYS CD    HD3    sing N N 272 
LYS CE    NZ     sing N N 273 
LYS CE    HE2    sing N N 274 
LYS CE    HE3    sing N N 275 
LYS NZ    HZ1    sing N N 276 
LYS NZ    HZ2    sing N N 277 
LYS NZ    HZ3    sing N N 278 
LYS OXT   HXT    sing N N 279 
MET N     CA     sing N N 280 
MET N     H      sing N N 281 
MET N     H2     sing N N 282 
MET CA    C      sing N N 283 
MET CA    CB     sing N N 284 
MET CA    HA     sing N N 285 
MET C     O      doub N N 286 
MET C     OXT    sing N N 287 
MET CB    CG     sing N N 288 
MET CB    HB2    sing N N 289 
MET CB    HB3    sing N N 290 
MET CG    SD     sing N N 291 
MET CG    HG2    sing N N 292 
MET CG    HG3    sing N N 293 
MET SD    CE     sing N N 294 
MET CE    HE1    sing N N 295 
MET CE    HE2    sing N N 296 
MET CE    HE3    sing N N 297 
MET OXT   HXT    sing N N 298 
PHE N     CA     sing N N 299 
PHE N     H      sing N N 300 
PHE N     H2     sing N N 301 
PHE CA    C      sing N N 302 
PHE CA    CB     sing N N 303 
PHE CA    HA     sing N N 304 
PHE C     O      doub N N 305 
PHE C     OXT    sing N N 306 
PHE CB    CG     sing N N 307 
PHE CB    HB2    sing N N 308 
PHE CB    HB3    sing N N 309 
PHE CG    CD1    doub Y N 310 
PHE CG    CD2    sing Y N 311 
PHE CD1   CE1    sing Y N 312 
PHE CD1   HD1    sing N N 313 
PHE CD2   CE2    doub Y N 314 
PHE CD2   HD2    sing N N 315 
PHE CE1   CZ     doub Y N 316 
PHE CE1   HE1    sing N N 317 
PHE CE2   CZ     sing Y N 318 
PHE CE2   HE2    sing N N 319 
PHE CZ    HZ     sing N N 320 
PHE OXT   HXT    sing N N 321 
PRO N     CA     sing N N 322 
PRO N     CD     sing N N 323 
PRO N     H      sing N N 324 
PRO CA    C      sing N N 325 
PRO CA    CB     sing N N 326 
PRO CA    HA     sing N N 327 
PRO C     O      doub N N 328 
PRO C     OXT    sing N N 329 
PRO CB    CG     sing N N 330 
PRO CB    HB2    sing N N 331 
PRO CB    HB3    sing N N 332 
PRO CG    CD     sing N N 333 
PRO CG    HG2    sing N N 334 
PRO CG    HG3    sing N N 335 
PRO CD    HD2    sing N N 336 
PRO CD    HD3    sing N N 337 
PRO OXT   HXT    sing N N 338 
SER N     CA     sing N N 339 
SER N     H      sing N N 340 
SER N     H2     sing N N 341 
SER CA    C      sing N N 342 
SER CA    CB     sing N N 343 
SER CA    HA     sing N N 344 
SER C     O      doub N N 345 
SER C     OXT    sing N N 346 
SER CB    OG     sing N N 347 
SER CB    HB2    sing N N 348 
SER CB    HB3    sing N N 349 
SER OG    HG     sing N N 350 
SER OXT   HXT    sing N N 351 
THR N     CA     sing N N 352 
THR N     H      sing N N 353 
THR N     H2     sing N N 354 
THR CA    C      sing N N 355 
THR CA    CB     sing N N 356 
THR CA    HA     sing N N 357 
THR C     O      doub N N 358 
THR C     OXT    sing N N 359 
THR CB    OG1    sing N N 360 
THR CB    CG2    sing N N 361 
THR CB    HB     sing N N 362 
THR OG1   HG1    sing N N 363 
THR CG2   HG21   sing N N 364 
THR CG2   HG22   sing N N 365 
THR CG2   HG23   sing N N 366 
THR OXT   HXT    sing N N 367 
TRP N     CA     sing N N 368 
TRP N     H      sing N N 369 
TRP N     H2     sing N N 370 
TRP CA    C      sing N N 371 
TRP CA    CB     sing N N 372 
TRP CA    HA     sing N N 373 
TRP C     O      doub N N 374 
TRP C     OXT    sing N N 375 
TRP CB    CG     sing N N 376 
TRP CB    HB2    sing N N 377 
TRP CB    HB3    sing N N 378 
TRP CG    CD1    doub Y N 379 
TRP CG    CD2    sing Y N 380 
TRP CD1   NE1    sing Y N 381 
TRP CD1   HD1    sing N N 382 
TRP CD2   CE2    doub Y N 383 
TRP CD2   CE3    sing Y N 384 
TRP NE1   CE2    sing Y N 385 
TRP NE1   HE1    sing N N 386 
TRP CE2   CZ2    sing Y N 387 
TRP CE3   CZ3    doub Y N 388 
TRP CE3   HE3    sing N N 389 
TRP CZ2   CH2    doub Y N 390 
TRP CZ2   HZ2    sing N N 391 
TRP CZ3   CH2    sing Y N 392 
TRP CZ3   HZ3    sing N N 393 
TRP CH2   HH2    sing N N 394 
TRP OXT   HXT    sing N N 395 
TYR N     CA     sing N N 396 
TYR N     H      sing N N 397 
TYR N     H2     sing N N 398 
TYR CA    C      sing N N 399 
TYR CA    CB     sing N N 400 
TYR CA    HA     sing N N 401 
TYR C     O      doub N N 402 
TYR C     OXT    sing N N 403 
TYR CB    CG     sing N N 404 
TYR CB    HB2    sing N N 405 
TYR CB    HB3    sing N N 406 
TYR CG    CD1    doub Y N 407 
TYR CG    CD2    sing Y N 408 
TYR CD1   CE1    sing Y N 409 
TYR CD1   HD1    sing N N 410 
TYR CD2   CE2    doub Y N 411 
TYR CD2   HD2    sing N N 412 
TYR CE1   CZ     doub Y N 413 
TYR CE1   HE1    sing N N 414 
TYR CE2   CZ     sing Y N 415 
TYR CE2   HE2    sing N N 416 
TYR CZ    OH     sing N N 417 
TYR OH    HH     sing N N 418 
TYR OXT   HXT    sing N N 419 
VAL N     CA     sing N N 420 
VAL N     H      sing N N 421 
VAL N     H2     sing N N 422 
VAL CA    C      sing N N 423 
VAL CA    CB     sing N N 424 
VAL CA    HA     sing N N 425 
VAL C     O      doub N N 426 
VAL C     OXT    sing N N 427 
VAL CB    CG1    sing N N 428 
VAL CB    CG2    sing N N 429 
VAL CB    HB     sing N N 430 
VAL CG1   HG11   sing N N 431 
VAL CG1   HG12   sing N N 432 
VAL CG1   HG13   sing N N 433 
VAL CG2   HG21   sing N N 434 
VAL CG2   HG22   sing N N 435 
VAL CG2   HG23   sing N N 436 
VAL OXT   HXT    sing N N 437 
# 
loop_
_pdbx_entity_nonpoly.entity_id 
_pdbx_entity_nonpoly.name 
_pdbx_entity_nonpoly.comp_id 
2 ADENOSINE-5-DIPHOSPHORIBOSE APR 
3 water                       HOH 
# 
_pdbx_initial_refinement_model.id               1 
_pdbx_initial_refinement_model.entity_id_list   ? 
_pdbx_initial_refinement_model.type             'experimental model' 
_pdbx_initial_refinement_model.source_name      PDB 
_pdbx_initial_refinement_model.accession_code   1SPV 
_pdbx_initial_refinement_model.details          ? 
# 
